data_4BHU
#
_entry.id   4BHU
#
_cell.length_a   69.700
_cell.length_b   95.980
_cell.length_c   259.810
_cell.angle_alpha   90.00
_cell.angle_beta   90.00
_cell.angle_gamma   90.00
#
_symmetry.space_group_name_H-M   'P 21 21 21'
#
loop_
_entity.id
_entity.type
_entity.pdbx_description
1 polymer 'UNCHARACTERIZED PROTEIN YUAB'
2 polymer 'UNCHARACTERIZED PROTEIN YUAB'
3 non-polymer GLYCEROL
4 non-polymer 'CHLORIDE ION'
5 water water
#
loop_
_entity_poly.entity_id
_entity_poly.type
_entity_poly.pdbx_seq_one_letter_code
_entity_poly.pdbx_strand_id
1 'polypeptide(L)'
;GPLGSASLFATITGAS(MLY)TEWSFSDIELTYRPNTLLSLGV(MSE)EFTLPSGFTANTKDT(MSE)NGNALRTTQILN
NGKTVRVPLALDLLGAGEF(MLY)LKLNNKTLPAAGTYTFRAENKSLSIGN(MLY)FYAEASIDVAKRST
;
A,B,C,D,E,F,G,H,J
2 'polypeptide(L)'
;GPLGSASLFATITGAS(MLY)TEWSFSDIELTYRPDTLLSLGV(MSE)EFTLPSGFTANTKDT(MSE)NGNALRTTQILN
NGKTVRVPLALDLLGAGEF(MLY)LKLNNKTLPAAGTYTFRAENKSLSIGN(MLY)FYAEASIDVAKRST
;
I
#
loop_
_chem_comp.id
_chem_comp.type
_chem_comp.name
_chem_comp.formula
CL non-polymer 'CHLORIDE ION' 'Cl -1'
GOL non-polymer GLYCEROL 'C3 H8 O3'
#
# COMPACT_ATOMS: atom_id res chain seq x y z
N GLY A 1 5.73 -13.40 -0.19
CA GLY A 1 4.57 -12.54 0.16
C GLY A 1 3.41 -13.18 0.94
N PRO A 2 2.39 -12.38 1.27
CA PRO A 2 1.30 -12.79 2.17
C PRO A 2 0.19 -13.61 1.52
N LEU A 3 0.21 -13.75 0.20
CA LEU A 3 -0.81 -14.55 -0.46
C LEU A 3 -0.35 -15.99 -0.72
N GLY A 4 -1.31 -16.85 -1.12
CA GLY A 4 -1.00 -18.22 -1.45
C GLY A 4 -0.49 -18.42 -2.86
N SER A 5 -0.41 -19.69 -3.27
CA SER A 5 0.06 -20.07 -4.59
C SER A 5 -0.92 -19.67 -5.70
N ALA A 6 -0.37 -19.41 -6.89
CA ALA A 6 -1.17 -19.24 -8.07
C ALA A 6 -2.09 -20.46 -8.20
N SER A 7 -3.25 -20.27 -8.82
CA SER A 7 -4.14 -21.40 -9.10
C SER A 7 -4.57 -21.41 -10.55
N LEU A 8 -4.85 -22.62 -11.02
CA LEU A 8 -5.38 -22.82 -12.36
C LEU A 8 -6.49 -23.85 -12.28
N PHE A 9 -7.62 -23.54 -12.89
CA PHE A 9 -8.71 -24.47 -13.07
C PHE A 9 -8.84 -24.73 -14.57
N ALA A 10 -9.07 -25.97 -14.94
CA ALA A 10 -9.21 -26.33 -16.34
C ALA A 10 -10.42 -27.25 -16.46
N THR A 11 -11.38 -26.86 -17.29
N THR A 11 -11.34 -26.85 -17.34
CA THR A 11 -12.55 -27.70 -17.47
CA THR A 11 -12.61 -27.54 -17.49
C THR A 11 -13.11 -27.60 -18.89
C THR A 11 -13.05 -27.60 -18.95
N ILE A 12 -13.63 -28.73 -19.34
CA ILE A 12 -14.35 -28.81 -20.59
C ILE A 12 -15.75 -28.35 -20.33
N THR A 13 -16.09 -27.22 -20.94
CA THR A 13 -17.37 -26.57 -20.68
C THR A 13 -18.42 -26.89 -21.75
N GLY A 14 -17.99 -27.38 -22.91
CA GLY A 14 -18.96 -27.74 -23.93
C GLY A 14 -19.72 -28.99 -23.50
N ALA A 15 -20.80 -29.28 -24.22
CA ALA A 15 -21.66 -30.41 -23.89
C ALA A 15 -20.94 -31.74 -24.06
N SER A 16 -20.07 -31.86 -25.07
CA SER A 16 -19.29 -33.09 -25.28
C SER A 16 -17.92 -33.06 -24.63
N MLY A 17 -17.53 -34.20 -24.05
CA MLY A 17 -16.18 -34.44 -23.50
CB MLY A 17 -16.25 -34.81 -22.01
CG MLY A 17 -16.57 -33.71 -21.01
CD MLY A 17 -17.87 -32.97 -21.29
CE MLY A 17 -18.24 -32.04 -20.11
NZ MLY A 17 -19.50 -31.26 -20.37
CH1 MLY A 17 -19.54 -30.06 -19.51
CH2 MLY A 17 -20.64 -32.12 -19.98
C MLY A 17 -15.48 -35.56 -24.27
O MLY A 17 -14.42 -36.08 -23.86
HA MLY A 17 -15.65 -33.62 -23.58
HB2 MLY A 17 -16.98 -35.60 -21.89
HB3 MLY A 17 -15.38 -35.17 -21.76
HG2 MLY A 17 -16.62 -34.14 -20.01
HG3 MLY A 17 -15.85 -33.05 -21.03
HD2 MLY A 17 -17.75 -32.38 -22.20
HD3 MLY A 17 -18.58 -33.62 -21.42
HE2 MLY A 17 -18.37 -32.65 -19.21
HE3 MLY A 17 -17.52 -31.42 -19.97
HH11 MLY A 17 -20.62 -33.04 -20.58
HH12 MLY A 17 -20.55 -32.38 -18.93
HH13 MLY A 17 -21.57 -31.59 -20.16
HH21 MLY A 17 -19.41 -30.36 -18.47
HH22 MLY A 17 -18.74 -29.38 -19.79
HH23 MLY A 17 -20.50 -29.56 -19.63
N THR A 18 -16.07 -35.97 -25.40
CA THR A 18 -15.58 -37.15 -26.11
C THR A 18 -14.58 -36.82 -27.19
N GLU A 19 -13.54 -37.64 -27.27
CA GLU A 19 -12.50 -37.47 -28.28
C GLU A 19 -13.08 -37.25 -29.69
N TRP A 20 -12.40 -36.40 -30.46
CA TRP A 20 -12.75 -36.06 -31.84
C TRP A 20 -14.11 -35.39 -32.06
N SER A 21 -14.72 -34.88 -30.98
CA SER A 21 -15.95 -34.11 -31.11
C SER A 21 -15.65 -32.64 -30.79
N PHE A 22 -16.53 -31.73 -31.22
CA PHE A 22 -16.34 -30.32 -30.92
C PHE A 22 -16.73 -29.99 -29.49
N SER A 23 -15.95 -29.12 -28.87
CA SER A 23 -16.25 -28.67 -27.52
C SER A 23 -15.46 -27.39 -27.21
N ASP A 24 -15.62 -26.90 -25.99
CA ASP A 24 -14.95 -25.68 -25.52
C ASP A 24 -14.25 -26.03 -24.22
N ILE A 25 -13.11 -25.36 -23.98
CA ILE A 25 -12.31 -25.55 -22.80
C ILE A 25 -12.11 -24.18 -22.17
N GLU A 26 -12.31 -24.09 -20.85
CA GLU A 26 -12.06 -22.83 -20.14
C GLU A 26 -10.96 -23.03 -19.12
N LEU A 27 -9.99 -22.13 -19.15
CA LEU A 27 -8.81 -22.19 -18.28
C LEU A 27 -8.79 -20.91 -17.45
N THR A 28 -8.91 -21.04 -16.14
CA THR A 28 -9.04 -19.88 -15.28
C THR A 28 -7.81 -19.81 -14.40
N TYR A 29 -7.00 -18.78 -14.62
CA TYR A 29 -5.77 -18.62 -13.87
C TYR A 29 -5.88 -17.44 -12.91
N ARG A 30 -5.49 -17.67 -11.67
CA ARG A 30 -5.38 -16.62 -10.66
C ARG A 30 -3.95 -16.54 -10.15
N PRO A 31 -3.25 -15.45 -10.48
CA PRO A 31 -1.83 -15.37 -10.09
C PRO A 31 -1.62 -15.40 -8.58
N ASN A 32 -2.55 -14.81 -7.84
CA ASN A 32 -2.47 -14.70 -6.38
C ASN A 32 -1.15 -14.05 -5.95
N THR A 33 -0.86 -12.92 -6.57
CA THR A 33 0.36 -12.15 -6.25
C THR A 33 -0.01 -10.83 -5.57
N LEU A 34 0.90 -10.34 -4.74
CA LEU A 34 0.72 -9.04 -4.10
C LEU A 34 0.63 -7.94 -5.15
N LEU A 35 1.47 -8.09 -6.17
CA LEU A 35 1.53 -7.18 -7.32
C LEU A 35 2.20 -7.90 -8.49
N SER A 36 1.65 -7.71 -9.68
CA SER A 36 2.23 -8.20 -10.91
CA SER A 36 2.23 -8.20 -10.91
C SER A 36 2.16 -7.10 -11.96
N LEU A 37 3.27 -6.94 -12.69
CA LEU A 37 3.36 -6.03 -13.84
C LEU A 37 4.04 -6.71 -15.01
N GLY A 38 4.09 -8.03 -14.98
CA GLY A 38 4.94 -8.75 -15.90
C GLY A 38 4.20 -9.63 -16.89
N VAL A 39 4.93 -10.57 -17.46
CA VAL A 39 4.39 -11.48 -18.45
C VAL A 39 3.69 -12.65 -17.81
N MSE A 40 2.53 -12.99 -18.34
CA MSE A 40 1.80 -14.19 -17.93
C MSE A 40 1.59 -15.02 -19.18
O MSE A 40 1.20 -14.48 -20.22
CB MSE A 40 0.49 -13.81 -17.26
CG MSE A 40 -0.30 -14.90 -16.64
SE MSE A 40 -1.31 -15.96 -17.97
CE MSE A 40 -2.23 -14.63 -19.04
H MSE A 40 2.13 -12.53 -18.96
HA MSE A 40 2.35 -14.69 -17.29
HB2 MSE A 40 0.69 -13.17 -16.56
HB3 MSE A 40 -0.07 -13.39 -17.93
HG2 MSE A 40 0.30 -15.50 -16.17
HG3 MSE A 40 -0.94 -14.51 -16.02
HE1 MSE A 40 -2.81 -14.13 -18.47
HE2 MSE A 40 -1.57 -14.05 -19.44
HE3 MSE A 40 -2.73 -15.08 -19.71
N GLU A 41 1.90 -16.31 -19.09
CA GLU A 41 1.67 -17.21 -20.22
C GLU A 41 0.93 -18.46 -19.82
N PHE A 42 0.01 -18.87 -20.70
CA PHE A 42 -0.61 -20.19 -20.64
C PHE A 42 0.21 -21.08 -21.58
N THR A 43 0.43 -22.33 -21.21
CA THR A 43 1.05 -23.31 -22.09
C THR A 43 0.07 -24.46 -22.33
N LEU A 44 -0.27 -24.71 -23.59
CA LEU A 44 -1.27 -25.72 -23.92
C LEU A 44 -0.58 -27.02 -24.33
N PRO A 45 -1.14 -28.15 -23.91
CA PRO A 45 -0.47 -29.42 -24.24
C PRO A 45 -0.75 -29.79 -25.69
N SER A 46 0.09 -30.63 -26.28
CA SER A 46 -0.19 -31.16 -27.61
C SER A 46 -1.60 -31.70 -27.69
N GLY A 47 -2.29 -31.33 -28.76
CA GLY A 47 -3.69 -31.69 -28.93
C GLY A 47 -4.58 -30.47 -28.84
N PHE A 48 -4.03 -29.35 -28.36
CA PHE A 48 -4.79 -28.11 -28.20
C PHE A 48 -3.92 -26.95 -28.61
N THR A 49 -4.48 -26.07 -29.42
CA THR A 49 -3.82 -24.83 -29.81
C THR A 49 -4.82 -23.69 -29.78
N ALA A 50 -4.32 -22.46 -29.68
CA ALA A 50 -5.15 -21.28 -29.64
C ALA A 50 -5.07 -20.53 -30.96
N ASN A 51 -6.13 -19.81 -31.30
CA ASN A 51 -6.12 -18.90 -32.47
C ASN A 51 -6.85 -17.62 -32.12
N THR A 52 -6.98 -16.68 -33.06
CA THR A 52 -7.54 -15.36 -32.74
C THR A 52 -9.05 -15.33 -32.52
N LYS A 53 -9.73 -16.46 -32.63
CA LYS A 53 -11.13 -16.51 -32.25
C LYS A 53 -11.30 -17.00 -30.81
N ASP A 54 -10.21 -17.43 -30.18
CA ASP A 54 -10.26 -17.76 -28.76
C ASP A 54 -10.17 -16.48 -27.98
N THR A 55 -10.55 -16.49 -26.70
CA THR A 55 -10.64 -15.25 -25.94
C THR A 55 -9.88 -15.26 -24.59
N MSE A 56 -9.40 -14.09 -24.21
CA MSE A 56 -8.84 -13.81 -22.89
C MSE A 56 -9.77 -12.82 -22.19
O MSE A 56 -9.91 -11.69 -22.65
CB MSE A 56 -7.45 -13.21 -23.01
CG MSE A 56 -6.73 -13.04 -21.67
SE MSE A 56 -6.27 -14.76 -20.88
CE MSE A 56 -4.90 -15.31 -22.17
H MSE A 56 -9.38 -13.40 -24.71
HA MSE A 56 -8.78 -14.64 -22.36
HB2 MSE A 56 -6.91 -13.78 -23.57
HB3 MSE A 56 -7.53 -12.33 -23.42
HG2 MSE A 56 -5.90 -12.54 -21.82
HG3 MSE A 56 -7.30 -12.56 -21.05
HE1 MSE A 56 -5.29 -15.36 -23.04
HE2 MSE A 56 -4.19 -14.66 -22.18
HE3 MSE A 56 -4.56 -16.17 -21.92
N ASN A 57 -10.36 -13.23 -21.07
CA ASN A 57 -11.32 -12.38 -20.36
C ASN A 57 -12.36 -11.76 -21.31
N GLY A 58 -12.79 -12.56 -22.28
CA GLY A 58 -13.83 -12.15 -23.20
C GLY A 58 -13.37 -11.43 -24.46
N ASN A 59 -12.11 -11.02 -24.50
CA ASN A 59 -11.55 -10.34 -25.66
C ASN A 59 -10.81 -11.31 -26.58
N ALA A 60 -11.06 -11.22 -27.88
CA ALA A 60 -10.32 -12.00 -28.86
C ALA A 60 -8.82 -11.86 -28.66
N LEU A 61 -8.12 -12.97 -28.80
CA LEU A 61 -6.68 -12.98 -28.68
C LEU A 61 -6.14 -12.28 -29.87
N ARG A 62 -5.12 -11.46 -29.66
CA ARG A 62 -4.38 -10.88 -30.77
C ARG A 62 -3.30 -11.84 -31.27
N THR A 63 -2.98 -11.76 -32.55
CA THR A 63 -1.90 -12.58 -33.11
C THR A 63 -0.60 -12.47 -32.31
N THR A 64 -0.29 -11.28 -31.79
CA THR A 64 0.95 -11.09 -31.04
C THR A 64 0.95 -11.83 -29.71
N GLN A 65 -0.23 -12.23 -29.26
CA GLN A 65 -0.35 -13.00 -28.02
C GLN A 65 -0.17 -14.49 -28.20
N ILE A 66 -0.25 -14.98 -29.43
CA ILE A 66 -0.19 -16.38 -29.69
C ILE A 66 1.19 -16.76 -30.22
N LEU A 67 1.91 -17.60 -29.48
CA LEU A 67 3.30 -17.86 -29.77
C LEU A 67 3.54 -19.35 -29.87
N ASN A 68 4.70 -19.70 -30.42
CA ASN A 68 5.14 -21.09 -30.50
C ASN A 68 4.11 -21.98 -31.19
N ASN A 69 3.67 -21.52 -32.35
CA ASN A 69 2.76 -22.30 -33.17
C ASN A 69 1.47 -22.61 -32.41
N GLY A 70 0.99 -21.66 -31.62
CA GLY A 70 -0.32 -21.78 -30.99
C GLY A 70 -0.35 -22.52 -29.67
N LYS A 71 0.82 -22.96 -29.21
CA LYS A 71 0.96 -23.63 -27.94
C LYS A 71 1.01 -22.66 -26.74
N THR A 72 1.35 -21.41 -27.00
CA THR A 72 1.56 -20.44 -25.93
C THR A 72 0.67 -19.23 -26.13
N VAL A 73 -0.01 -18.83 -25.05
CA VAL A 73 -0.81 -17.62 -25.06
C VAL A 73 -0.27 -16.67 -24.00
N ARG A 74 0.17 -15.49 -24.45
CA ARG A 74 0.81 -14.50 -23.59
C ARG A 74 -0.06 -13.25 -23.37
N VAL A 75 -0.10 -12.81 -22.12
CA VAL A 75 -0.47 -11.46 -21.79
C VAL A 75 0.81 -10.75 -21.41
N PRO A 76 1.24 -9.79 -22.26
CA PRO A 76 2.61 -9.28 -22.07
C PRO A 76 2.76 -8.36 -20.87
N LEU A 77 1.67 -7.72 -20.42
CA LEU A 77 1.67 -6.94 -19.19
C LEU A 77 0.40 -7.33 -18.42
N ALA A 78 0.59 -8.22 -17.44
CA ALA A 78 -0.52 -8.89 -16.79
C ALA A 78 -0.67 -8.40 -15.35
N LEU A 79 -1.64 -7.53 -15.13
CA LEU A 79 -1.80 -6.89 -13.84
C LEU A 79 -2.34 -7.81 -12.76
N ASP A 80 -1.85 -7.63 -11.55
CA ASP A 80 -2.47 -8.20 -10.38
C ASP A 80 -2.21 -7.26 -9.23
N LEU A 81 -3.14 -7.20 -8.30
CA LEU A 81 -2.99 -6.46 -7.07
C LEU A 81 -3.72 -7.26 -5.99
N LEU A 82 -2.96 -7.68 -5.00
CA LEU A 82 -3.45 -8.50 -3.90
C LEU A 82 -4.36 -9.63 -4.34
N GLY A 83 -4.00 -10.31 -5.43
CA GLY A 83 -4.74 -11.49 -5.86
C GLY A 83 -6.10 -11.22 -6.47
N ALA A 84 -6.39 -9.94 -6.79
CA ALA A 84 -7.67 -9.58 -7.41
C ALA A 84 -7.69 -9.92 -8.92
N GLY A 85 -6.52 -10.16 -9.50
CA GLY A 85 -6.43 -10.42 -10.93
C GLY A 85 -6.87 -11.80 -11.33
N GLU A 86 -7.32 -11.93 -12.57
CA GLU A 86 -7.76 -13.22 -13.08
C GLU A 86 -7.64 -13.23 -14.57
N PHE A 87 -7.18 -14.36 -15.11
CA PHE A 87 -7.06 -14.53 -16.55
C PHE A 87 -7.77 -15.80 -16.96
N MLY A 88 -8.85 -15.62 -17.72
CA MLY A 88 -9.67 -16.73 -18.17
CB MLY A 88 -11.12 -16.47 -17.73
CG MLY A 88 -12.02 -17.65 -17.71
CD MLY A 88 -13.40 -17.29 -17.16
CE MLY A 88 -13.47 -17.16 -15.65
NZ MLY A 88 -14.94 -17.33 -15.26
CH1 MLY A 88 -15.68 -16.14 -15.71
CH2 MLY A 88 -15.06 -17.41 -13.79
C MLY A 88 -9.53 -16.86 -19.68
O MLY A 88 -9.99 -16.02 -20.45
H MLY A 88 -9.13 -14.85 -17.98
HA MLY A 88 -9.37 -17.56 -17.75
HB2 MLY A 88 -11.11 -16.03 -16.73
HB3 MLY A 88 -11.51 -15.83 -18.34
HG2 MLY A 88 -12.12 -18.03 -18.73
HG3 MLY A 88 -11.62 -18.33 -17.14
HD2 MLY A 88 -13.73 -16.35 -17.61
HD3 MLY A 88 -14.02 -18.00 -17.41
HE2 MLY A 88 -12.86 -17.93 -15.17
HE3 MLY A 88 -13.18 -16.28 -15.38
HH11 MLY A 88 -14.48 -18.27 -13.42
HH12 MLY A 88 -14.67 -16.49 -13.35
HH13 MLY A 88 -16.10 -17.54 -13.51
HH21 MLY A 88 -15.19 -15.24 -15.31
HH22 MLY A 88 -15.68 -16.10 -16.79
HH23 MLY A 88 -16.70 -16.19 -15.33
N LEU A 89 -8.82 -17.90 -20.10
CA LEU A 89 -8.64 -18.20 -21.52
C LEU A 89 -9.70 -19.23 -21.93
N LYS A 90 -10.50 -18.88 -22.94
CA LYS A 90 -11.53 -19.78 -23.46
C LYS A 90 -11.12 -20.23 -24.85
N LEU A 91 -10.96 -21.54 -24.96
CA LEU A 91 -10.62 -22.20 -26.19
C LEU A 91 -11.96 -22.68 -26.78
N ASN A 92 -12.37 -22.04 -27.86
CA ASN A 92 -13.72 -22.19 -28.41
C ASN A 92 -13.75 -23.05 -29.67
N ASN A 93 -14.77 -23.90 -29.78
CA ASN A 93 -14.99 -24.67 -31.00
C ASN A 93 -13.79 -25.52 -31.37
N LYS A 94 -13.29 -26.27 -30.40
CA LYS A 94 -12.12 -27.11 -30.61
C LYS A 94 -12.57 -28.54 -30.87
N THR A 95 -11.85 -29.22 -31.75
CA THR A 95 -12.03 -30.65 -31.91
C THR A 95 -11.17 -31.33 -30.88
N LEU A 96 -11.79 -32.00 -29.92
CA LEU A 96 -11.03 -32.64 -28.86
C LEU A 96 -10.09 -33.70 -29.43
N PRO A 97 -8.89 -33.84 -28.86
CA PRO A 97 -7.93 -34.86 -29.30
C PRO A 97 -8.26 -36.25 -28.76
N ALA A 98 -7.34 -37.18 -28.98
CA ALA A 98 -7.56 -38.55 -28.55
C ALA A 98 -7.79 -38.62 -27.06
N ALA A 99 -8.62 -39.58 -26.65
CA ALA A 99 -8.93 -39.81 -25.25
C ALA A 99 -7.67 -39.91 -24.39
N GLY A 100 -7.74 -39.35 -23.19
CA GLY A 100 -6.60 -39.33 -22.29
C GLY A 100 -6.68 -38.10 -21.38
N THR A 101 -5.62 -37.91 -20.59
CA THR A 101 -5.55 -36.76 -19.68
C THR A 101 -4.60 -35.72 -20.27
N TYR A 102 -5.01 -34.46 -20.18
CA TYR A 102 -4.28 -33.39 -20.82
C TYR A 102 -4.06 -32.32 -19.78
N THR A 103 -2.82 -31.88 -19.62
CA THR A 103 -2.46 -30.95 -18.54
C THR A 103 -2.08 -29.58 -19.10
N PHE A 104 -2.75 -28.56 -18.59
CA PHE A 104 -2.51 -27.17 -18.95
C PHE A 104 -1.70 -26.52 -17.84
N ARG A 105 -0.97 -25.47 -18.21
CA ARG A 105 -0.15 -24.73 -17.28
C ARG A 105 -0.30 -23.23 -17.53
N ALA A 106 -0.23 -22.44 -16.47
CA ALA A 106 -0.21 -20.99 -16.57
C ALA A 106 0.78 -20.49 -15.53
N GLU A 107 1.42 -19.37 -15.83
CA GLU A 107 2.48 -18.86 -14.99
CA GLU A 107 2.44 -18.82 -14.96
C GLU A 107 2.73 -17.36 -15.19
N ASN A 108 3.03 -16.67 -14.10
CA ASN A 108 3.65 -15.33 -14.19
C ASN A 108 5.14 -15.53 -14.30
N LYS A 109 5.73 -15.03 -15.40
CA LYS A 109 7.12 -15.28 -15.73
C LYS A 109 8.07 -14.15 -15.39
N SER A 110 7.51 -13.02 -15.00
CA SER A 110 8.29 -11.85 -14.67
C SER A 110 7.50 -10.86 -13.80
N LEU A 111 8.24 -9.99 -13.12
CA LEU A 111 7.72 -8.83 -12.38
C LEU A 111 6.48 -9.13 -11.53
N SER A 112 6.63 -10.08 -10.61
CA SER A 112 5.53 -10.48 -9.75
C SER A 112 6.08 -10.74 -8.37
N ILE A 113 5.30 -10.40 -7.37
CA ILE A 113 5.60 -10.73 -5.98
C ILE A 113 4.72 -11.88 -5.56
N GLY A 114 5.33 -12.95 -5.05
CA GLY A 114 4.59 -14.08 -4.58
C GLY A 114 5.46 -15.28 -4.25
N ASN A 115 4.80 -16.36 -3.79
CA ASN A 115 5.53 -17.50 -3.30
C ASN A 115 5.66 -18.65 -4.28
N MLY A 116 4.74 -18.69 -5.23
CA MLY A 116 4.73 -19.71 -6.26
CB MLY A 116 4.03 -21.00 -5.79
CG MLY A 116 4.08 -22.10 -6.84
CD MLY A 116 3.62 -23.41 -6.25
CE MLY A 116 3.51 -24.52 -7.30
NZ MLY A 116 2.58 -25.59 -6.80
CH1 MLY A 116 3.26 -26.26 -5.69
CH2 MLY A 116 2.40 -26.57 -7.89
C MLY A 116 3.96 -19.11 -7.42
O MLY A 116 2.80 -18.70 -7.26
HA MLY A 116 5.64 -19.92 -6.54
HB2 MLY A 116 4.50 -21.34 -4.86
HB3 MLY A 116 3.09 -20.79 -5.61
HG2 MLY A 116 3.45 -21.82 -7.68
HG3 MLY A 116 5.00 -22.20 -7.13
HD2 MLY A 116 4.32 -23.73 -5.47
HD3 MLY A 116 2.74 -23.29 -5.86
HE2 MLY A 116 3.13 -24.10 -8.24
HE3 MLY A 116 4.38 -24.91 -7.45
HH11 MLY A 116 1.97 -26.07 -8.76
HH12 MLY A 116 3.37 -27.00 -8.15
HH13 MLY A 116 1.73 -27.37 -7.56
HH21 MLY A 116 4.25 -26.60 -6.02
HH22 MLY A 116 3.38 -25.57 -4.85
HH23 MLY A 116 2.67 -27.12 -5.36
N PHE A 117 4.60 -19.09 -8.59
CA PHE A 117 4.09 -18.33 -9.71
C PHE A 117 3.52 -19.14 -10.85
N TYR A 118 3.39 -20.44 -10.68
CA TYR A 118 2.80 -21.24 -11.75
C TYR A 118 1.81 -22.20 -11.17
N ALA A 119 0.95 -22.72 -12.05
CA ALA A 119 -0.06 -23.70 -11.64
C ALA A 119 -0.42 -24.53 -12.85
N GLU A 120 -0.91 -25.73 -12.55
CA GLU A 120 -1.27 -26.72 -13.57
C GLU A 120 -2.63 -27.30 -13.21
N ALA A 121 -3.37 -27.67 -14.24
CA ALA A 121 -4.66 -28.34 -14.09
C ALA A 121 -4.90 -29.20 -15.31
N SER A 122 -5.67 -30.27 -15.14
CA SER A 122 -5.86 -31.19 -16.24
CA SER A 122 -5.86 -31.27 -16.18
C SER A 122 -7.33 -31.43 -16.56
N ILE A 123 -7.57 -31.95 -17.77
CA ILE A 123 -8.92 -32.36 -18.17
C ILE A 123 -8.81 -33.80 -18.67
N ASP A 124 -9.93 -34.51 -18.62
CA ASP A 124 -10.04 -35.86 -19.16
C ASP A 124 -10.95 -35.87 -20.39
N VAL A 125 -10.39 -36.25 -21.53
CA VAL A 125 -11.14 -36.44 -22.76
C VAL A 125 -11.59 -37.92 -22.82
N ALA A 126 -12.89 -38.13 -22.92
CA ALA A 126 -13.46 -39.48 -22.85
C ALA A 126 -13.31 -40.28 -24.13
N LYS A 127 -13.29 -41.60 -23.97
CA LYS A 127 -13.24 -42.49 -25.11
C LYS A 127 -14.58 -42.55 -25.86
N ARG A 128 -14.47 -42.72 -27.18
CA ARG A 128 -15.53 -43.25 -28.07
C ARG A 128 -16.17 -42.17 -28.91
N GLY B 1 10.93 -4.52 8.44
CA GLY B 1 10.49 -3.74 7.29
C GLY B 1 11.56 -3.06 6.51
N PRO B 2 11.15 -2.32 5.46
CA PRO B 2 12.10 -1.76 4.48
C PRO B 2 12.71 -0.43 4.88
N LEU B 3 12.33 0.15 6.01
CA LEU B 3 12.97 1.38 6.49
C LEU B 3 14.08 1.08 7.51
N GLY B 4 14.88 2.10 7.80
CA GLY B 4 15.93 1.96 8.80
C GLY B 4 15.46 2.21 10.22
N SER B 5 16.42 2.33 11.13
CA SER B 5 16.10 2.56 12.55
C SER B 5 15.42 3.91 12.84
N ALA B 6 14.66 3.94 13.92
CA ALA B 6 14.14 5.17 14.50
C ALA B 6 15.33 6.06 14.78
N SER B 7 15.11 7.36 14.68
CA SER B 7 16.16 8.30 15.04
C SER B 7 15.70 9.32 16.05
N LEU B 8 16.64 9.81 16.85
CA LEU B 8 16.34 10.93 17.77
C LEU B 8 17.50 11.92 17.71
N PHE B 9 17.15 13.19 17.58
CA PHE B 9 18.09 14.30 17.69
C PHE B 9 17.71 15.10 18.92
N ALA B 10 18.70 15.50 19.70
CA ALA B 10 18.52 16.30 20.90
C ALA B 10 19.51 17.46 20.85
N THR B 11 19.00 18.67 20.94
N THR B 11 18.98 18.68 20.97
CA THR B 11 19.85 19.83 20.95
CA THR B 11 19.76 19.91 20.81
C THR B 11 19.29 20.91 21.86
C THR B 11 19.28 21.00 21.75
N ILE B 12 20.21 21.66 22.44
CA ILE B 12 19.86 22.86 23.21
C ILE B 12 19.76 24.00 22.20
N THR B 13 18.57 24.54 22.01
CA THR B 13 18.36 25.52 20.97
C THR B 13 18.27 26.96 21.48
N GLY B 14 18.29 27.14 22.80
CA GLY B 14 18.29 28.48 23.37
C GLY B 14 19.71 29.04 23.32
N ALA B 15 19.87 30.31 23.63
CA ALA B 15 21.18 30.95 23.58
C ALA B 15 22.18 30.31 24.54
N SER B 16 21.70 29.91 25.71
CA SER B 16 22.62 29.37 26.70
C SER B 16 22.66 27.83 26.77
N MLY B 17 23.89 27.33 26.94
CA MLY B 17 24.12 25.91 27.17
CB MLY B 17 25.14 25.39 26.17
CG MLY B 17 24.63 25.21 24.75
CD MLY B 17 23.97 26.44 24.18
CE MLY B 17 23.76 26.30 22.66
NZ MLY B 17 23.15 27.55 22.04
CH1 MLY B 17 22.23 27.10 20.98
CH2 MLY B 17 24.27 28.27 21.40
C MLY B 17 24.65 25.68 28.59
O MLY B 17 25.08 24.58 28.93
H MLY B 17 24.60 27.80 26.94
HA MLY B 17 23.28 25.41 27.06
HB2 MLY B 17 25.99 26.08 26.15
HB3 MLY B 17 25.44 24.52 26.48
HG2 MLY B 17 25.46 24.92 24.11
HG3 MLY B 17 23.96 24.50 24.76
HD2 MLY B 17 23.02 26.62 24.68
HD3 MLY B 17 24.55 27.21 24.33
HE2 MLY B 17 24.71 26.08 22.18
HE3 MLY B 17 23.14 25.56 22.51
HH11 MLY B 17 25.01 28.55 22.15
HH12 MLY B 17 24.72 27.64 20.64
HH13 MLY B 17 23.88 29.19 20.93
HH21 MLY B 17 22.76 26.44 20.30
HH22 MLY B 17 21.39 26.57 21.42
HH23 MLY B 17 21.86 27.98 20.44
N THR B 18 24.65 26.72 29.41
CA THR B 18 25.34 26.66 30.70
C THR B 18 24.47 26.18 31.84
N GLU B 19 25.04 25.37 32.73
CA GLU B 19 24.30 24.88 33.89
C GLU B 19 23.63 26.03 34.63
N TRP B 20 22.41 25.77 35.09
CA TRP B 20 21.63 26.71 35.88
C TRP B 20 21.30 28.01 35.16
N SER B 21 21.22 27.97 33.83
CA SER B 21 20.75 29.12 33.06
C SER B 21 19.52 28.72 32.24
N PHE B 22 18.73 29.71 31.81
CA PHE B 22 17.51 29.41 31.06
C PHE B 22 17.86 29.05 29.63
N SER B 23 17.12 28.09 29.08
CA SER B 23 17.33 27.72 27.70
C SER B 23 16.16 26.85 27.20
N ASP B 24 16.25 26.40 25.95
CA ASP B 24 15.21 25.57 25.35
C ASP B 24 15.91 24.33 24.79
N ILE B 25 15.22 23.20 24.86
CA ILE B 25 15.74 21.95 24.31
C ILE B 25 14.72 21.44 23.28
N GLU B 26 15.21 20.88 22.18
CA GLU B 26 14.35 20.40 21.11
C GLU B 26 14.74 18.97 20.84
N LEU B 27 13.75 18.08 20.94
CA LEU B 27 13.96 16.65 20.76
C LEU B 27 13.15 16.19 19.54
N THR B 28 13.83 15.73 18.49
CA THR B 28 13.17 15.40 17.25
C THR B 28 13.25 13.91 16.99
N TYR B 29 12.08 13.27 17.05
CA TYR B 29 11.98 11.84 16.87
C TYR B 29 11.32 11.45 15.55
N ARG B 30 12.00 10.57 14.82
CA ARG B 30 11.47 9.98 13.60
C ARG B 30 11.39 8.46 13.80
N PRO B 31 10.17 7.96 13.92
CA PRO B 31 9.98 6.51 14.14
C PRO B 31 10.55 5.68 13.01
N ASN B 32 10.52 6.21 11.79
CA ASN B 32 10.97 5.49 10.59
C ASN B 32 10.37 4.09 10.48
N THR B 33 9.04 4.06 10.50
CA THR B 33 8.28 2.82 10.44
C THR B 33 7.45 2.79 9.18
N LEU B 34 7.23 1.61 8.63
CA LEU B 34 6.30 1.47 7.51
C LEU B 34 4.89 2.01 7.85
N LEU B 35 4.44 1.70 9.07
CA LEU B 35 3.15 2.09 9.58
C LEU B 35 3.22 2.05 11.10
N SER B 36 2.68 3.09 11.76
CA SER B 36 2.47 3.09 13.19
CA SER B 36 2.49 3.10 13.19
C SER B 36 1.09 3.63 13.54
N LEU B 37 0.47 3.00 14.53
CA LEU B 37 -0.84 3.35 15.02
C LEU B 37 -0.83 3.31 16.55
N GLY B 38 0.37 3.29 17.12
CA GLY B 38 0.51 3.01 18.53
C GLY B 38 0.99 4.12 19.42
N VAL B 39 1.40 3.72 20.61
CA VAL B 39 1.93 4.64 21.61
C VAL B 39 3.38 4.99 21.30
N MSE B 40 3.70 6.29 21.42
CA MSE B 40 5.07 6.78 21.35
C MSE B 40 5.34 7.57 22.60
O MSE B 40 4.49 8.36 23.02
CB MSE B 40 5.20 7.68 20.11
CG MSE B 40 6.59 8.09 19.76
SE MSE B 40 7.21 9.61 20.87
CE MSE B 40 5.80 10.87 20.52
H MSE B 40 3.11 6.91 21.56
HA MSE B 40 5.69 6.04 21.27
HB2 MSE B 40 4.85 7.20 19.35
HB3 MSE B 40 4.69 8.48 20.25
HG2 MSE B 40 7.20 7.35 19.91
HG3 MSE B 40 6.62 8.37 18.84
HE1 MSE B 40 5.77 11.05 19.58
HE2 MSE B 40 4.96 10.48 20.81
HE3 MSE B 40 5.97 11.67 21.01
N GLU B 41 6.49 7.34 23.24
CA GLU B 41 6.86 8.05 24.46
C GLU B 41 8.30 8.55 24.41
N PHE B 42 8.45 9.79 24.83
CA PHE B 42 9.73 10.33 25.19
C PHE B 42 9.96 10.06 26.67
N THR B 43 11.19 9.73 27.01
CA THR B 43 11.65 9.55 28.38
C THR B 43 12.74 10.59 28.67
N LEU B 44 12.49 11.45 29.65
CA LEU B 44 13.43 12.52 29.96
C LEU B 44 14.32 12.12 31.13
N PRO B 45 15.62 12.43 31.04
CA PRO B 45 16.53 12.11 32.13
C PRO B 45 16.35 13.05 33.33
N SER B 46 16.77 12.59 34.50
CA SER B 46 16.71 13.41 35.69
C SER B 46 17.41 14.73 35.39
N GLY B 47 16.74 15.82 35.72
CA GLY B 47 17.26 17.14 35.42
C GLY B 47 16.32 17.88 34.49
N PHE B 48 15.44 17.13 33.81
CA PHE B 48 14.46 17.69 32.89
C PHE B 48 13.13 17.03 33.09
N THR B 49 12.06 17.83 33.10
CA THR B 49 10.72 17.29 33.15
C THR B 49 9.85 18.13 32.22
N ALA B 50 8.69 17.58 31.85
CA ALA B 50 7.79 18.25 30.93
C ALA B 50 6.62 18.86 31.69
N ASN B 51 6.06 19.95 31.18
CA ASN B 51 4.78 20.46 31.66
C ASN B 51 3.95 20.98 30.50
N THR B 52 2.81 21.62 30.78
CA THR B 52 1.88 21.98 29.74
C THR B 52 2.27 23.25 28.97
N LYS B 53 3.41 23.85 29.30
CA LYS B 53 3.93 24.91 28.46
C LYS B 53 4.91 24.37 27.43
N ASP B 54 5.20 23.09 27.51
CA ASP B 54 6.05 22.47 26.49
C ASP B 54 5.16 22.06 25.32
N THR B 55 5.76 21.77 24.16
CA THR B 55 4.98 21.49 22.97
C THR B 55 5.42 20.21 22.23
N MSE B 56 4.43 19.60 21.58
CA MSE B 56 4.63 18.45 20.68
C MSE B 56 4.18 18.95 19.35
O MSE B 56 3.01 19.33 19.17
CB MSE B 56 3.76 17.26 21.10
CG MSE B 56 4.01 16.02 20.23
SE MSE B 56 5.80 15.37 20.57
CE MSE B 56 5.53 14.73 22.41
H MSE B 56 3.61 19.84 21.64
HA MSE B 56 5.58 18.20 20.66
HB2 MSE B 56 3.97 17.02 22.01
HB3 MSE B 56 2.83 17.50 21.01
HG2 MSE B 56 3.38 15.32 20.45
HG3 MSE B 56 3.94 16.25 19.28
HE1 MSE B 56 4.86 14.06 22.40
HE2 MSE B 56 6.36 14.37 22.74
HE3 MSE B 56 5.26 15.46 22.96
N ASN B 57 5.10 19.02 18.40
CA ASN B 57 4.81 19.54 17.07
C ASN B 57 4.09 20.90 17.13
N GLY B 58 4.54 21.76 18.04
CA GLY B 58 4.00 23.10 18.12
C GLY B 58 2.75 23.24 18.97
N ASN B 59 2.17 22.13 19.38
CA ASN B 59 0.99 22.15 20.25
C ASN B 59 1.30 21.94 21.73
N ALA B 60 0.67 22.74 22.59
CA ALA B 60 0.87 22.56 24.02
C ALA B 60 0.55 21.12 24.42
N LEU B 61 1.38 20.56 25.29
CA LEU B 61 1.14 19.23 25.82
C LEU B 61 -0.12 19.26 26.69
N ARG B 62 -0.91 18.19 26.64
CA ARG B 62 -2.05 18.05 27.54
C ARG B 62 -1.61 17.29 28.76
N THR B 63 -2.27 17.57 29.87
CA THR B 63 -1.93 16.94 31.13
C THR B 63 -1.90 15.41 31.00
N THR B 64 -2.79 14.86 30.19
CA THR B 64 -2.89 13.42 30.03
C THR B 64 -1.70 12.84 29.24
N GLN B 65 -0.92 13.70 28.58
CA GLN B 65 0.28 13.26 27.87
C GLN B 65 1.50 13.20 28.75
N ILE B 66 1.43 13.85 29.91
CA ILE B 66 2.58 13.94 30.78
C ILE B 66 2.41 12.94 31.92
N LEU B 67 3.34 12.00 32.02
CA LEU B 67 3.23 10.88 32.95
C LEU B 67 4.48 10.79 33.82
N ASN B 68 4.40 9.97 34.86
CA ASN B 68 5.55 9.65 35.70
C ASN B 68 6.21 10.90 36.23
N ASN B 69 5.39 11.78 36.79
CA ASN B 69 5.85 13.04 37.36
C ASN B 69 6.70 13.87 36.42
N GLY B 70 6.30 13.98 35.17
CA GLY B 70 6.95 14.90 34.23
C GLY B 70 8.11 14.30 33.46
N LYS B 71 8.37 13.03 33.73
CA LYS B 71 9.51 12.31 33.17
C LYS B 71 9.15 11.72 31.79
N THR B 72 7.87 11.50 31.57
CA THR B 72 7.41 10.83 30.37
C THR B 72 6.40 11.68 29.63
N VAL B 73 6.58 11.80 28.32
CA VAL B 73 5.62 12.47 27.47
C VAL B 73 5.13 11.48 26.44
N ARG B 74 3.81 11.27 26.41
CA ARG B 74 3.20 10.27 25.54
C ARG B 74 2.36 10.85 24.43
N VAL B 75 2.48 10.27 23.23
CA VAL B 75 1.49 10.45 22.18
C VAL B 75 0.75 9.13 22.07
N PRO B 76 -0.52 9.09 22.49
CA PRO B 76 -1.16 7.79 22.66
C PRO B 76 -1.51 7.08 21.34
N LEU B 77 -1.71 7.86 20.27
CA LEU B 77 -1.88 7.30 18.95
C LEU B 77 -1.00 8.12 18.01
N ALA B 78 0.15 7.53 17.67
CA ALA B 78 1.27 8.22 17.02
C ALA B 78 1.40 7.71 15.60
N LEU B 79 0.90 8.47 14.64
CA LEU B 79 0.84 8.03 13.26
C LEU B 79 2.22 8.07 12.58
N ASP B 80 2.48 7.06 11.77
CA ASP B 80 3.58 7.09 10.83
C ASP B 80 3.15 6.30 9.60
N LEU B 81 3.65 6.73 8.47
CA LEU B 81 3.46 6.02 7.22
C LEU B 81 4.72 6.19 6.42
N LEU B 82 5.38 5.08 6.12
CA LEU B 82 6.65 5.12 5.38
C LEU B 82 7.65 6.19 5.89
N GLY B 83 7.79 6.29 7.20
CA GLY B 83 8.78 7.19 7.77
C GLY B 83 8.49 8.68 7.62
N ALA B 84 7.27 9.03 7.22
CA ALA B 84 6.91 10.44 7.05
C ALA B 84 6.62 11.14 8.38
N GLY B 85 6.36 10.37 9.42
CA GLY B 85 5.98 10.94 10.70
C GLY B 85 7.16 11.53 11.44
N GLU B 86 6.89 12.54 12.25
CA GLU B 86 7.89 13.18 13.06
C GLU B 86 7.25 13.74 14.29
N PHE B 87 7.96 13.63 15.40
CA PHE B 87 7.46 14.13 16.69
C PHE B 87 8.55 14.99 17.33
N MLY B 88 8.27 16.30 17.38
CA MLY B 88 9.20 17.28 17.94
CB MLY B 88 9.34 18.48 17.04
CG MLY B 88 10.17 18.32 15.85
CD MLY B 88 10.73 19.71 15.47
CE MLY B 88 11.44 19.54 14.20
NZ MLY B 88 12.02 20.74 13.62
CH1 MLY B 88 10.93 21.65 13.20
CH2 MLY B 88 12.68 20.15 12.45
C MLY B 88 8.70 17.80 19.28
O MLY B 88 7.73 18.57 19.33
H MLY B 88 7.54 16.64 17.10
HA MLY B 88 10.08 16.87 18.07
HB2 MLY B 88 8.34 18.79 16.73
HB3 MLY B 88 9.74 19.19 17.56
HG2 MLY B 88 10.98 17.63 16.06
HG3 MLY B 88 9.62 17.99 15.12
HD2 MLY B 88 9.92 20.43 15.35
HD3 MLY B 88 11.36 20.01 16.14
HE2 MLY B 88 12.24 18.81 14.34
HE3 MLY B 88 10.82 19.18 13.55
HH11 MLY B 88 13.41 19.41 12.78
HH12 MLY B 88 11.94 19.67 11.82
HH13 MLY B 88 13.19 20.94 11.89
HH21 MLY B 88 10.24 21.12 12.55
HH22 MLY B 88 10.39 21.99 14.09
HH23 MLY B 88 11.35 22.51 12.68
N LEU B 89 9.35 17.35 20.34
CA LEU B 89 9.04 17.81 21.68
C LEU B 89 9.97 18.97 22.00
N LYS B 90 9.42 20.14 22.26
CA LYS B 90 10.23 21.29 22.63
C LYS B 90 10.02 21.55 24.11
N LEU B 91 11.12 21.52 24.86
CA LEU B 91 11.09 21.85 26.27
C LEU B 91 11.46 23.34 26.37
N ASN B 92 10.47 24.15 26.72
CA ASN B 92 10.58 25.61 26.65
C ASN B 92 10.96 26.25 27.97
N ASN B 93 11.93 27.16 27.89
CA ASN B 93 12.29 27.99 29.03
C ASN B 93 12.59 27.20 30.31
N LYS B 94 13.57 26.31 30.22
CA LYS B 94 13.93 25.45 31.32
C LYS B 94 15.20 25.95 31.95
N THR B 95 15.35 25.70 33.24
CA THR B 95 16.61 25.92 33.90
C THR B 95 17.45 24.67 33.70
N LEU B 96 18.53 24.79 32.94
CA LEU B 96 19.42 23.67 32.69
C LEU B 96 19.95 23.18 34.02
N PRO B 97 20.13 21.86 34.16
CA PRO B 97 20.64 21.32 35.43
C PRO B 97 22.16 21.39 35.50
N ALA B 98 22.75 20.69 36.46
CA ALA B 98 24.20 20.72 36.65
C ALA B 98 24.94 20.22 35.43
N ALA B 99 26.15 20.75 35.24
CA ALA B 99 26.95 20.45 34.08
C ALA B 99 27.12 18.95 33.91
N GLY B 100 27.12 18.51 32.66
CA GLY B 100 27.31 17.10 32.36
C GLY B 100 26.58 16.68 31.11
N THR B 101 26.59 15.37 30.84
CA THR B 101 25.90 14.82 29.68
C THR B 101 24.56 14.22 30.07
N TYR B 102 23.51 14.59 29.33
CA TYR B 102 22.14 14.11 29.59
C TYR B 102 21.56 13.42 28.38
N THR B 103 21.04 12.21 28.59
CA THR B 103 20.54 11.38 27.51
C THR B 103 19.04 11.26 27.52
N PHE B 104 18.46 11.57 26.36
CA PHE B 104 17.03 11.47 26.12
C PHE B 104 16.71 10.24 25.26
N ARG B 105 15.49 9.74 25.43
CA ARG B 105 15.06 8.55 24.71
C ARG B 105 13.66 8.77 24.16
N ALA B 106 13.38 8.15 23.01
CA ALA B 106 12.06 8.12 22.42
C ALA B 106 11.86 6.76 21.78
N GLU B 107 10.61 6.29 21.79
CA GLU B 107 10.33 4.91 21.41
C GLU B 107 8.88 4.76 21.01
N ASN B 108 8.63 3.98 19.96
CA ASN B 108 7.29 3.48 19.62
C ASN B 108 7.07 2.19 20.38
N LYS B 109 6.08 2.19 21.26
CA LYS B 109 5.90 1.10 22.23
C LYS B 109 4.87 0.07 21.83
N SER B 110 4.10 0.37 20.79
CA SER B 110 3.10 -0.55 20.33
C SER B 110 2.71 -0.25 18.90
N LEU B 111 2.04 -1.22 18.31
CA LEU B 111 1.42 -1.09 16.97
C LEU B 111 2.26 -0.36 15.93
N SER B 112 3.47 -0.86 15.71
CA SER B 112 4.41 -0.31 14.72
C SER B 112 5.13 -1.39 13.97
N ILE B 113 5.33 -1.16 12.68
CA ILE B 113 6.13 -2.07 11.87
C ILE B 113 7.51 -1.42 11.66
N GLY B 114 8.56 -2.12 12.05
CA GLY B 114 9.90 -1.59 11.94
C GLY B 114 10.97 -2.51 12.48
N ASN B 115 12.23 -2.12 12.28
CA ASN B 115 13.37 -2.96 12.66
C ASN B 115 13.97 -2.60 14.01
N MLY B 116 13.78 -1.34 14.40
CA MLY B 116 14.28 -0.84 15.67
CB MLY B 116 15.75 -0.40 15.55
CG MLY B 116 16.37 0.00 16.86
CD MLY B 116 17.84 0.41 16.71
CE MLY B 116 18.40 0.88 18.01
NZ MLY B 116 19.81 1.44 17.85
CH1 MLY B 116 20.68 0.31 17.51
CH2 MLY B 116 20.23 1.89 19.19
C MLY B 116 13.39 0.34 16.04
O MLY B 116 13.30 1.28 15.27
HA MLY B 116 14.21 -1.53 16.36
HB2 MLY B 116 16.34 -1.22 15.11
HB3 MLY B 116 15.79 0.37 14.95
HG2 MLY B 116 15.81 0.84 17.28
HG3 MLY B 116 16.33 -0.75 17.47
HD2 MLY B 116 18.42 -0.45 16.34
HD3 MLY B 116 17.91 1.14 16.06
HE2 MLY B 116 17.75 1.65 18.42
HE3 MLY B 116 18.44 0.13 18.62
HH11 MLY B 116 19.55 2.65 19.55
HH12 MLY B 116 20.23 1.05 19.87
HH13 MLY B 116 21.25 2.30 19.14
HH21 MLY B 116 20.55 -0.48 18.25
HH22 MLY B 116 20.40 -0.08 16.53
HH23 MLY B 116 21.71 0.63 17.50
N PHE B 117 12.75 0.27 17.20
CA PHE B 117 11.68 1.20 17.57
C PHE B 117 12.04 2.23 18.63
N TYR B 118 13.32 2.34 18.97
CA TYR B 118 13.72 3.32 19.97
C TYR B 118 14.98 3.99 19.51
N ALA B 119 15.24 5.15 20.09
CA ALA B 119 16.41 5.94 19.74
C ALA B 119 16.77 6.79 20.96
N GLU B 120 18.06 7.10 21.07
CA GLU B 120 18.55 7.94 22.15
C GLU B 120 19.45 9.00 21.57
N ALA B 121 19.56 10.11 22.28
CA ALA B 121 20.44 11.19 21.87
C ALA B 121 20.77 12.02 23.10
N SER B 122 21.93 12.66 23.09
CA SER B 122 22.34 13.40 24.28
C SER B 122 22.64 14.87 24.02
N ILE B 123 22.65 15.61 25.13
CA ILE B 123 23.13 16.98 25.12
C ILE B 123 24.21 17.15 26.17
N ASP B 124 25.07 18.14 25.98
CA ASP B 124 26.10 18.50 26.96
C ASP B 124 25.79 19.87 27.58
N VAL B 125 25.68 19.89 28.90
CA VAL B 125 25.41 21.12 29.63
C VAL B 125 26.76 21.61 30.21
N ALA B 126 27.11 22.85 29.92
CA ALA B 126 28.46 23.36 30.21
C ALA B 126 28.61 23.90 31.64
N LYS B 127 29.83 23.82 32.17
CA LYS B 127 30.14 24.40 33.48
C LYS B 127 30.10 25.92 33.42
N ARG B 128 29.56 26.53 34.46
CA ARG B 128 29.73 27.95 34.69
C ARG B 128 31.20 28.26 34.85
N SER B 129 31.63 29.40 34.32
CA SER B 129 32.99 29.89 34.57
C SER B 129 33.25 30.03 36.06
N GLY C 1 7.95 14.01 0.86
CA GLY C 1 8.37 15.37 0.65
C GLY C 1 7.15 16.24 0.83
N PRO C 2 6.94 17.21 -0.08
CA PRO C 2 5.79 18.11 0.04
C PRO C 2 4.47 17.33 -0.13
N LEU C 3 3.43 17.87 0.47
CA LEU C 3 2.11 17.26 0.47
C LEU C 3 1.14 17.98 -0.48
N GLY C 4 0.08 17.25 -0.84
CA GLY C 4 -0.98 17.78 -1.67
C GLY C 4 -2.02 18.45 -0.79
N SER C 5 -3.11 18.89 -1.40
CA SER C 5 -4.20 19.55 -0.71
C SER C 5 -5.54 18.83 -0.85
N ALA C 6 -6.39 19.02 0.14
CA ALA C 6 -7.75 18.47 0.13
C ALA C 6 -8.58 19.10 -0.99
N SER C 7 -9.62 18.40 -1.40
CA SER C 7 -10.55 18.87 -2.43
C SER C 7 -11.98 18.67 -1.95
N LEU C 8 -12.85 19.59 -2.37
CA LEU C 8 -14.28 19.50 -2.17
C LEU C 8 -14.97 19.82 -3.49
N PHE C 9 -15.99 19.03 -3.80
CA PHE C 9 -16.93 19.34 -4.86
C PHE C 9 -18.33 19.48 -4.29
N ALA C 10 -19.09 20.43 -4.83
CA ALA C 10 -20.49 20.65 -4.45
C ALA C 10 -21.33 20.65 -5.71
N THR C 11 -22.27 19.70 -5.83
N THR C 11 -22.36 19.80 -5.70
CA THR C 11 -23.17 19.70 -6.96
CA THR C 11 -23.15 19.49 -6.87
C THR C 11 -24.60 19.48 -6.54
C THR C 11 -24.64 19.46 -6.49
N ILE C 12 -25.48 20.20 -7.20
CA ILE C 12 -26.92 20.04 -7.02
C ILE C 12 -27.27 18.81 -7.88
N THR C 13 -27.73 17.72 -7.26
CA THR C 13 -27.94 16.48 -8.02
C THR C 13 -29.42 16.22 -8.33
N GLY C 14 -30.31 16.92 -7.64
CA GLY C 14 -31.74 16.86 -7.94
C GLY C 14 -32.02 17.42 -9.34
N ALA C 15 -33.21 17.18 -9.86
CA ALA C 15 -33.57 17.68 -11.18
C ALA C 15 -33.58 19.21 -11.25
N SER C 16 -34.03 19.86 -10.17
CA SER C 16 -34.09 21.34 -10.17
C SER C 16 -32.89 22.04 -9.52
N MLY C 17 -32.48 23.16 -10.11
CA MLY C 17 -31.46 24.03 -9.54
CB MLY C 17 -30.32 24.19 -10.53
CG MLY C 17 -29.47 22.93 -10.69
CD MLY C 17 -29.48 22.46 -12.10
CE MLY C 17 -28.41 21.39 -12.32
NZ MLY C 17 -28.80 20.37 -13.35
CH1 MLY C 17 -29.42 21.06 -14.51
CH2 MLY C 17 -29.83 19.52 -12.73
C MLY C 17 -32.04 25.42 -9.23
O MLY C 17 -31.28 26.37 -8.98
H MLY C 17 -32.81 23.44 -10.85
HA MLY C 17 -31.11 23.65 -8.72
HB2 MLY C 17 -30.73 24.46 -11.51
HB3 MLY C 17 -29.74 24.89 -10.22
HG2 MLY C 17 -28.44 23.15 -10.38
HG3 MLY C 17 -29.84 22.23 -10.14
HD2 MLY C 17 -30.45 22.05 -12.35
HD3 MLY C 17 -29.27 23.21 -12.70
HE2 MLY C 17 -27.48 21.88 -12.63
HE3 MLY C 17 -28.26 20.92 -11.48
HH11 MLY C 17 -29.41 19.03 -11.84
HH12 MLY C 17 -30.68 20.13 -12.44
HH13 MLY C 17 -30.15 18.76 -13.44
HH21 MLY C 17 -30.23 21.69 -14.16
HH22 MLY C 17 -28.67 21.68 -15.01
HH23 MLY C 17 -29.79 20.32 -15.21
N THR C 18 -33.36 25.53 -9.21
CA THR C 18 -34.02 26.82 -9.08
C THR C 18 -34.43 27.15 -7.66
N GLU C 19 -34.24 28.41 -7.28
CA GLU C 19 -34.66 28.88 -5.96
C GLU C 19 -36.10 28.45 -5.63
N TRP C 20 -36.30 28.06 -4.36
CA TRP C 20 -37.59 27.71 -3.78
C TRP C 20 -38.15 26.36 -4.24
N SER C 21 -37.44 25.65 -5.10
CA SER C 21 -37.85 24.30 -5.49
C SER C 21 -37.14 23.26 -4.63
N PHE C 22 -37.67 22.04 -4.62
CA PHE C 22 -37.03 20.95 -3.90
C PHE C 22 -35.93 20.37 -4.74
N SER C 23 -34.83 20.02 -4.09
CA SER C 23 -33.73 19.39 -4.77
C SER C 23 -32.80 18.70 -3.79
N ASP C 24 -31.71 18.16 -4.32
CA ASP C 24 -30.71 17.47 -3.51
C ASP C 24 -29.34 18.09 -3.82
N ILE C 25 -28.49 18.16 -2.82
CA ILE C 25 -27.13 18.69 -2.96
C ILE C 25 -26.14 17.63 -2.43
N GLU C 26 -25.07 17.36 -3.17
CA GLU C 26 -24.12 16.36 -2.71
C GLU C 26 -22.73 17.04 -2.63
N LEU C 27 -22.10 16.91 -1.46
CA LEU C 27 -20.75 17.43 -1.23
C LEU C 27 -19.76 16.26 -1.13
N THR C 28 -18.78 16.25 -2.03
CA THR C 28 -17.79 15.19 -2.08
C THR C 28 -16.42 15.72 -1.61
N TYR C 29 -15.95 15.19 -0.49
CA TYR C 29 -14.74 15.67 0.18
C TYR C 29 -13.66 14.59 0.17
N ARG C 30 -12.48 14.98 -0.29
CA ARG C 30 -11.29 14.16 -0.23
C ARG C 30 -10.25 14.90 0.56
N PRO C 31 -10.00 14.46 1.78
CA PRO C 31 -8.97 15.11 2.60
C PRO C 31 -7.59 14.96 1.98
N ASN C 32 -7.38 13.92 1.19
CA ASN C 32 -6.17 13.80 0.36
C ASN C 32 -4.90 13.81 1.19
N THR C 33 -4.85 12.92 2.19
CA THR C 33 -3.71 12.85 3.05
C THR C 33 -3.02 11.49 2.94
N LEU C 34 -1.81 11.43 3.45
CA LEU C 34 -1.08 10.17 3.49
CA LEU C 34 -1.10 10.17 3.49
C LEU C 34 -1.76 9.22 4.47
N LEU C 35 -2.07 9.73 5.66
CA LEU C 35 -2.72 8.97 6.73
C LEU C 35 -3.41 9.94 7.68
N SER C 36 -4.71 9.73 7.91
CA SER C 36 -5.46 10.54 8.87
C SER C 36 -6.40 9.64 9.67
N LEU C 37 -6.57 9.98 10.92
CA LEU C 37 -7.45 9.27 11.82
C LEU C 37 -8.08 10.26 12.80
N GLY C 38 -9.40 10.43 12.72
CA GLY C 38 -10.08 11.30 13.66
C GLY C 38 -11.13 12.17 13.00
N VAL C 39 -11.33 13.38 13.55
CA VAL C 39 -12.45 14.23 13.16
C VAL C 39 -12.29 14.91 11.81
N MSE C 40 -13.31 14.79 10.96
CA MSE C 40 -13.47 15.60 9.76
C MSE C 40 -14.80 16.32 9.88
O MSE C 40 -15.74 15.78 10.44
CB MSE C 40 -13.52 14.74 8.50
CG MSE C 40 -12.58 13.58 8.52
SE MSE C 40 -11.11 14.10 7.40
CE MSE C 40 -9.72 12.70 7.78
H MSE C 40 -13.96 14.23 11.07
HA MSE C 40 -12.73 16.24 9.68
HB2 MSE C 40 -14.42 14.38 8.41
HB3 MSE C 40 -13.31 15.29 7.74
HG2 MSE C 40 -12.25 13.42 9.43
HG3 MSE C 40 -13.00 12.79 8.16
HE1 MSE C 40 -10.07 11.84 7.56
HE2 MSE C 40 -8.94 12.88 7.26
HE3 MSE C 40 -9.49 12.73 8.72
N GLU C 41 -14.89 17.54 9.37
CA GLU C 41 -16.06 18.37 9.60
C GLU C 41 -16.49 19.15 8.35
N PHE C 42 -17.77 19.09 8.02
CA PHE C 42 -18.36 19.91 6.97
C PHE C 42 -19.06 21.12 7.60
N THR C 43 -18.99 22.26 6.92
CA THR C 43 -19.67 23.50 7.35
C THR C 43 -20.56 23.95 6.20
N LEU C 44 -21.84 24.20 6.50
CA LEU C 44 -22.81 24.54 5.49
C LEU C 44 -23.09 26.04 5.59
N PRO C 45 -23.29 26.70 4.45
CA PRO C 45 -23.53 28.15 4.47
C PRO C 45 -24.99 28.45 4.83
N SER C 46 -25.27 29.66 5.32
CA SER C 46 -26.63 30.07 5.55
C SER C 46 -27.48 29.79 4.32
N GLY C 47 -28.66 29.22 4.58
CA GLY C 47 -29.59 28.78 3.55
C GLY C 47 -29.68 27.26 3.42
N PHE C 48 -28.73 26.57 4.06
CA PHE C 48 -28.71 25.09 4.07
C PHE C 48 -28.40 24.61 5.47
N THR C 49 -29.12 23.59 5.93
CA THR C 49 -28.83 22.96 7.19
C THR C 49 -29.02 21.44 7.08
N ALA C 50 -28.41 20.71 8.00
CA ALA C 50 -28.49 19.26 7.96
C ALA C 50 -29.47 18.78 9.00
N ASN C 51 -30.10 17.65 8.70
CA ASN C 51 -30.88 16.90 9.68
C ASN C 51 -30.71 15.40 9.45
N THR C 52 -31.39 14.59 10.27
CA THR C 52 -31.12 13.16 10.25
C THR C 52 -31.70 12.46 9.05
N LYS C 53 -32.33 13.19 8.14
CA LYS C 53 -32.70 12.59 6.85
C LYS C 53 -31.63 12.78 5.77
N ASP C 54 -30.61 13.58 6.09
CA ASP C 54 -29.46 13.74 5.21
C ASP C 54 -28.52 12.55 5.46
N THR C 55 -27.60 12.31 4.55
CA THR C 55 -26.77 11.11 4.64
C THR C 55 -25.27 11.41 4.50
N MSE C 56 -24.46 10.54 5.10
CA MSE C 56 -23.01 10.51 4.88
C MSE C 56 -22.64 9.14 4.31
O MSE C 56 -22.92 8.12 4.95
CB MSE C 56 -22.25 10.73 6.18
CG MSE C 56 -20.73 10.81 6.01
SE MSE C 56 -20.24 12.52 5.19
CE MSE C 56 -20.77 13.77 6.58
H MSE C 56 -24.73 9.94 5.66
HA MSE C 56 -22.76 11.21 4.24
HB2 MSE C 56 -22.55 11.57 6.57
HB3 MSE C 56 -22.45 10.00 6.78
HG2 MSE C 56 -20.31 10.76 6.88
HG3 MSE C 56 -20.43 10.09 5.44
HE1 MSE C 56 -20.28 13.57 7.39
HE2 MSE C 56 -20.58 14.66 6.29
HE3 MSE C 56 -21.72 13.68 6.75
N ASN C 57 -22.05 9.13 3.11
CA ASN C 57 -21.71 7.89 2.41
C ASN C 57 -22.94 6.96 2.43
N GLY C 58 -24.10 7.59 2.21
CA GLY C 58 -25.35 6.84 2.00
C GLY C 58 -26.08 6.42 3.26
N ASN C 59 -25.52 6.71 4.43
CA ASN C 59 -26.16 6.36 5.70
C ASN C 59 -26.70 7.58 6.41
N ALA C 60 -27.93 7.53 6.90
CA ALA C 60 -28.49 8.64 7.67
C ALA C 60 -27.57 9.19 8.75
N LEU C 61 -27.45 10.50 8.79
CA LEU C 61 -26.74 11.17 9.86
C LEU C 61 -27.36 10.90 11.21
N ARG C 62 -26.51 10.77 12.22
CA ARG C 62 -26.94 10.72 13.61
C ARG C 62 -26.99 12.11 14.19
N THR C 63 -27.88 12.30 15.18
CA THR C 63 -28.02 13.57 15.85
C THR C 63 -26.72 14.09 16.44
N THR C 64 -25.89 13.20 16.93
CA THR C 64 -24.61 13.61 17.52
C THR C 64 -23.59 14.17 16.52
N GLN C 65 -23.80 13.89 15.24
CA GLN C 65 -22.94 14.39 14.17
C GLN C 65 -23.36 15.76 13.68
N ILE C 66 -24.56 16.20 14.03
CA ILE C 66 -25.05 17.49 13.57
C ILE C 66 -24.96 18.48 14.72
N LEU C 67 -24.16 19.52 14.50
CA LEU C 67 -23.84 20.53 15.50
C LEU C 67 -24.13 21.97 15.00
N ASN C 68 -24.16 22.91 15.94
CA ASN C 68 -24.38 24.33 15.62
C ASN C 68 -25.65 24.55 14.83
N ASN C 69 -26.76 24.09 15.39
CA ASN C 69 -28.07 24.16 14.74
C ASN C 69 -28.11 23.79 13.25
N GLY C 70 -27.46 22.68 12.91
CA GLY C 70 -27.57 22.12 11.58
C GLY C 70 -26.55 22.64 10.60
N LYS C 71 -25.65 23.51 11.06
CA LYS C 71 -24.62 24.10 10.22
C LYS C 71 -23.35 23.25 10.08
N THR C 72 -23.12 22.38 11.05
CA THR C 72 -21.89 21.58 11.07
C THR C 72 -22.25 20.09 11.06
N VAL C 73 -21.55 19.31 10.23
CA VAL C 73 -21.71 17.86 10.18
C VAL C 73 -20.33 17.25 10.37
N ARG C 74 -20.18 16.47 11.43
CA ARG C 74 -18.91 15.85 11.81
C ARG C 74 -18.87 14.34 11.49
N VAL C 75 -17.73 13.87 11.00
CA VAL C 75 -17.40 12.43 10.98
C VAL C 75 -16.33 12.28 12.08
N PRO C 76 -16.72 11.77 13.24
CA PRO C 76 -15.78 11.83 14.37
C PRO C 76 -14.56 10.89 14.29
N LEU C 77 -14.68 9.78 13.58
CA LEU C 77 -13.56 8.82 13.48
C LEU C 77 -13.38 8.42 12.02
N ALA C 78 -13.04 9.41 11.19
CA ALA C 78 -12.72 9.22 9.79
C ALA C 78 -11.35 8.58 9.67
N LEU C 79 -11.14 7.91 8.55
CA LEU C 79 -9.85 7.28 8.23
C LEU C 79 -9.50 7.68 6.79
N ASP C 80 -8.23 8.00 6.57
CA ASP C 80 -7.73 8.27 5.24
C ASP C 80 -6.38 7.58 5.14
N LEU C 81 -6.10 7.12 3.93
CA LEU C 81 -4.84 6.44 3.60
C LEU C 81 -4.55 6.72 2.11
N LEU C 82 -3.40 7.31 1.82
CA LEU C 82 -2.95 7.53 0.45
C LEU C 82 -3.92 8.32 -0.42
N GLY C 83 -4.68 9.20 0.21
CA GLY C 83 -5.63 10.01 -0.53
C GLY C 83 -6.80 9.21 -1.08
N ALA C 84 -7.00 7.99 -0.57
CA ALA C 84 -8.13 7.16 -1.03
C ALA C 84 -9.46 7.38 -0.30
N GLY C 85 -9.43 8.03 0.86
CA GLY C 85 -10.63 8.30 1.63
C GLY C 85 -11.54 9.28 0.93
N GLU C 86 -12.86 9.10 1.07
CA GLU C 86 -13.78 10.06 0.49
C GLU C 86 -15.04 10.08 1.31
N PHE C 87 -15.55 11.29 1.53
CA PHE C 87 -16.79 11.48 2.25
C PHE C 87 -17.80 12.21 1.38
N MLY C 88 -19.01 11.65 1.28
CA MLY C 88 -20.07 12.28 0.53
CB MLY C 88 -20.54 11.37 -0.62
CG MLY C 88 -19.60 11.35 -1.80
CD MLY C 88 -20.21 10.67 -3.02
CE MLY C 88 -19.13 10.44 -4.05
NZ MLY C 88 -19.53 10.51 -5.46
CH1 MLY C 88 -20.56 9.52 -5.74
CH2 MLY C 88 -18.31 10.17 -6.24
C MLY C 88 -21.26 12.62 1.45
O MLY C 88 -21.95 11.73 1.98
H MLY C 88 -19.23 10.90 1.63
HA MLY C 88 -19.74 13.12 0.14
HB2 MLY C 88 -20.65 10.36 -0.24
HB3 MLY C 88 -21.39 11.69 -0.94
HG2 MLY C 88 -19.32 12.37 -2.06
HG3 MLY C 88 -18.80 10.86 -1.55
HD2 MLY C 88 -20.66 9.72 -2.73
HD3 MLY C 88 -20.89 11.25 -3.40
HE2 MLY C 88 -18.34 11.17 -3.88
HE3 MLY C 88 -18.77 9.55 -3.90
HH11 MLY C 88 -17.53 10.90 -6.01
HH12 MLY C 88 -17.98 9.17 -5.97
HH13 MLY C 88 -18.54 10.21 -7.30
HH21 MLY C 88 -20.22 8.54 -5.43
HH22 MLY C 88 -21.47 9.77 -5.20
HH23 MLY C 88 -20.78 9.51 -6.81
N LEU C 89 -21.47 13.91 1.64
CA LEU C 89 -22.60 14.40 2.41
C LEU C 89 -23.68 14.77 1.44
N LYS C 90 -24.82 14.10 1.54
CA LYS C 90 -25.94 14.36 0.66
C LYS C 90 -27.09 15.00 1.45
N LEU C 91 -27.47 16.19 1.00
CA LEU C 91 -28.53 16.97 1.61
C LEU C 91 -29.76 16.66 0.79
N ASN C 92 -30.68 15.90 1.39
CA ASN C 92 -31.81 15.33 0.67
C ASN C 92 -33.09 16.15 0.77
N ASN C 93 -33.69 16.39 -0.39
CA ASN C 93 -35.01 16.99 -0.48
C ASN C 93 -35.05 18.31 0.26
N LYS C 94 -34.12 19.20 -0.07
CA LYS C 94 -34.05 20.51 0.53
C LYS C 94 -34.84 21.46 -0.32
N THR C 95 -35.45 22.45 0.31
CA THR C 95 -35.97 23.59 -0.42
C THR C 95 -34.83 24.58 -0.65
N LEU C 96 -34.49 24.77 -1.91
CA LEU C 96 -33.40 25.64 -2.24
C LEU C 96 -33.73 27.06 -1.82
N PRO C 97 -32.71 27.76 -1.31
CA PRO C 97 -32.86 29.15 -0.87
C PRO C 97 -32.85 30.12 -2.06
N ALA C 98 -32.79 31.43 -1.77
CA ALA C 98 -32.75 32.46 -2.81
C ALA C 98 -31.62 32.26 -3.78
N ALA C 99 -31.87 32.61 -5.03
CA ALA C 99 -30.86 32.56 -6.06
C ALA C 99 -29.59 33.28 -5.61
N GLY C 100 -28.46 32.67 -5.89
CA GLY C 100 -27.16 33.22 -5.53
C GLY C 100 -26.15 32.08 -5.50
N THR C 101 -24.93 32.40 -5.10
CA THR C 101 -23.86 31.41 -4.97
C THR C 101 -23.65 31.06 -3.51
N TYR C 102 -23.55 29.75 -3.22
CA TYR C 102 -23.46 29.24 -1.86
C TYR C 102 -22.21 28.39 -1.70
N THR C 103 -21.40 28.71 -0.70
CA THR C 103 -20.08 28.10 -0.52
C THR C 103 -20.07 27.17 0.68
N PHE C 104 -19.62 25.92 0.45
CA PHE C 104 -19.51 24.89 1.49
C PHE C 104 -18.05 24.68 1.83
N ARG C 105 -17.77 24.26 3.05
CA ARG C 105 -16.41 23.96 3.47
C ARG C 105 -16.31 22.58 4.10
N ALA C 106 -15.15 21.96 3.96
CA ALA C 106 -14.86 20.73 4.66
C ALA C 106 -13.44 20.80 5.15
N GLU C 107 -13.23 20.35 6.39
CA GLU C 107 -11.96 20.50 7.07
C GLU C 107 -11.53 19.26 7.82
N ASN C 108 -10.24 19.03 7.81
CA ASN C 108 -9.60 17.91 8.47
C ASN C 108 -9.10 18.37 9.83
N LYS C 109 -9.71 17.86 10.88
CA LYS C 109 -9.30 18.16 12.24
C LYS C 109 -8.77 16.93 12.94
N SER C 110 -8.19 16.01 12.18
CA SER C 110 -7.81 14.70 12.73
C SER C 110 -6.33 14.62 13.04
N LEU C 111 -5.88 13.50 13.61
CA LEU C 111 -4.46 13.19 13.59
C LEU C 111 -4.10 12.92 12.13
N SER C 112 -3.09 13.58 11.60
CA SER C 112 -2.85 13.50 10.20
C SER C 112 -1.40 13.69 9.81
N ILE C 113 -0.99 12.84 8.88
CA ILE C 113 0.18 13.09 8.06
C ILE C 113 -0.39 13.59 6.75
N GLY C 114 -0.32 14.90 6.56
CA GLY C 114 -1.10 15.49 5.50
C GLY C 114 -1.37 16.95 5.73
N ASN C 115 -1.83 17.62 4.69
CA ASN C 115 -2.20 19.03 4.74
C ASN C 115 -3.64 19.14 5.21
N MLY C 116 -3.84 19.67 6.40
CA MLY C 116 -5.15 19.70 7.01
CB MLY C 116 -5.03 19.66 8.53
CG MLY C 116 -4.58 18.32 9.10
CD MLY C 116 -3.93 18.49 10.48
CE MLY C 116 -4.98 18.54 11.54
NZ MLY C 116 -4.44 18.82 12.90
CH1 MLY C 116 -3.53 17.75 13.33
CH2 MLY C 116 -5.63 18.82 13.76
C MLY C 116 -5.94 20.95 6.60
O MLY C 116 -7.06 21.13 7.07
H MLY C 116 -3.21 20.01 6.88
HA MLY C 116 -5.66 18.91 6.72
HB2 MLY C 116 -4.33 20.44 8.85
HB3 MLY C 116 -5.90 19.85 8.91
HG2 MLY C 116 -5.43 17.64 9.18
HG3 MLY C 116 -3.90 17.93 8.51
HD2 MLY C 116 -3.25 17.66 10.68
HD3 MLY C 116 -3.43 19.33 10.51
HE2 MLY C 116 -5.71 19.31 11.29
HE3 MLY C 116 -5.43 17.68 11.57
HH11 MLY C 116 -6.32 19.60 13.44
HH12 MLY C 116 -6.12 17.84 13.71
HH13 MLY C 116 -5.33 19.02 14.80
HH21 MLY C 116 -4.03 16.79 13.26
HH22 MLY C 116 -2.64 17.75 12.70
HH23 MLY C 116 -3.23 17.92 14.38
N PHE C 117 -5.38 21.78 5.74
CA PHE C 117 -6.09 23.00 5.32
C PHE C 117 -7.46 22.67 4.72
N TYR C 118 -8.47 23.50 5.04
CA TYR C 118 -9.82 23.22 4.56
C TYR C 118 -9.96 23.28 3.05
N ALA C 119 -11.01 22.66 2.52
CA ALA C 119 -11.36 22.72 1.12
C ALA C 119 -12.75 23.39 0.97
N GLU C 120 -12.96 24.10 -0.12
CA GLU C 120 -14.23 24.78 -0.39
C GLU C 120 -14.72 24.53 -1.79
N ALA C 121 -16.05 24.67 -1.97
CA ALA C 121 -16.69 24.50 -3.26
C ALA C 121 -18.04 25.21 -3.21
N SER C 122 -18.54 25.62 -4.36
CA SER C 122 -19.79 26.39 -4.35
C SER C 122 -20.81 25.83 -5.32
N ILE C 123 -22.08 26.18 -5.13
CA ILE C 123 -23.11 25.86 -6.10
C ILE C 123 -23.79 27.20 -6.46
N ASP C 124 -24.42 27.26 -7.62
CA ASP C 124 -25.25 28.39 -7.99
C ASP C 124 -26.71 27.95 -8.00
N VAL C 125 -27.52 28.61 -7.20
CA VAL C 125 -28.97 28.41 -7.24
C VAL C 125 -29.52 29.42 -8.23
N ALA C 126 -30.26 28.93 -9.23
CA ALA C 126 -30.80 29.74 -10.31
C ALA C 126 -32.06 30.55 -9.91
N LYS C 127 -32.26 31.67 -10.59
CA LYS C 127 -33.49 32.45 -10.42
C LYS C 127 -34.64 31.71 -11.07
N ARG C 128 -35.82 31.78 -10.50
CA ARG C 128 -36.95 31.24 -11.23
C ARG C 128 -37.30 32.09 -12.48
N SER C 129 -37.74 31.41 -13.51
CA SER C 129 -37.95 32.03 -14.80
C SER C 129 -39.31 32.71 -14.83
N THR C 130 -39.47 33.62 -15.78
CA THR C 130 -40.71 34.39 -15.92
C THR C 130 -41.29 34.25 -17.33
N GLY D 1 -9.52 -15.42 -1.65
CA GLY D 1 -8.22 -15.77 -2.22
C GLY D 1 -7.29 -16.37 -1.17
N PRO D 2 -6.55 -17.42 -1.56
CA PRO D 2 -5.70 -18.11 -0.57
C PRO D 2 -4.60 -17.21 -0.03
N LEU D 3 -4.27 -17.42 1.26
CA LEU D 3 -3.22 -16.67 1.96
C LEU D 3 -1.96 -17.48 2.23
N GLY D 4 -0.83 -16.77 2.43
CA GLY D 4 0.46 -17.43 2.62
C GLY D 4 0.68 -17.87 4.07
N SER D 5 1.80 -18.54 4.32
CA SER D 5 2.13 -19.03 5.66
C SER D 5 3.19 -18.20 6.34
N ALA D 6 3.12 -18.13 7.65
CA ALA D 6 4.16 -17.54 8.49
C ALA D 6 5.50 -18.26 8.33
N SER D 7 6.58 -17.56 8.62
CA SER D 7 7.92 -18.13 8.58
C SER D 7 8.71 -17.81 9.83
N LEU D 8 9.54 -18.77 10.25
CA LEU D 8 10.42 -18.59 11.40
C LEU D 8 11.78 -19.14 11.00
N PHE D 9 12.81 -18.38 11.32
CA PHE D 9 14.17 -18.81 11.18
C PHE D 9 14.82 -18.82 12.55
N ALA D 10 15.57 -19.88 12.82
CA ALA D 10 16.30 -19.99 14.08
C ALA D 10 17.74 -20.32 13.74
N THR D 11 18.66 -19.45 14.13
N THR D 11 18.63 -19.47 14.26
CA THR D 11 20.07 -19.72 13.88
CA THR D 11 20.02 -19.50 13.92
C THR D 11 20.95 -19.31 15.06
C THR D 11 20.89 -19.34 15.18
N ILE D 12 21.93 -20.15 15.32
CA ILE D 12 22.97 -19.89 16.30
C ILE D 12 23.89 -18.95 15.55
N THR D 13 23.99 -17.72 16.02
CA THR D 13 24.82 -16.71 15.36
C THR D 13 26.20 -16.47 15.99
N GLY D 14 26.44 -17.00 17.19
CA GLY D 14 27.75 -16.84 17.80
C GLY D 14 28.71 -17.84 17.21
N ALA D 15 30.01 -17.64 17.44
CA ALA D 15 31.02 -18.51 16.84
C ALA D 15 30.83 -19.97 17.25
N SER D 16 30.40 -20.21 18.49
CA SER D 16 30.28 -21.58 18.96
C SER D 16 28.86 -22.16 18.82
N MLY D 17 28.80 -23.42 18.40
CA MLY D 17 27.54 -24.17 18.30
CB MLY D 17 27.33 -24.63 16.86
CG MLY D 17 26.93 -23.54 15.90
CD MLY D 17 28.10 -22.77 15.35
CE MLY D 17 27.62 -21.44 14.78
NZ MLY D 17 28.32 -20.90 13.58
CH1 MLY D 17 29.78 -20.87 13.79
CH2 MLY D 17 27.87 -19.50 13.43
C MLY D 17 27.58 -25.41 19.20
O MLY D 17 26.76 -26.30 19.11
HA MLY D 17 26.79 -23.62 18.57
HB2 MLY D 17 28.24 -25.10 16.50
HB3 MLY D 17 26.61 -25.30 16.85
HG2 MLY D 17 26.37 -23.97 15.07
HG3 MLY D 17 26.36 -22.91 16.36
HD2 MLY D 17 28.83 -22.59 16.14
HD3 MLY D 17 28.51 -23.27 14.63
HE2 MLY D 17 26.56 -21.53 14.54
HE3 MLY D 17 27.71 -20.77 15.47
HH11 MLY D 17 26.78 -19.48 13.29
HH12 MLY D 17 28.13 -18.94 14.33
HH13 MLY D 17 28.35 -19.05 12.56
HH21 MLY D 17 29.99 -20.33 14.72
HH22 MLY D 17 30.15 -21.89 13.88
HH23 MLY D 17 30.26 -20.37 12.95
N THR D 18 28.59 -25.44 20.07
CA THR D 18 28.86 -26.61 20.91
C THR D 18 28.14 -26.59 22.24
N GLU D 19 27.62 -27.75 22.63
CA GLU D 19 26.96 -27.92 23.92
C GLU D 19 27.78 -27.34 25.09
N TRP D 20 27.08 -26.74 26.04
CA TRP D 20 27.67 -26.16 27.25
C TRP D 20 28.73 -25.06 26.98
N SER D 21 28.63 -24.40 25.83
CA SER D 21 29.43 -23.20 25.58
C SER D 21 28.53 -21.97 25.39
N PHE D 22 29.10 -20.77 25.54
CA PHE D 22 28.36 -19.52 25.32
C PHE D 22 28.16 -19.26 23.83
N SER D 23 26.95 -18.82 23.47
CA SER D 23 26.71 -18.37 22.10
C SER D 23 25.48 -17.46 22.09
N ASP D 24 25.06 -17.07 20.88
CA ASP D 24 23.87 -16.24 20.70
C ASP D 24 22.93 -16.99 19.75
N ILE D 25 21.63 -16.83 19.99
CA ILE D 25 20.62 -17.42 19.12
C ILE D 25 19.68 -16.30 18.67
N GLU D 26 19.44 -16.21 17.37
CA GLU D 26 18.47 -15.26 16.81
C GLU D 26 17.30 -15.97 16.15
N LEU D 27 16.10 -15.51 16.47
CA LEU D 27 14.84 -16.08 15.97
C LEU D 27 14.15 -14.98 15.18
N THR D 28 13.93 -15.19 13.88
CA THR D 28 13.33 -14.17 13.03
C THR D 28 11.98 -14.69 12.53
N TYR D 29 10.92 -14.00 12.94
CA TYR D 29 9.55 -14.39 12.70
C TYR D 29 8.88 -13.35 11.81
N ARG D 30 8.27 -13.85 10.74
CA ARG D 30 7.36 -13.09 9.91
C ARG D 30 5.99 -13.76 9.94
N PRO D 31 4.99 -13.14 10.60
CA PRO D 31 3.67 -13.75 10.59
C PRO D 31 3.04 -13.83 9.17
N ASN D 32 3.52 -12.98 8.26
CA ASN D 32 3.16 -13.05 6.86
C ASN D 32 1.66 -12.94 6.57
N THR D 33 1.04 -11.89 7.10
CA THR D 33 -0.40 -11.68 6.97
C THR D 33 -0.69 -10.40 6.17
N LEU D 34 -1.90 -10.31 5.64
CA LEU D 34 -2.40 -9.07 5.03
C LEU D 34 -2.47 -7.96 6.07
N LEU D 35 -3.00 -8.28 7.25
CA LEU D 35 -3.18 -7.29 8.30
C LEU D 35 -3.33 -8.00 9.65
N SER D 36 -2.50 -7.66 10.63
CA SER D 36 -2.62 -8.21 12.00
C SER D 36 -2.38 -7.12 13.02
N LEU D 37 -3.16 -7.16 14.10
CA LEU D 37 -2.99 -6.29 15.26
C LEU D 37 -3.26 -7.11 16.49
N GLY D 38 -2.25 -7.20 17.37
CA GLY D 38 -2.38 -7.91 18.64
C GLY D 38 -1.21 -8.82 18.98
N VAL D 39 -1.54 -9.88 19.71
CA VAL D 39 -0.55 -10.72 20.37
C VAL D 39 0.17 -11.68 19.41
N MSE D 40 1.49 -11.65 19.46
CA MSE D 40 2.35 -12.65 18.80
C MSE D 40 3.24 -13.18 19.88
O MSE D 40 3.66 -12.43 20.75
CB MSE D 40 3.24 -12.00 17.76
CG MSE D 40 2.57 -10.97 16.89
SE MSE D 40 2.13 -11.74 15.17
CE MSE D 40 1.03 -10.32 14.28
H MSE D 40 1.94 -11.04 19.87
HA MSE D 40 1.81 -13.35 18.40
HB2 MSE D 40 3.99 -11.57 18.21
HB3 MSE D 40 3.57 -12.70 17.17
HG2 MSE D 40 1.74 -10.67 17.32
HG3 MSE D 40 3.17 -10.22 16.76
HE1 MSE D 40 0.26 -10.15 14.81
HE2 MSE D 40 1.56 -9.52 14.20
HE3 MSE D 40 0.77 -10.63 13.40
N GLU D 41 3.55 -14.47 19.82
CA GLU D 41 4.25 -15.15 20.91
C GLU D 41 5.28 -16.12 20.38
N PHE D 42 6.50 -16.02 20.90
CA PHE D 42 7.54 -17.04 20.68
C PHE D 42 7.52 -18.03 21.84
N THR D 43 7.81 -19.31 21.57
CA THR D 43 7.91 -20.31 22.63
C THR D 43 9.24 -21.04 22.46
N LEU D 44 10.03 -21.04 23.53
CA LEU D 44 11.39 -21.61 23.49
C LEU D 44 11.36 -23.03 24.08
N PRO D 45 12.08 -23.96 23.44
CA PRO D 45 12.12 -25.32 24.00
C PRO D 45 12.96 -25.39 25.28
N SER D 46 12.71 -26.37 26.14
CA SER D 46 13.58 -26.57 27.30
C SER D 46 15.03 -26.63 26.90
N GLY D 47 15.86 -25.94 27.67
CA GLY D 47 17.26 -25.71 27.30
C GLY D 47 17.53 -24.26 26.99
N PHE D 48 16.45 -23.50 26.72
CA PHE D 48 16.58 -22.07 26.37
C PHE D 48 15.50 -21.28 27.08
N THR D 49 15.88 -20.18 27.73
CA THR D 49 14.95 -19.30 28.40
C THR D 49 15.35 -17.86 28.11
N ALA D 50 14.37 -16.99 28.17
CA ALA D 50 14.58 -15.55 27.94
C ALA D 50 14.67 -14.77 29.25
N ASN D 51 15.46 -13.70 29.25
CA ASN D 51 15.47 -12.71 30.32
C ASN D 51 15.65 -11.32 29.74
N THR D 52 15.82 -10.34 30.61
CA THR D 52 15.77 -8.96 30.20
C THR D 52 17.06 -8.48 29.56
N LYS D 53 18.04 -9.38 29.39
CA LYS D 53 19.24 -9.07 28.61
C LYS D 53 19.10 -9.52 27.15
N ASP D 54 18.03 -10.24 26.87
CA ASP D 54 17.68 -10.63 25.51
C ASP D 54 16.86 -9.50 24.89
N THR D 55 16.76 -9.47 23.57
CA THR D 55 16.17 -8.32 22.90
C THR D 55 15.11 -8.73 21.88
N MSE D 56 14.18 -7.82 21.67
CA MSE D 56 13.22 -7.91 20.58
C MSE D 56 13.42 -6.67 19.71
O MSE D 56 13.28 -5.54 20.19
CB MSE D 56 11.81 -7.96 21.09
CG MSE D 56 10.77 -8.11 20.01
SE MSE D 56 10.78 -9.97 19.38
CE MSE D 56 10.04 -10.87 20.98
H MSE D 56 14.06 -7.13 22.16
HA MSE D 56 13.40 -8.71 20.04
HB2 MSE D 56 11.73 -8.73 21.69
HB3 MSE D 56 11.62 -7.14 21.58
HG2 MSE D 56 9.89 -7.90 20.35
HG3 MSE D 56 10.99 -7.53 19.25
HE1 MSE D 56 10.62 -10.70 21.73
HE2 MSE D 56 9.16 -10.52 21.16
HE3 MSE D 56 9.98 -11.81 20.81
N ASN D 57 13.71 -6.90 18.44
CA ASN D 57 14.00 -5.81 17.49
C ASN D 57 14.99 -4.79 18.09
N GLY D 58 16.01 -5.33 18.75
CA GLY D 58 17.16 -4.54 19.19
C GLY D 58 16.97 -3.94 20.58
N ASN D 59 15.81 -4.13 21.19
CA ASN D 59 15.48 -3.50 22.47
C ASN D 59 15.28 -4.55 23.55
N ALA D 60 15.82 -4.29 24.75
CA ALA D 60 15.70 -5.23 25.88
C ALA D 60 14.27 -5.65 26.13
N LEU D 61 14.06 -6.95 26.36
CA LEU D 61 12.77 -7.45 26.79
C LEU D 61 12.40 -6.87 28.17
N ARG D 62 11.13 -6.54 28.32
CA ARG D 62 10.55 -6.20 29.61
C ARG D 62 10.07 -7.48 30.30
N THR D 63 10.17 -7.47 31.62
CA THR D 63 9.68 -8.57 32.46
C THR D 63 8.29 -9.03 32.10
N THR D 64 7.42 -8.08 31.79
CA THR D 64 6.04 -8.35 31.43
C THR D 64 5.90 -9.14 30.12
N GLN D 65 6.91 -9.08 29.26
CA GLN D 65 6.91 -9.84 28.01
C GLN D 65 7.36 -11.28 28.17
N ILE D 66 7.94 -11.62 29.31
CA ILE D 66 8.51 -12.95 29.52
C ILE D 66 7.63 -13.74 30.46
N LEU D 67 7.07 -14.83 29.96
CA LEU D 67 6.09 -15.58 30.72
C LEU D 67 6.50 -17.04 30.85
N ASN D 68 5.81 -17.73 31.74
CA ASN D 68 5.96 -19.17 31.89
C ASN D 68 7.41 -19.54 32.15
N ASN D 69 8.00 -18.86 33.12
CA ASN D 69 9.36 -19.15 33.54
C ASN D 69 10.40 -19.02 32.46
N GLY D 70 10.26 -18.00 31.62
CA GLY D 70 11.24 -17.69 30.61
C GLY D 70 11.06 -18.48 29.32
N LYS D 71 9.98 -19.25 29.23
CA LYS D 71 9.74 -20.08 28.07
C LYS D 71 8.97 -19.34 26.95
N THR D 72 8.22 -18.32 27.34
CA THR D 72 7.35 -17.60 26.41
C THR D 72 7.75 -16.14 26.30
N VAL D 73 7.87 -15.62 25.07
CA VAL D 73 8.15 -14.19 24.88
C VAL D 73 7.07 -13.60 24.00
N ARG D 74 6.34 -12.63 24.56
CA ARG D 74 5.16 -12.07 23.93
C ARG D 74 5.39 -10.65 23.44
N VAL D 75 4.85 -10.36 22.26
CA VAL D 75 4.72 -9.01 21.75
C VAL D 75 3.22 -8.71 21.80
N PRO D 76 2.76 -7.98 22.83
CA PRO D 76 1.31 -7.89 23.03
C PRO D 76 0.55 -7.07 21.97
N LEU D 77 1.24 -6.12 21.34
CA LEU D 77 0.57 -5.26 20.38
C LEU D 77 1.43 -5.15 19.13
N ALA D 78 1.65 -6.30 18.50
CA ALA D 78 2.30 -6.39 17.22
C ALA D 78 1.38 -5.82 16.11
N LEU D 79 2.01 -5.42 15.02
CA LEU D 79 1.32 -4.94 13.84
C LEU D 79 1.96 -5.61 12.64
N ASP D 80 1.13 -6.04 11.71
CA ASP D 80 1.61 -6.60 10.45
C ASP D 80 0.77 -6.02 9.32
N LEU D 81 1.43 -5.78 8.19
CA LEU D 81 0.77 -5.27 6.99
C LEU D 81 1.49 -5.83 5.78
N LEU D 82 0.76 -6.56 4.94
CA LEU D 82 1.28 -7.11 3.68
C LEU D 82 2.50 -8.02 3.83
N GLY D 83 2.64 -8.64 4.99
CA GLY D 83 3.77 -9.51 5.23
C GLY D 83 5.09 -8.77 5.44
N ALA D 84 5.03 -7.47 5.72
CA ALA D 84 6.25 -6.68 5.92
C ALA D 84 6.71 -6.64 7.37
N GLY D 85 5.81 -6.97 8.30
CA GLY D 85 6.18 -7.05 9.69
C GLY D 85 7.18 -8.17 9.99
N GLU D 86 8.07 -7.89 10.93
CA GLU D 86 9.12 -8.82 11.31
C GLU D 86 9.53 -8.59 12.79
N PHE D 87 9.70 -9.70 13.49
CA PHE D 87 10.08 -9.72 14.89
C PHE D 87 11.33 -10.57 15.04
N MLY D 88 12.39 -9.96 15.57
CA MLY D 88 13.66 -10.63 15.78
CB MLY D 88 14.77 -9.87 15.09
CG MLY D 88 14.78 -10.03 13.59
CD MLY D 88 16.06 -9.53 12.98
CE MLY D 88 16.20 -10.07 11.57
NZ MLY D 88 17.33 -9.47 10.79
CH1 MLY D 88 17.03 -9.80 9.39
CH2 MLY D 88 18.53 -10.25 11.12
C MLY D 88 13.97 -10.71 17.26
O MLY D 88 14.28 -9.69 17.92
H MLY D 88 12.39 -9.14 15.83
HA MLY D 88 13.62 -11.54 15.41
HB2 MLY D 88 14.68 -8.81 15.33
HB3 MLY D 88 15.62 -10.20 15.42
HG2 MLY D 88 14.65 -11.08 13.35
HG3 MLY D 88 14.04 -9.52 13.22
HD2 MLY D 88 16.05 -8.44 12.96
HD3 MLY D 88 16.81 -9.84 13.51
HE2 MLY D 88 16.34 -11.15 11.62
HE3 MLY D 88 15.38 -9.89 11.08
HH11 MLY D 88 18.72 -10.19 12.19
HH12 MLY D 88 18.37 -11.30 10.85
HH13 MLY D 88 19.38 -9.86 10.58
HH21 MLY D 88 16.88 -10.88 9.29
HH22 MLY D 88 16.12 -9.28 9.08
HH23 MLY D 88 17.86 -9.50 8.76
N LEU D 89 13.86 -11.92 17.80
CA LEU D 89 14.19 -12.16 19.19
C LEU D 89 15.62 -12.66 19.23
N LYS D 90 16.46 -11.96 19.98
CA LYS D 90 17.86 -12.37 20.10
C LYS D 90 18.13 -12.78 21.54
N LEU D 91 18.63 -14.00 21.67
CA LEU D 91 18.97 -14.62 22.95
C LEU D 91 20.47 -14.48 23.04
N ASN D 92 20.87 -13.56 23.92
CA ASN D 92 22.25 -13.13 24.08
C ASN D 92 23.01 -13.91 25.12
N ASN D 93 24.19 -14.37 24.74
CA ASN D 93 25.14 -14.96 25.67
C ASN D 93 24.54 -16.09 26.50
N LYS D 94 23.98 -17.09 25.81
CA LYS D 94 23.32 -18.19 26.47
C LYS D 94 24.29 -19.33 26.52
N THR D 95 24.19 -20.15 27.55
CA THR D 95 24.91 -21.39 27.60
C THR D 95 24.11 -22.45 26.84
N LEU D 96 24.67 -22.93 25.74
CA LEU D 96 23.97 -23.94 24.96
C LEU D 96 23.79 -25.21 25.79
N PRO D 97 22.61 -25.85 25.67
CA PRO D 97 22.31 -27.07 26.40
C PRO D 97 22.98 -28.27 25.73
N ALA D 98 22.66 -29.47 26.18
CA ALA D 98 23.22 -30.70 25.61
C ALA D 98 22.99 -30.83 24.10
N ALA D 99 23.90 -31.55 23.45
CA ALA D 99 23.84 -31.75 22.03
C ALA D 99 22.50 -32.31 21.61
N GLY D 100 22.00 -31.83 20.47
CA GLY D 100 20.72 -32.25 19.98
C GLY D 100 20.10 -31.17 19.10
N THR D 101 18.91 -31.46 18.62
CA THR D 101 18.12 -30.55 17.80
C THR D 101 16.99 -29.96 18.64
N TYR D 102 16.89 -28.64 18.67
CA TYR D 102 15.92 -27.94 19.52
C TYR D 102 15.01 -27.12 18.62
N THR D 103 13.71 -27.21 18.85
CA THR D 103 12.72 -26.59 17.96
C THR D 103 12.02 -25.42 18.63
N PHE D 104 12.09 -24.29 17.97
CA PHE D 104 11.47 -23.05 18.40
C PHE D 104 10.19 -22.84 17.59
N ARG D 105 9.23 -22.14 18.18
CA ARG D 105 7.97 -21.82 17.54
C ARG D 105 7.59 -20.36 17.75
N ALA D 106 6.77 -19.87 16.83
CA ALA D 106 6.16 -18.56 16.97
C ALA D 106 4.75 -18.65 16.46
N GLU D 107 3.85 -17.95 17.14
CA GLU D 107 2.46 -18.05 16.87
C GLU D 107 1.78 -16.69 16.81
N ASN D 108 0.83 -16.60 15.91
CA ASN D 108 0.02 -15.38 15.70
C ASN D 108 -1.29 -15.52 16.46
N LYS D 109 -1.42 -14.79 17.57
CA LYS D 109 -2.65 -14.86 18.36
C LYS D 109 -3.41 -13.54 18.31
N SER D 110 -3.22 -12.80 17.21
CA SER D 110 -3.74 -11.45 17.08
C SER D 110 -5.07 -11.41 16.30
N LEU D 111 -5.72 -10.25 16.27
CA LEU D 111 -6.72 -9.97 15.23
C LEU D 111 -6.03 -10.00 13.89
N SER D 112 -6.53 -10.81 12.98
CA SER D 112 -5.79 -11.05 11.77
C SER D 112 -6.61 -11.42 10.57
N ILE D 113 -6.23 -10.82 9.46
CA ILE D 113 -6.61 -11.29 8.17
C ILE D 113 -5.38 -11.98 7.62
N GLY D 114 -5.39 -13.29 7.69
CA GLY D 114 -4.19 -14.05 7.37
C GLY D 114 -4.27 -15.47 7.88
N ASN D 115 -3.24 -16.24 7.58
CA ASN D 115 -3.15 -17.59 8.12
C ASN D 115 -2.47 -17.52 9.48
N MLY D 116 -3.16 -17.87 10.56
CA MLY D 116 -2.57 -17.73 11.89
CB MLY D 116 -3.66 -17.40 12.94
CG MLY D 116 -4.41 -16.09 12.64
CD MLY D 116 -4.93 -15.42 13.92
CE MLY D 116 -6.13 -16.11 14.48
NZ MLY D 116 -6.81 -15.21 15.48
CH1 MLY D 116 -6.30 -15.54 16.81
CH2 MLY D 116 -8.24 -15.52 15.45
C MLY D 116 -1.76 -18.93 12.41
O MLY D 116 -1.19 -18.86 13.48
H MLY D 116 -3.96 -18.19 10.56
HA MLY D 116 -1.97 -16.95 11.87
HB2 MLY D 116 -4.38 -18.22 12.96
HB3 MLY D 116 -3.24 -17.31 13.81
HG2 MLY D 116 -3.74 -15.40 12.12
HG3 MLY D 116 -5.17 -16.29 12.07
HD2 MLY D 116 -4.15 -15.42 14.67
HD3 MLY D 116 -5.19 -14.51 13.70
HE2 MLY D 116 -6.82 -16.35 13.68
HE3 MLY D 116 -5.85 -16.92 14.94
HH11 MLY D 116 -8.64 -15.34 14.45
HH12 MLY D 116 -8.39 -16.57 15.72
HH13 MLY D 116 -8.76 -14.89 16.17
HH21 MLY D 116 -6.41 -16.60 17.00
HH22 MLY D 116 -5.25 -15.28 16.88
HH23 MLY D 116 -6.86 -14.98 17.57
N PHE D 117 -1.69 -20.00 11.62
CA PHE D 117 -0.94 -21.20 11.98
C PHE D 117 0.51 -20.94 12.39
N TYR D 118 0.98 -21.61 13.43
CA TYR D 118 2.33 -21.32 13.94
C TYR D 118 3.44 -21.64 12.94
N ALA D 119 4.60 -21.03 13.16
CA ALA D 119 5.78 -21.35 12.38
C ALA D 119 6.76 -22.02 13.35
N GLU D 120 7.63 -22.86 12.80
CA GLU D 120 8.65 -23.48 13.63
C GLU D 120 9.97 -23.52 12.89
N ALA D 121 11.05 -23.66 13.67
CA ALA D 121 12.38 -23.78 13.11
C ALA D 121 13.29 -24.36 14.21
N SER D 122 14.30 -25.11 13.81
CA SER D 122 15.18 -25.77 14.79
C SER D 122 16.64 -25.35 14.66
N ILE D 123 17.41 -25.58 15.71
CA ILE D 123 18.86 -25.43 15.67
C ILE D 123 19.51 -26.76 16.14
N ASP D 124 20.71 -27.00 15.66
CA ASP D 124 21.48 -28.18 16.09
C ASP D 124 22.62 -27.73 16.98
N VAL D 125 22.67 -28.30 18.18
CA VAL D 125 23.77 -28.07 19.10
C VAL D 125 24.70 -29.28 18.98
N ALA D 126 25.98 -29.00 18.73
CA ALA D 126 26.98 -30.02 18.45
C ALA D 126 27.58 -30.64 19.71
N LYS D 127 28.01 -31.89 19.61
CA LYS D 127 28.67 -32.60 20.70
C LYS D 127 30.05 -32.02 21.01
N ARG D 128 30.45 -32.12 22.26
CA ARG D 128 31.81 -31.79 22.65
C ARG D 128 32.75 -32.75 21.92
N SER D 129 33.86 -32.20 21.45
CA SER D 129 34.84 -32.90 20.62
C SER D 129 34.53 -34.37 20.42
N GLY E 1 -13.51 5.27 -1.82
CA GLY E 1 -12.50 4.33 -2.39
C GLY E 1 -12.84 3.46 -3.61
N PRO E 2 -11.90 2.58 -4.02
CA PRO E 2 -12.02 1.82 -5.25
C PRO E 2 -12.84 0.50 -5.13
N LEU E 3 -13.28 0.17 -3.93
CA LEU E 3 -14.14 -1.00 -3.76
C LEU E 3 -15.63 -0.64 -3.74
N GLY E 4 -16.46 -1.68 -3.89
CA GLY E 4 -17.91 -1.54 -3.86
C GLY E 4 -18.48 -1.36 -2.48
N SER E 5 -19.81 -1.39 -2.39
CA SER E 5 -20.51 -1.23 -1.12
C SER E 5 -20.33 -2.45 -0.23
N ALA E 6 -20.43 -2.23 1.08
CA ALA E 6 -20.51 -3.30 2.06
C ALA E 6 -21.61 -4.23 1.57
N SER E 7 -21.43 -5.53 1.80
CA SER E 7 -22.52 -6.46 1.49
C SER E 7 -22.91 -7.31 2.70
N LEU E 8 -24.18 -7.72 2.73
CA LEU E 8 -24.69 -8.60 3.76
C LEU E 8 -25.52 -9.65 3.07
N PHE E 9 -25.26 -10.91 3.38
CA PHE E 9 -26.10 -11.99 2.89
C PHE E 9 -26.73 -12.66 4.11
N ALA E 10 -28.04 -12.90 4.06
CA ALA E 10 -28.77 -13.45 5.21
C ALA E 10 -29.55 -14.66 4.69
N THR E 11 -29.44 -15.80 5.39
CA THR E 11 -30.14 -16.99 4.94
C THR E 11 -30.44 -17.96 6.09
N ILE E 12 -31.56 -18.66 5.97
CA ILE E 12 -31.90 -19.72 6.94
C ILE E 12 -31.27 -21.02 6.42
N THR E 13 -30.26 -21.49 7.15
CA THR E 13 -29.51 -22.66 6.74
C THR E 13 -30.11 -23.95 7.36
N GLY E 14 -30.91 -23.81 8.41
CA GLY E 14 -31.54 -24.98 9.00
C GLY E 14 -32.55 -25.59 8.05
N ALA E 15 -32.89 -26.86 8.26
CA ALA E 15 -33.86 -27.54 7.41
C ALA E 15 -35.20 -26.83 7.39
N SER E 16 -35.66 -26.35 8.53
CA SER E 16 -36.97 -25.71 8.61
C SER E 16 -36.90 -24.19 8.44
N MLY E 17 -37.79 -23.64 7.61
CA MLY E 17 -37.95 -22.19 7.41
CB MLY E 17 -37.92 -21.88 5.90
CG MLY E 17 -36.52 -21.91 5.27
CD MLY E 17 -35.83 -23.26 5.27
CE MLY E 17 -34.53 -23.26 4.45
NZ MLY E 17 -33.80 -24.59 4.51
CH1 MLY E 17 -32.42 -24.42 3.97
CH2 MLY E 17 -34.48 -25.48 3.53
C MLY E 17 -39.29 -21.71 8.01
O MLY E 17 -39.74 -20.58 7.78
H MLY E 17 -38.34 -24.10 7.14
HA MLY E 17 -37.22 -21.71 7.84
HB2 MLY E 17 -38.55 -22.59 5.39
HB3 MLY E 17 -38.28 -20.99 5.78
HG2 MLY E 17 -36.60 -21.55 4.24
HG3 MLY E 17 -35.95 -21.30 5.77
HD2 MLY E 17 -35.63 -23.56 6.29
HD3 MLY E 17 -36.44 -23.91 4.86
HE2 MLY E 17 -34.75 -23.01 3.42
HE3 MLY E 17 -33.93 -22.57 4.82
HH11 MLY E 17 -35.53 -25.59 3.80
HH12 MLY E 17 -34.41 -25.03 2.53
HH13 MLY E 17 -34.00 -26.45 3.52
HH21 MLY E 17 -32.48 -23.97 2.98
HH22 MLY E 17 -31.85 -23.78 4.64
HH23 MLY E 17 -31.94 -25.39 3.91
N THR E 18 -39.94 -22.59 8.78
CA THR E 18 -41.28 -22.31 9.30
C THR E 18 -41.35 -21.65 10.69
N GLU E 19 -42.25 -20.69 10.81
CA GLU E 19 -42.48 -19.99 12.07
C GLU E 19 -42.59 -20.99 13.24
N TRP E 20 -42.00 -20.60 14.37
CA TRP E 20 -42.06 -21.33 15.64
C TRP E 20 -41.39 -22.67 15.65
N SER E 21 -40.52 -22.90 14.66
CA SER E 21 -39.75 -24.12 14.64
C SER E 21 -38.30 -23.78 14.89
N PHE E 22 -37.54 -24.76 15.35
CA PHE E 22 -36.09 -24.60 15.51
C PHE E 22 -35.38 -24.51 14.16
N SER E 23 -34.46 -23.56 14.02
CA SER E 23 -33.66 -23.53 12.82
C SER E 23 -32.34 -22.76 13.09
N ASP E 24 -31.58 -22.51 12.02
CA ASP E 24 -30.27 -21.84 12.09
C ASP E 24 -30.25 -20.71 11.04
N ILE E 25 -29.59 -19.59 11.35
CA ILE E 25 -29.51 -18.49 10.41
C ILE E 25 -28.03 -18.14 10.25
N GLU E 26 -27.60 -17.78 9.05
CA GLU E 26 -26.21 -17.34 8.84
C GLU E 26 -26.21 -15.98 8.19
N LEU E 27 -25.44 -15.07 8.78
CA LEU E 27 -25.37 -13.67 8.33
C LEU E 27 -23.91 -13.39 7.93
N THR E 28 -23.66 -13.17 6.63
CA THR E 28 -22.28 -13.06 6.12
C THR E 28 -22.08 -11.61 5.69
N TYR E 29 -21.25 -10.90 6.44
CA TYR E 29 -21.04 -9.47 6.21
C TYR E 29 -19.63 -9.25 5.66
N ARG E 30 -19.55 -8.54 4.55
CA ARG E 30 -18.27 -8.12 3.96
C ARG E 30 -18.22 -6.59 3.86
N PRO E 31 -17.37 -5.96 4.68
CA PRO E 31 -17.29 -4.49 4.72
C PRO E 31 -16.93 -3.91 3.37
N ASN E 32 -16.14 -4.66 2.60
CA ASN E 32 -15.65 -4.20 1.31
C ASN E 32 -15.01 -2.80 1.39
N THR E 33 -14.07 -2.67 2.31
CA THR E 33 -13.33 -1.43 2.54
C THR E 33 -11.87 -1.58 2.15
N LEU E 34 -11.27 -0.48 1.71
CA LEU E 34 -9.84 -0.45 1.47
C LEU E 34 -9.09 -0.83 2.75
N LEU E 35 -9.55 -0.29 3.88
CA LEU E 35 -8.96 -0.51 5.21
C LEU E 35 -10.02 -0.22 6.26
N SER E 36 -10.12 -1.11 7.26
CA SER E 36 -10.93 -0.85 8.43
C SER E 36 -10.17 -1.26 9.66
N LEU E 37 -10.36 -0.47 10.72
CA LEU E 37 -9.73 -0.64 12.01
C LEU E 37 -10.74 -0.30 13.09
N GLY E 38 -12.01 -0.23 12.70
CA GLY E 38 -13.04 0.34 13.56
C GLY E 38 -14.04 -0.61 14.19
N VAL E 39 -15.10 -0.03 14.69
CA VAL E 39 -16.21 -0.79 15.29
C VAL E 39 -17.07 -1.36 14.19
N MSE E 40 -17.48 -2.63 14.34
CA MSE E 40 -18.40 -3.22 13.39
C MSE E 40 -19.55 -3.79 14.23
O MSE E 40 -19.29 -4.40 15.25
CB MSE E 40 -17.73 -4.34 12.64
CG MSE E 40 -18.48 -4.89 11.50
SE MSE E 40 -19.79 -6.29 12.06
CE MSE E 40 -18.56 -7.42 13.10
H MSE E 40 -17.22 -3.14 14.98
HA MSE E 40 -18.74 -2.55 12.77
HB2 MSE E 40 -16.88 -4.02 12.30
HB3 MSE E 40 -17.57 -5.07 13.26
HG2 MSE E 40 -18.97 -4.18 11.06
HG3 MSE E 40 -17.86 -5.30 10.87
HE1 MSE E 40 -18.20 -6.90 13.81
HE2 MSE E 40 -19.06 -8.16 13.46
HE3 MSE E 40 -17.87 -7.74 12.52
N GLU E 41 -20.80 -3.59 13.81
CA GLU E 41 -21.86 -4.22 14.55
C GLU E 41 -23.00 -4.75 13.68
N PHE E 42 -23.54 -5.88 14.11
CA PHE E 42 -24.74 -6.46 13.53
C PHE E 42 -25.93 -5.98 14.35
N THR E 43 -27.04 -5.74 13.68
CA THR E 43 -28.28 -5.40 14.35
C THR E 43 -29.33 -6.41 13.93
N LEU E 44 -29.92 -7.09 14.91
CA LEU E 44 -30.91 -8.12 14.67
C LEU E 44 -32.31 -7.54 14.89
N PRO E 45 -33.30 -7.90 14.04
CA PRO E 45 -34.67 -7.40 14.19
C PRO E 45 -35.40 -8.15 15.31
N SER E 46 -36.42 -7.52 15.88
CA SER E 46 -37.19 -8.14 16.95
C SER E 46 -37.61 -9.49 16.44
N GLY E 47 -37.52 -10.49 17.31
CA GLY E 47 -37.76 -11.87 16.92
C GLY E 47 -36.49 -12.69 16.95
N PHE E 48 -35.33 -12.03 16.88
CA PHE E 48 -34.05 -12.75 16.88
C PHE E 48 -33.13 -12.11 17.91
N THR E 49 -32.45 -12.92 18.71
CA THR E 49 -31.43 -12.42 19.63
C THR E 49 -30.21 -13.31 19.56
N ALA E 50 -29.07 -12.76 19.96
CA ALA E 50 -27.82 -13.48 20.04
C ALA E 50 -27.50 -13.87 21.49
N ASN E 51 -26.76 -14.96 21.64
CA ASN E 51 -26.25 -15.42 22.92
C ASN E 51 -24.91 -16.08 22.70
N THR E 52 -24.29 -16.56 23.78
CA THR E 52 -22.93 -17.07 23.68
C THR E 52 -22.83 -18.45 23.04
N LYS E 53 -23.93 -19.05 22.61
CA LYS E 53 -23.83 -20.25 21.79
C LYS E 53 -23.83 -19.94 20.29
N ASP E 54 -24.04 -18.67 19.96
CA ASP E 54 -23.86 -18.20 18.60
C ASP E 54 -22.37 -17.92 18.33
N THR E 55 -21.98 -17.87 17.06
CA THR E 55 -20.56 -17.71 16.74
C THR E 55 -20.29 -16.62 15.71
N MSE E 56 -19.10 -16.01 15.83
CA MSE E 56 -18.56 -15.10 14.83
C MSE E 56 -17.30 -15.72 14.24
O MSE E 56 -16.35 -15.99 14.94
CB MSE E 56 -18.28 -13.74 15.50
CG MSE E 56 -17.74 -12.72 14.55
SE MSE E 56 -19.22 -12.02 13.53
CE MSE E 56 -20.00 -10.93 14.95
H MSE E 56 -18.57 -16.13 16.49
HA MSE E 56 -19.23 -14.96 14.12
HB2 MSE E 56 -19.10 -13.39 15.88
HB3 MSE E 56 -17.62 -13.87 16.20
HG2 MSE E 56 -17.33 -11.99 15.04
HG3 MSE E 56 -17.11 -13.13 13.94
HE1 MSE E 56 -20.24 -11.50 15.68
HE2 MSE E 56 -19.35 -10.28 15.23
HE3 MSE E 56 -20.78 -10.49 14.60
N ASN E 57 -17.29 -15.94 12.92
CA ASN E 57 -16.19 -16.62 12.26
C ASN E 57 -15.77 -17.88 13.02
N GLY E 58 -16.77 -18.60 13.50
CA GLY E 58 -16.55 -19.90 14.13
C GLY E 58 -16.19 -19.84 15.60
N ASN E 59 -16.00 -18.64 16.13
CA ASN E 59 -15.71 -18.47 17.56
C ASN E 59 -16.94 -18.07 18.33
N ALA E 60 -17.16 -18.69 19.50
CA ALA E 60 -18.26 -18.30 20.39
C ALA E 60 -18.29 -16.79 20.68
N LEU E 61 -19.46 -16.21 20.61
CA LEU E 61 -19.66 -14.83 20.98
C LEU E 61 -19.31 -14.68 22.45
N ARG E 62 -18.70 -13.56 22.79
CA ARG E 62 -18.44 -13.23 24.18
C ARG E 62 -19.56 -12.31 24.69
N THR E 63 -19.83 -12.38 25.99
CA THR E 63 -20.89 -11.55 26.54
C THR E 63 -20.59 -10.06 26.34
N THR E 64 -19.31 -9.69 26.28
CA THR E 64 -19.00 -8.28 26.05
C THR E 64 -19.35 -7.81 24.63
N GLN E 65 -19.58 -8.75 23.72
CA GLN E 65 -19.93 -8.42 22.35
C GLN E 65 -21.42 -8.29 22.12
N ILE E 66 -22.20 -8.78 23.08
CA ILE E 66 -23.65 -8.84 22.90
C ILE E 66 -24.32 -7.76 23.72
N LEU E 67 -25.05 -6.88 23.06
CA LEU E 67 -25.57 -5.68 23.69
C LEU E 67 -27.04 -5.50 23.38
N ASN E 68 -27.64 -4.51 24.01
CA ASN E 68 -29.03 -4.15 23.75
C ASN E 68 -29.96 -5.36 23.77
N ASN E 69 -29.91 -6.14 24.84
CA ASN E 69 -30.86 -7.22 25.02
C ASN E 69 -30.76 -8.28 23.92
N GLY E 70 -29.53 -8.54 23.50
CA GLY E 70 -29.25 -9.55 22.49
C GLY E 70 -29.50 -9.13 21.05
N LYS E 71 -29.84 -7.86 20.83
CA LYS E 71 -30.14 -7.35 19.51
C LYS E 71 -28.90 -6.82 18.74
N THR E 72 -27.82 -6.59 19.47
CA THR E 72 -26.63 -6.00 18.87
C THR E 72 -25.44 -6.92 19.13
N VAL E 73 -24.67 -7.23 18.10
CA VAL E 73 -23.45 -7.97 18.28
C VAL E 73 -22.31 -7.08 17.74
N ARG E 74 -21.38 -6.70 18.61
CA ARG E 74 -20.40 -5.69 18.24
C ARG E 74 -18.97 -6.22 18.35
N VAL E 75 -18.14 -5.89 17.34
CA VAL E 75 -16.70 -6.11 17.39
C VAL E 75 -16.02 -4.73 17.47
N PRO E 76 -15.28 -4.42 18.56
CA PRO E 76 -14.76 -3.06 18.76
C PRO E 76 -13.62 -2.70 17.82
N LEU E 77 -12.93 -3.70 17.32
CA LEU E 77 -11.80 -3.46 16.41
C LEU E 77 -11.86 -4.50 15.33
N ALA E 78 -12.50 -4.11 14.24
CA ALA E 78 -12.84 -4.99 13.13
C ALA E 78 -11.97 -4.72 11.92
N LEU E 79 -11.08 -5.67 11.60
CA LEU E 79 -10.13 -5.48 10.51
C LEU E 79 -10.73 -5.73 9.13
N ASP E 80 -10.27 -4.94 8.16
CA ASP E 80 -10.44 -5.25 6.76
C ASP E 80 -9.23 -4.66 6.01
N LEU E 81 -8.87 -5.31 4.92
CA LEU E 81 -7.83 -4.84 4.01
C LEU E 81 -8.25 -5.20 2.61
N LEU E 82 -8.45 -4.18 1.78
CA LEU E 82 -8.89 -4.39 0.40
C LEU E 82 -10.02 -5.42 0.26
N GLY E 83 -11.00 -5.36 1.15
CA GLY E 83 -12.18 -6.18 1.00
C GLY E 83 -11.98 -7.65 1.30
N ALA E 84 -10.81 -8.01 1.86
CA ALA E 84 -10.57 -9.43 2.23
C ALA E 84 -11.27 -9.86 3.52
N GLY E 85 -11.73 -8.91 4.30
CA GLY E 85 -12.36 -9.23 5.56
C GLY E 85 -13.77 -9.77 5.39
N GLU E 86 -14.19 -10.58 6.37
CA GLU E 86 -15.54 -11.14 6.40
C GLU E 86 -15.92 -11.43 7.84
N PHE E 87 -17.19 -11.16 8.19
CA PHE E 87 -17.73 -11.48 9.49
C PHE E 87 -18.99 -12.33 9.31
N MLY E 88 -18.89 -13.61 9.67
CA MLY E 88 -19.99 -14.55 9.49
CB MLY E 88 -19.57 -15.82 8.77
CG MLY E 88 -20.72 -16.82 8.67
CD MLY E 88 -20.55 -17.95 7.64
CE MLY E 88 -19.13 -18.31 7.31
NZ MLY E 88 -18.98 -19.52 6.41
CH1 MLY E 88 -20.27 -20.23 6.25
CH2 MLY E 88 -18.18 -20.43 7.24
C MLY E 88 -20.56 -14.87 10.86
O MLY E 88 -19.92 -15.51 11.68
H MLY E 88 -18.19 -13.96 10.01
HA MLY E 88 -20.69 -14.11 8.95
HB2 MLY E 88 -19.21 -15.58 7.76
HB3 MLY E 88 -18.84 -16.24 9.27
HG2 MLY E 88 -20.87 -17.26 9.65
HG3 MLY E 88 -21.52 -16.33 8.42
HD2 MLY E 88 -21.06 -18.84 8.01
HD3 MLY E 88 -20.98 -17.67 6.82
HE2 MLY E 88 -18.67 -17.45 6.82
HE3 MLY E 88 -18.67 -18.50 8.13
HH11 MLY E 88 -17.22 -19.96 7.47
HH12 MLY E 88 -18.70 -20.65 8.16
HH13 MLY E 88 -17.99 -21.35 6.70
HH21 MLY E 88 -20.68 -20.46 7.23
HH22 MLY E 88 -20.97 -19.59 5.71
HH23 MLY E 88 -20.11 -21.15 5.70
N LEU E 89 -21.75 -14.34 11.10
CA LEU E 89 -22.45 -14.58 12.35
C LEU E 89 -23.42 -15.73 12.16
N LYS E 90 -23.20 -16.80 12.92
CA LYS E 90 -24.11 -17.93 12.91
C LYS E 90 -25.02 -17.85 14.14
N LEU E 91 -26.31 -17.76 13.87
CA LEU E 91 -27.34 -17.82 14.92
C LEU E 91 -27.85 -19.25 14.97
N ASN E 92 -27.48 -19.95 16.04
CA ASN E 92 -27.63 -21.38 16.15
C ASN E 92 -28.85 -21.77 16.96
N ASN E 93 -29.60 -22.70 16.38
CA ASN E 93 -30.75 -23.28 17.05
C ASN E 93 -31.68 -22.26 17.66
N LYS E 94 -32.21 -21.37 16.83
CA LYS E 94 -33.16 -20.38 17.25
C LYS E 94 -34.55 -20.89 16.98
N THR E 95 -35.50 -20.38 17.75
CA THR E 95 -36.89 -20.56 17.43
C THR E 95 -37.29 -19.45 16.50
N LEU E 96 -37.65 -19.79 15.27
CA LEU E 96 -38.06 -18.77 14.32
C LEU E 96 -39.32 -18.13 14.85
N PRO E 97 -39.45 -16.82 14.64
CA PRO E 97 -40.60 -16.05 15.11
C PRO E 97 -41.77 -16.16 14.14
N ALA E 98 -42.79 -15.35 14.34
CA ALA E 98 -43.98 -15.40 13.49
C ALA E 98 -43.61 -15.22 12.02
N ALA E 99 -44.39 -15.84 11.14
CA ALA E 99 -44.19 -15.72 9.69
C ALA E 99 -44.09 -14.29 9.26
N GLY E 100 -43.24 -14.02 8.28
CA GLY E 100 -43.03 -12.66 7.82
C GLY E 100 -41.62 -12.47 7.30
N THR E 101 -41.29 -11.22 6.97
CA THR E 101 -39.99 -10.90 6.39
C THR E 101 -39.21 -10.17 7.46
N TYR E 102 -37.97 -10.59 7.70
CA TYR E 102 -37.17 -10.04 8.79
C TYR E 102 -35.86 -9.52 8.22
N THR E 103 -35.50 -8.28 8.58
CA THR E 103 -34.34 -7.63 7.97
C THR E 103 -33.21 -7.46 8.98
N PHE E 104 -32.03 -7.92 8.60
CA PHE E 104 -30.83 -7.82 9.41
C PHE E 104 -29.93 -6.73 8.84
N ARG E 105 -29.05 -6.19 9.67
CA ARG E 105 -28.17 -5.08 9.25
C ARG E 105 -26.79 -5.34 9.83
N ALA E 106 -25.75 -4.94 9.09
CA ALA E 106 -24.40 -4.94 9.64
C ALA E 106 -23.75 -3.68 9.14
N GLU E 107 -22.86 -3.11 9.95
CA GLU E 107 -22.17 -1.90 9.52
C GLU E 107 -20.84 -1.66 10.21
N ASN E 108 -19.98 -0.92 9.51
CA ASN E 108 -18.75 -0.43 10.10
C ASN E 108 -19.02 0.98 10.58
N LYS E 109 -18.87 1.21 11.87
CA LYS E 109 -19.30 2.48 12.46
C LYS E 109 -18.18 3.49 12.64
N SER E 110 -16.95 3.06 12.43
CA SER E 110 -15.78 3.96 12.60
C SER E 110 -14.60 3.46 11.82
N LEU E 111 -13.62 4.35 11.66
CA LEU E 111 -12.29 4.04 11.13
C LEU E 111 -12.32 3.08 9.95
N SER E 112 -13.02 3.47 8.88
CA SER E 112 -13.09 2.70 7.66
C SER E 112 -13.02 3.60 6.45
N ILE E 113 -12.36 3.10 5.42
CA ILE E 113 -12.33 3.75 4.13
C ILE E 113 -13.21 3.00 3.17
N GLY E 114 -14.15 3.72 2.56
CA GLY E 114 -15.07 3.10 1.64
C GLY E 114 -16.25 3.97 1.25
N ASN E 115 -17.11 3.44 0.38
CA ASN E 115 -18.16 4.26 -0.23
C ASN E 115 -19.50 4.15 0.44
N MLY E 116 -19.70 3.05 1.13
CA MLY E 116 -20.95 2.77 1.84
CB MLY E 116 -22.04 2.30 0.87
CG MLY E 116 -23.39 2.08 1.52
CD MLY E 116 -24.44 1.60 0.49
CE MLY E 116 -25.76 1.28 1.15
NZ MLY E 116 -26.75 0.64 0.18
CH1 MLY E 116 -27.01 1.57 -0.91
CH2 MLY E 116 -28.02 0.43 0.88
C MLY E 116 -20.64 1.71 2.90
O MLY E 116 -20.05 0.69 2.61
HA MLY E 116 -21.25 3.58 2.29
HB2 MLY E 116 -22.14 3.04 0.07
HB3 MLY E 116 -21.76 1.45 0.47
HG2 MLY E 116 -23.30 1.34 2.31
HG3 MLY E 116 -23.71 2.92 1.90
HD2 MLY E 116 -24.59 2.36 -0.27
HD3 MLY E 116 -24.12 0.78 0.07
HE2 MLY E 116 -25.60 0.61 2.00
HE3 MLY E 116 -26.16 2.11 1.47
HH11 MLY E 116 -27.86 -0.24 1.74
HH12 MLY E 116 -28.42 1.38 1.23
HH13 MLY E 116 -28.74 -0.03 0.20
HH21 MLY E 116 -27.33 2.53 -0.50
HH22 MLY E 116 -26.10 1.71 -1.49
HH23 MLY E 116 -27.79 1.16 -1.55
N PHE E 117 -21.01 2.00 4.13
CA PHE E 117 -20.44 1.29 5.27
C PHE E 117 -21.45 0.38 5.99
N TYR E 118 -22.60 0.19 5.38
CA TYR E 118 -23.62 -0.68 5.98
C TYR E 118 -24.30 -1.46 4.88
N ALA E 119 -24.92 -2.57 5.27
CA ALA E 119 -25.69 -3.39 4.36
C ALA E 119 -26.83 -4.04 5.14
N GLU E 120 -27.90 -4.37 4.42
CA GLU E 120 -29.08 -5.00 5.00
C GLU E 120 -29.46 -6.15 4.10
N ALA E 121 -30.06 -7.18 4.70
CA ALA E 121 -30.53 -8.32 3.94
C ALA E 121 -31.65 -8.97 4.76
N SER E 122 -32.59 -9.59 4.06
CA SER E 122 -33.76 -10.12 4.73
C SER E 122 -33.91 -11.65 4.54
N ILE E 123 -34.70 -12.26 5.42
CA ILE E 123 -35.10 -13.66 5.28
C ILE E 123 -36.64 -13.70 5.39
N ASP E 124 -37.26 -14.73 4.81
CA ASP E 124 -38.70 -14.93 4.93
C ASP E 124 -38.95 -16.19 5.76
N VAL E 125 -39.71 -16.01 6.83
CA VAL E 125 -40.17 -17.11 7.67
C VAL E 125 -41.57 -17.49 7.20
N ALA E 126 -41.74 -18.77 6.92
CA ALA E 126 -42.94 -19.28 6.24
C ALA E 126 -44.05 -19.57 7.25
N LYS E 127 -45.29 -19.57 6.77
CA LYS E 127 -46.44 -19.92 7.61
C LYS E 127 -46.54 -21.42 7.88
N ARG E 128 -47.15 -21.76 9.01
CA ARG E 128 -47.36 -23.16 9.36
C ARG E 128 -48.39 -23.82 8.43
N SER E 129 -49.27 -23.00 7.87
CA SER E 129 -50.27 -23.48 6.93
C SER E 129 -50.20 -22.72 5.61
N THR E 130 -50.12 -23.44 4.49
CA THR E 130 -49.92 -22.86 3.15
C THR E 130 -50.78 -23.52 2.08
N GLY F 1 -3.07 12.73 -6.60
CA GLY F 1 -2.64 12.12 -5.32
C GLY F 1 -2.38 12.98 -4.09
N PRO F 2 -1.97 12.33 -2.98
CA PRO F 2 -1.77 13.00 -1.70
C PRO F 2 -0.44 13.76 -1.56
N LEU F 3 0.44 13.68 -2.56
CA LEU F 3 1.72 14.39 -2.46
C LEU F 3 1.68 15.68 -3.25
N GLY F 4 2.71 16.48 -3.04
CA GLY F 4 2.84 17.77 -3.70
C GLY F 4 3.34 17.65 -5.11
N SER F 5 3.62 18.82 -5.69
CA SER F 5 4.15 18.89 -7.05
C SER F 5 5.58 18.35 -7.14
N ALA F 6 5.95 17.90 -8.33
CA ALA F 6 7.33 17.53 -8.61
C ALA F 6 8.17 18.76 -8.32
N SER F 7 9.40 18.56 -7.86
CA SER F 7 10.30 19.69 -7.61
C SER F 7 11.63 19.50 -8.33
N LEU F 8 12.25 20.62 -8.69
CA LEU F 8 13.57 20.57 -9.29
C LEU F 8 14.37 21.66 -8.62
N PHE F 9 15.59 21.32 -8.22
CA PHE F 9 16.57 22.27 -7.69
C PHE F 9 17.76 22.29 -8.64
N ALA F 10 18.23 23.49 -8.96
CA ALA F 10 19.35 23.64 -9.88
C ALA F 10 20.33 24.61 -9.26
N THR F 11 21.60 24.21 -9.25
CA THR F 11 22.64 25.04 -8.65
C THR F 11 24.00 24.80 -9.28
N ILE F 12 24.79 25.87 -9.37
CA ILE F 12 26.20 25.76 -9.78
C ILE F 12 27.03 25.41 -8.54
N THR F 13 27.57 24.19 -8.49
CA THR F 13 28.32 23.72 -7.34
C THR F 13 29.82 24.02 -7.48
N GLY F 14 30.28 24.25 -8.70
CA GLY F 14 31.68 24.55 -8.91
C GLY F 14 32.04 25.90 -8.33
N ALA F 15 33.32 26.09 -8.02
CA ALA F 15 33.78 27.35 -7.46
C ALA F 15 33.39 28.58 -8.30
N SER F 16 33.48 28.47 -9.63
CA SER F 16 33.18 29.62 -10.48
C SER F 16 31.74 29.59 -10.98
N MLY F 17 31.12 30.77 -10.99
CA MLY F 17 29.77 30.98 -11.49
CB MLY F 17 28.89 31.58 -10.39
CG MLY F 17 28.40 30.58 -9.32
CD MLY F 17 29.52 30.05 -8.45
CE MLY F 17 28.98 29.13 -7.32
NZ MLY F 17 30.03 28.58 -6.39
CH1 MLY F 17 29.35 27.63 -5.48
CH2 MLY F 17 30.59 29.66 -5.55
C MLY F 17 29.84 31.90 -12.73
O MLY F 17 28.81 32.34 -13.27
HA MLY F 17 29.39 30.12 -11.76
HB2 MLY F 17 29.45 32.38 -9.89
HB3 MLY F 17 28.10 31.97 -10.81
HG2 MLY F 17 27.65 31.07 -8.69
HG3 MLY F 17 27.98 29.83 -9.78
HD2 MLY F 17 30.21 29.48 -9.07
HD3 MLY F 17 29.98 30.78 -8.04
HE2 MLY F 17 28.26 29.70 -6.73
HE3 MLY F 17 28.52 28.38 -7.72
HH11 MLY F 17 31.04 30.42 -6.19
HH12 MLY F 17 29.79 30.12 -4.95
HH13 MLY F 17 31.35 29.25 -4.88
HH21 MLY F 17 28.51 28.14 -5.01
HH22 MLY F 17 28.99 26.79 -6.06
HH23 MLY F 17 30.05 27.29 -4.72
N THR F 18 31.05 32.10 -13.23
CA THR F 18 31.28 33.07 -14.30
C THR F 18 31.26 32.51 -15.70
N GLU F 19 30.65 33.27 -16.62
CA GLU F 19 30.60 32.90 -18.03
C GLU F 19 31.99 32.52 -18.55
N TRP F 20 32.02 31.46 -19.37
CA TRP F 20 33.18 30.99 -20.10
C TRP F 20 34.25 30.39 -19.22
N SER F 21 33.87 30.03 -18.00
CA SER F 21 34.79 29.34 -17.14
C SER F 21 34.30 27.94 -16.92
N PHE F 22 35.22 27.05 -16.52
CA PHE F 22 34.85 25.68 -16.14
C PHE F 22 34.11 25.64 -14.79
N SER F 23 33.08 24.80 -14.69
CA SER F 23 32.38 24.66 -13.43
C SER F 23 31.56 23.38 -13.46
N ASP F 24 30.78 23.18 -12.40
CA ASP F 24 29.93 21.99 -12.22
C ASP F 24 28.50 22.44 -11.90
N ILE F 25 27.51 21.72 -12.42
CA ILE F 25 26.12 22.04 -12.14
C ILE F 25 25.45 20.79 -11.58
N GLU F 26 24.56 20.94 -10.59
CA GLU F 26 23.79 19.81 -10.05
C GLU F 26 22.30 20.11 -10.16
N LEU F 27 21.56 19.16 -10.71
CA LEU F 27 20.12 19.29 -10.90
C LEU F 27 19.50 18.16 -10.11
N THR F 28 18.69 18.49 -9.12
CA THR F 28 18.09 17.49 -8.23
C THR F 28 16.60 17.49 -8.45
N TYR F 29 16.11 16.40 -9.05
CA TYR F 29 14.71 16.21 -9.38
C TYR F 29 14.02 15.18 -8.47
N ARG F 30 12.87 15.60 -7.91
CA ARG F 30 12.03 14.73 -7.10
C ARG F 30 10.64 14.72 -7.69
N PRO F 31 10.24 13.58 -8.29
CA PRO F 31 8.91 13.46 -8.92
C PRO F 31 7.76 13.73 -7.98
N ASN F 32 7.95 13.39 -6.70
CA ASN F 32 6.93 13.51 -5.67
C ASN F 32 5.60 12.88 -6.10
N THR F 33 5.71 11.62 -6.50
CA THR F 33 4.56 10.84 -6.99
C THR F 33 4.29 9.69 -6.03
N LEU F 34 3.02 9.29 -5.92
CA LEU F 34 2.66 8.14 -5.12
C LEU F 34 3.39 6.90 -5.66
N LEU F 35 3.41 6.81 -6.98
CA LEU F 35 4.07 5.72 -7.71
C LEU F 35 4.45 6.22 -9.09
N SER F 36 5.66 5.87 -9.52
CA SER F 36 6.08 6.04 -10.89
C SER F 36 6.79 4.81 -11.40
N LEU F 37 6.55 4.51 -12.67
CA LEU F 37 7.13 3.39 -13.37
C LEU F 37 7.49 3.79 -14.79
N GLY F 38 7.49 5.08 -15.06
CA GLY F 38 7.51 5.52 -16.43
C GLY F 38 8.80 6.19 -16.87
N VAL F 39 8.69 6.94 -17.96
CA VAL F 39 9.81 7.70 -18.51
C VAL F 39 10.01 9.00 -17.73
N MSE F 40 11.25 9.33 -17.45
CA MSE F 40 11.58 10.58 -16.81
C MSE F 40 12.66 11.21 -17.68
O MSE F 40 13.59 10.52 -18.14
CB MSE F 40 12.11 10.32 -15.41
CG MSE F 40 12.31 11.50 -14.55
SE MSE F 40 14.01 12.47 -14.93
CE MSE F 40 15.36 11.02 -15.04
H MSE F 40 11.94 8.84 -17.64
HA MSE F 40 10.80 11.16 -16.76
HB2 MSE F 40 11.50 9.73 -14.95
HB3 MSE F 40 12.98 9.88 -15.49
HG2 MSE F 40 11.58 12.12 -14.69
HG3 MSE F 40 12.33 11.22 -13.63
HE1 MSE F 40 15.39 10.55 -14.20
HE2 MSE F 40 15.12 10.41 -15.74
HE3 MSE F 40 16.22 11.40 -15.23
N GLU F 41 12.54 12.50 -17.94
CA GLU F 41 13.64 13.14 -18.66
C GLU F 41 13.93 14.55 -18.24
N PHE F 42 15.22 14.89 -18.30
CA PHE F 42 15.72 16.24 -18.05
C PHE F 42 15.87 16.89 -19.40
N THR F 43 15.50 18.16 -19.50
CA THR F 43 15.74 18.91 -20.71
C THR F 43 16.68 20.05 -20.33
N LEU F 44 17.81 20.15 -21.04
CA LEU F 44 18.80 21.18 -20.73
C LEU F 44 18.71 22.33 -21.72
N PRO F 45 18.85 23.57 -21.23
CA PRO F 45 18.72 24.72 -22.14
C PRO F 45 19.96 24.88 -23.04
N SER F 46 19.80 25.53 -24.19
CA SER F 46 20.96 25.79 -25.03
C SER F 46 22.02 26.47 -24.19
N GLY F 47 23.25 25.99 -24.33
CA GLY F 47 24.39 26.39 -23.50
C GLY F 47 24.93 25.26 -22.65
N PHE F 48 24.14 24.19 -22.45
CA PHE F 48 24.51 23.07 -21.59
C PHE F 48 24.16 21.77 -22.30
N THR F 49 25.05 20.80 -22.28
CA THR F 49 24.75 19.48 -22.82
C THR F 49 25.33 18.42 -21.93
N ALA F 50 24.77 17.22 -22.00
CA ALA F 50 25.24 16.10 -21.22
C ALA F 50 26.15 15.22 -22.07
N ASN F 51 27.06 14.52 -21.42
CA ASN F 51 27.85 13.45 -22.03
C ASN F 51 28.14 12.38 -21.01
N THR F 52 28.94 11.37 -21.38
CA THR F 52 29.10 10.20 -20.54
C THR F 52 30.01 10.39 -19.32
N LYS F 53 30.55 11.59 -19.13
CA LYS F 53 31.28 11.88 -17.90
C LYS F 53 30.38 12.58 -16.88
N ASP F 54 29.15 12.90 -17.29
CA ASP F 54 28.12 13.37 -16.36
C ASP F 54 27.50 12.16 -15.66
N THR F 55 26.84 12.36 -14.51
CA THR F 55 26.34 11.23 -13.75
C THR F 55 24.91 11.45 -13.30
N MSE F 56 24.21 10.35 -13.09
CA MSE F 56 22.87 10.36 -12.53
C MSE F 56 22.93 9.52 -11.28
O MSE F 56 23.32 8.34 -11.33
CB MSE F 56 21.88 9.75 -13.51
CG MSE F 56 20.48 9.70 -12.97
SE MSE F 56 19.69 11.43 -13.28
CE MSE F 56 19.51 11.33 -15.23
H MSE F 56 24.51 9.56 -13.27
HA MSE F 56 22.60 11.27 -12.32
HB2 MSE F 56 21.87 10.29 -14.32
HB3 MSE F 56 22.16 8.85 -13.71
HG2 MSE F 56 19.97 9.02 -13.46
HG3 MSE F 56 20.50 9.52 -12.03
HE1 MSE F 56 18.95 10.58 -15.45
HE2 MSE F 56 19.12 12.15 -15.55
HE3 MSE F 56 20.38 11.21 -15.62
N ASN F 57 22.59 10.11 -10.16
CA ASN F 57 22.70 9.41 -8.89
C ASN F 57 24.06 8.71 -8.76
N GLY F 58 25.10 9.39 -9.26
CA GLY F 58 26.48 8.93 -9.09
C GLY F 58 27.01 7.94 -10.10
N ASN F 59 26.17 7.50 -11.01
CA ASN F 59 26.58 6.58 -12.07
C ASN F 59 26.70 7.30 -13.39
N ALA F 60 27.76 6.98 -14.13
CA ALA F 60 28.00 7.61 -15.42
C ALA F 60 26.77 7.44 -16.27
N LEU F 61 26.45 8.47 -17.02
CA LEU F 61 25.37 8.41 -18.00
C LEU F 61 25.82 7.44 -19.07
N ARG F 62 24.87 6.69 -19.62
CA ARG F 62 25.12 5.86 -20.78
C ARG F 62 24.66 6.59 -22.02
N THR F 63 25.31 6.33 -23.16
CA THR F 63 24.91 7.00 -24.40
C THR F 63 23.46 6.74 -24.73
N THR F 64 22.91 5.58 -24.34
CA THR F 64 21.52 5.31 -24.68
C THR F 64 20.56 6.28 -23.96
N GLN F 65 21.04 6.95 -22.93
CA GLN F 65 20.24 7.89 -22.14
C GLN F 65 20.40 9.33 -22.60
N ILE F 66 21.40 9.61 -23.43
CA ILE F 66 21.64 10.99 -23.85
C ILE F 66 21.14 11.16 -25.28
N LEU F 67 20.19 12.07 -25.46
CA LEU F 67 19.49 12.24 -26.72
C LEU F 67 19.48 13.73 -27.12
N ASN F 68 18.99 13.99 -28.33
CA ASN F 68 18.84 15.33 -28.88
C ASN F 68 20.15 16.14 -28.79
N ASN F 69 21.24 15.52 -29.20
CA ASN F 69 22.54 16.17 -29.21
C ASN F 69 22.96 16.69 -27.85
N GLY F 70 22.69 15.91 -26.81
CA GLY F 70 23.11 16.24 -25.46
C GLY F 70 22.13 17.10 -24.68
N LYS F 71 20.99 17.44 -25.27
CA LYS F 71 20.03 18.32 -24.63
C LYS F 71 19.05 17.57 -23.71
N THR F 72 18.88 16.27 -23.97
CA THR F 72 17.92 15.44 -23.26
C THR F 72 18.61 14.28 -22.55
N VAL F 73 18.26 14.07 -21.28
CA VAL F 73 18.79 12.91 -20.53
C VAL F 73 17.57 12.13 -20.06
N ARG F 74 17.42 10.92 -20.53
CA ARG F 74 16.16 10.20 -20.37
C ARG F 74 16.33 8.87 -19.67
N VAL F 75 15.45 8.59 -18.71
CA VAL F 75 15.46 7.31 -18.01
C VAL F 75 14.14 6.66 -18.43
N PRO F 76 14.20 5.52 -19.14
CA PRO F 76 12.99 4.92 -19.68
C PRO F 76 12.07 4.31 -18.62
N LEU F 77 12.65 3.91 -17.50
CA LEU F 77 11.87 3.26 -16.43
C LEU F 77 12.39 3.82 -15.11
N ALA F 78 11.69 4.85 -14.64
CA ALA F 78 12.10 5.68 -13.54
C ALA F 78 11.18 5.47 -12.35
N LEU F 79 11.73 4.92 -11.27
CA LEU F 79 10.97 4.53 -10.11
C LEU F 79 10.70 5.70 -9.15
N ASP F 80 9.52 5.68 -8.55
CA ASP F 80 9.25 6.48 -7.40
C ASP F 80 8.21 5.72 -6.60
N LEU F 81 8.24 5.91 -5.29
CA LEU F 81 7.25 5.37 -4.39
C LEU F 81 7.09 6.36 -3.26
N LEU F 82 5.89 6.93 -3.14
CA LEU F 82 5.58 7.88 -2.07
C LEU F 82 6.60 9.01 -1.95
N GLY F 83 7.08 9.48 -3.09
CA GLY F 83 7.99 10.62 -3.16
C GLY F 83 9.39 10.34 -2.61
N ALA F 84 9.75 9.07 -2.42
CA ALA F 84 11.10 8.68 -1.99
C ALA F 84 12.16 8.77 -3.10
N GLY F 85 11.71 8.88 -4.34
CA GLY F 85 12.60 8.76 -5.46
C GLY F 85 13.31 10.09 -5.72
N GLU F 86 14.51 10.02 -6.26
CA GLU F 86 15.26 11.25 -6.57
C GLU F 86 16.22 10.96 -7.72
N PHE F 87 16.38 11.94 -8.61
CA PHE F 87 17.26 11.85 -9.76
C PHE F 87 18.15 13.08 -9.71
N MLY F 88 19.41 12.86 -9.36
CA MLY F 88 20.40 13.92 -9.26
CB MLY F 88 21.14 13.88 -7.93
CG MLY F 88 22.05 15.12 -7.73
CD MLY F 88 23.05 14.91 -6.62
CE MLY F 88 22.41 14.76 -5.27
NZ MLY F 88 23.46 14.79 -4.19
CH1 MLY F 88 24.19 13.52 -4.30
CH2 MLY F 88 22.68 14.73 -2.95
C MLY F 88 21.37 13.81 -10.43
O MLY F 88 22.17 12.86 -10.51
H MLY F 88 19.72 12.07 -9.16
HA MLY F 88 19.94 14.79 -9.33
HB2 MLY F 88 20.42 13.84 -7.12
HB3 MLY F 88 21.69 13.09 -7.91
HG2 MLY F 88 22.58 15.31 -8.66
HG3 MLY F 88 21.50 15.87 -7.51
HD2 MLY F 88 23.65 14.03 -6.84
HD3 MLY F 88 23.63 15.69 -6.58
HE2 MLY F 88 21.68 15.56 -5.11
HE3 MLY F 88 21.96 13.90 -5.23
HH11 MLY F 88 22.01 15.58 -2.90
HH12 MLY F 88 22.10 13.81 -2.94
HH13 MLY F 88 23.35 14.75 -2.09
HH21 MLY F 88 23.48 12.69 -4.26
HH22 MLY F 88 24.73 13.49 -5.25
HH23 MLY F 88 24.89 13.44 -3.48
N LEU F 89 21.25 14.76 -11.37
CA LEU F 89 22.06 14.82 -12.57
C LEU F 89 23.19 15.82 -12.29
N LYS F 90 24.40 15.32 -12.36
CA LYS F 90 25.59 16.15 -12.16
C LYS F 90 26.25 16.36 -13.50
N LEU F 91 26.28 17.63 -13.90
CA LEU F 91 26.98 18.07 -15.12
C LEU F 91 28.39 18.52 -14.74
N ASN F 92 29.37 17.71 -15.11
CA ASN F 92 30.73 17.86 -14.59
C ASN F 92 31.66 18.62 -15.55
N ASN F 93 32.40 19.56 -14.99
CA ASN F 93 33.43 20.29 -15.73
C ASN F 93 32.92 20.82 -17.06
N LYS F 94 31.91 21.65 -16.99
CA LYS F 94 31.29 22.22 -18.18
C LYS F 94 31.89 23.61 -18.33
N THR F 95 31.96 24.12 -19.55
CA THR F 95 32.25 25.53 -19.77
C THR F 95 30.98 26.29 -19.70
N LEU F 96 30.85 27.15 -18.70
CA LEU F 96 29.63 27.89 -18.59
C LEU F 96 29.47 28.74 -19.82
N PRO F 97 28.21 28.91 -20.26
CA PRO F 97 27.87 29.74 -21.41
C PRO F 97 27.86 31.24 -21.08
N ALA F 98 27.41 32.06 -22.02
CA ALA F 98 27.34 33.50 -21.81
C ALA F 98 26.49 33.82 -20.59
N ALA F 99 26.85 34.92 -19.94
CA ALA F 99 26.09 35.41 -18.79
C ALA F 99 24.60 35.53 -19.07
N GLY F 100 23.82 35.18 -18.06
CA GLY F 100 22.39 35.20 -18.19
C GLY F 100 21.76 34.14 -17.32
N THR F 101 20.45 34.02 -17.45
CA THR F 101 19.66 33.09 -16.66
C THR F 101 19.27 31.89 -17.53
N TYR F 102 19.48 30.68 -17.00
CA TYR F 102 19.28 29.47 -17.78
C TYR F 102 18.33 28.57 -16.98
N THR F 103 17.31 28.04 -17.66
CA THR F 103 16.25 27.27 -17.02
C THR F 103 16.31 25.81 -17.45
N PHE F 104 16.29 24.92 -16.45
CA PHE F 104 16.34 23.48 -16.67
C PHE F 104 14.96 22.92 -16.38
N ARG F 105 14.64 21.79 -16.99
CA ARG F 105 13.34 21.15 -16.77
C ARG F 105 13.57 19.65 -16.59
N ALA F 106 12.71 19.06 -15.78
CA ALA F 106 12.65 17.61 -15.59
C ALA F 106 11.17 17.24 -15.47
N GLU F 107 10.83 16.04 -15.94
CA GLU F 107 9.43 15.67 -16.09
C GLU F 107 9.27 14.16 -16.09
N ASN F 108 8.19 13.71 -15.47
CA ASN F 108 7.76 12.32 -15.64
C ASN F 108 6.72 12.33 -16.75
N LYS F 109 7.04 11.64 -17.82
CA LYS F 109 6.28 11.69 -19.07
C LYS F 109 5.27 10.56 -19.23
N SER F 110 5.34 9.54 -18.39
CA SER F 110 4.38 8.42 -18.46
C SER F 110 4.29 7.70 -17.11
N LEU F 111 3.23 6.93 -16.94
CA LEU F 111 3.09 5.99 -15.82
C LEU F 111 3.48 6.56 -14.44
N SER F 112 2.81 7.64 -14.05
CA SER F 112 3.02 8.26 -12.73
C SER F 112 1.69 8.69 -12.16
N ILE F 113 1.57 8.56 -10.84
CA ILE F 113 0.44 9.07 -10.10
C ILE F 113 0.87 10.34 -9.36
N GLY F 114 0.15 11.43 -9.60
CA GLY F 114 0.46 12.70 -8.98
C GLY F 114 -0.29 13.89 -9.54
N ASN F 115 -0.01 15.07 -8.99
CA ASN F 115 -0.82 16.22 -9.30
C ASN F 115 -0.18 17.12 -10.35
N MLY F 116 1.13 17.01 -10.47
CA MLY F 116 1.86 17.78 -11.48
CB MLY F 116 2.06 19.24 -10.98
CG MLY F 116 2.78 20.15 -11.96
CD MLY F 116 2.90 21.58 -11.40
CE MLY F 116 3.74 22.45 -12.33
NZ MLY F 116 3.83 23.94 -11.97
CH1 MLY F 116 4.10 24.11 -10.53
CH2 MLY F 116 2.51 24.52 -12.23
C MLY F 116 3.21 17.09 -11.67
O MLY F 116 3.91 16.81 -10.70
HA MLY F 116 1.36 17.80 -12.32
HB2 MLY F 116 1.08 19.67 -10.75
HB3 MLY F 116 2.58 19.20 -10.17
HG2 MLY F 116 3.78 19.76 -12.16
HG3 MLY F 116 2.28 20.19 -12.79
HD2 MLY F 116 1.91 22.02 -11.30
HD3 MLY F 116 3.34 21.55 -10.54
HE2 MLY F 116 4.74 22.04 -12.37
HE3 MLY F 116 3.35 22.40 -13.22
HH11 MLY F 116 2.26 24.40 -13.28
HH12 MLY F 116 1.77 24.02 -11.62
HH13 MLY F 116 2.53 25.58 -11.98
HH21 MLY F 116 3.36 23.57 -9.95
HH22 MLY F 116 5.09 23.72 -10.30
HH23 MLY F 116 4.06 25.17 -10.28
N PHE F 117 3.52 16.83 -12.93
CA PHE F 117 4.60 15.93 -13.27
C PHE F 117 5.85 16.52 -13.87
N TYR F 118 6.00 17.84 -13.78
CA TYR F 118 7.21 18.46 -14.29
C TYR F 118 7.59 19.59 -13.35
N ALA F 119 8.83 20.05 -13.49
CA ALA F 119 9.32 21.12 -12.67
C ALA F 119 10.47 21.79 -13.42
N GLU F 120 10.65 23.06 -13.12
CA GLU F 120 11.72 23.83 -13.75
C GLU F 120 12.46 24.59 -12.66
N ALA F 121 13.72 24.93 -12.93
CA ALA F 121 14.52 25.69 -11.97
C ALA F 121 15.66 26.33 -12.76
N SER F 122 16.13 27.48 -12.31
CA SER F 122 17.09 28.22 -13.10
C SER F 122 18.39 28.50 -12.34
N ILE F 123 19.44 28.84 -13.09
CA ILE F 123 20.68 29.32 -12.50
C ILE F 123 21.07 30.61 -13.20
N ASP F 124 21.86 31.43 -12.52
CA ASP F 124 22.39 32.68 -13.10
C ASP F 124 23.86 32.50 -13.34
N VAL F 125 24.27 32.70 -14.58
CA VAL F 125 25.68 32.69 -14.93
C VAL F 125 26.14 34.14 -14.91
N ALA F 126 27.24 34.43 -14.22
CA ALA F 126 27.65 35.84 -13.98
C ALA F 126 28.51 36.40 -15.13
N LYS F 127 28.54 37.72 -15.27
CA LYS F 127 29.43 38.39 -16.23
C LYS F 127 30.91 38.38 -15.81
N ARG F 128 31.83 38.38 -16.79
CA ARG F 128 33.26 38.47 -16.53
C ARG F 128 33.61 39.82 -15.85
N SER F 129 32.85 40.85 -16.16
CA SER F 129 33.11 42.13 -15.53
C SER F 129 31.89 42.60 -14.80
N THR F 130 32.06 43.00 -13.53
CA THR F 130 30.98 43.43 -12.64
C THR F 130 31.36 44.71 -11.90
N GLY G 1 12.82 8.00 4.78
CA GLY G 1 14.06 8.46 5.38
C GLY G 1 15.21 7.49 5.15
N PRO G 2 15.95 7.12 6.22
CA PRO G 2 16.89 6.00 6.10
C PRO G 2 16.17 4.69 5.76
N LEU G 3 16.83 3.87 4.94
CA LEU G 3 16.28 2.59 4.45
C LEU G 3 16.87 1.36 5.10
N GLY G 4 16.17 0.24 5.02
CA GLY G 4 16.59 -0.97 5.70
C GLY G 4 17.60 -1.77 4.86
N SER G 5 18.07 -2.84 5.44
CA SER G 5 19.01 -3.75 4.75
C SER G 5 18.36 -5.06 4.33
N ALA G 6 18.88 -5.62 3.24
CA ALA G 6 18.48 -6.95 2.77
C ALA G 6 18.81 -8.01 3.77
N SER G 7 18.08 -9.11 3.72
CA SER G 7 18.36 -10.25 4.58
C SER G 7 18.44 -11.53 3.75
N LEU G 8 19.28 -12.46 4.19
CA LEU G 8 19.41 -13.78 3.57
C LEU G 8 19.49 -14.80 4.68
N PHE G 9 18.74 -15.89 4.53
CA PHE G 9 18.82 -17.05 5.41
C PHE G 9 19.27 -18.24 4.60
N ALA G 10 20.15 -19.04 5.19
CA ALA G 10 20.70 -20.20 4.51
C ALA G 10 20.50 -21.36 5.49
N THR G 11 19.68 -22.34 5.11
N THR G 11 19.74 -22.34 5.04
CA THR G 11 19.32 -23.39 6.05
CA THR G 11 19.17 -23.36 5.89
C THR G 11 19.22 -24.75 5.42
C THR G 11 19.38 -24.75 5.25
N ILE G 12 19.99 -25.68 5.97
CA ILE G 12 19.97 -27.05 5.53
C ILE G 12 18.66 -27.66 6.01
N THR G 13 17.80 -27.98 5.06
CA THR G 13 16.44 -28.38 5.40
C THR G 13 16.30 -29.89 5.38
N GLY G 14 17.27 -30.56 4.77
CA GLY G 14 17.29 -32.01 4.78
C GLY G 14 17.59 -32.55 6.17
N ALA G 15 17.21 -33.81 6.38
CA ALA G 15 17.41 -34.44 7.67
C ALA G 15 18.90 -34.50 8.02
N SER G 16 19.75 -34.74 7.03
CA SER G 16 21.19 -34.82 7.29
C SER G 16 21.92 -33.49 7.06
N MLY G 17 22.81 -33.13 7.98
CA MLY G 17 23.70 -31.97 7.87
CB MLY G 17 23.55 -31.09 9.11
CG MLY G 17 22.25 -30.32 9.17
CD MLY G 17 21.07 -31.08 9.75
CE MLY G 17 19.84 -30.16 9.69
NZ MLY G 17 18.68 -30.49 10.55
CH1 MLY G 17 18.83 -31.82 11.16
CH2 MLY G 17 17.51 -30.48 9.66
C MLY G 17 25.16 -32.43 7.76
O MLY G 17 26.09 -31.65 7.90
H MLY G 17 22.93 -33.58 8.71
HA MLY G 17 23.47 -31.44 7.08
HB2 MLY G 17 23.61 -31.73 10.00
HB3 MLY G 17 24.27 -30.45 9.12
HG2 MLY G 17 22.41 -29.42 9.75
HG3 MLY G 17 22.01 -30.06 8.26
HD2 MLY G 17 20.89 -31.99 9.18
HD3 MLY G 17 21.25 -31.30 10.68
HE2 MLY G 17 20.16 -29.15 9.94
HE3 MLY G 17 19.51 -30.16 8.78
HH11 MLY G 17 17.40 -29.49 9.22
HH12 MLY G 17 17.65 -31.21 8.87
HH13 MLY G 17 16.61 -30.72 10.23
HH21 MLY G 17 19.02 -32.55 10.37
HH22 MLY G 17 19.67 -31.81 11.85
HH23 MLY G 17 17.91 -32.08 11.69
N THR G 18 25.37 -33.72 7.49
CA THR G 18 26.71 -34.31 7.55
C THR G 18 27.42 -34.28 6.22
N GLU G 19 28.71 -33.96 6.25
CA GLU G 19 29.54 -33.98 5.04
C GLU G 19 29.36 -35.27 4.23
N TRP G 20 29.43 -35.12 2.91
CA TRP G 20 29.39 -36.20 1.94
C TRP G 20 28.14 -37.06 2.07
N SER G 21 27.05 -36.44 2.54
CA SER G 21 25.75 -37.08 2.53
C SER G 21 24.76 -36.24 1.74
N PHE G 22 23.64 -36.85 1.35
CA PHE G 22 22.60 -36.16 0.56
C PHE G 22 21.81 -35.23 1.45
N SER G 23 21.57 -34.00 1.00
CA SER G 23 20.64 -33.13 1.73
C SER G 23 20.11 -32.02 0.80
N ASP G 24 19.31 -31.13 1.38
CA ASP G 24 18.73 -30.00 0.66
C ASP G 24 19.12 -28.74 1.40
N ILE G 25 19.32 -27.68 0.63
CA ILE G 25 19.65 -26.38 1.19
C ILE G 25 18.65 -25.35 0.62
N GLU G 26 18.10 -24.48 1.47
CA GLU G 26 17.14 -23.47 1.01
C GLU G 26 17.69 -22.12 1.37
N LEU G 27 17.71 -21.21 0.40
CA LEU G 27 18.27 -19.87 0.59
C LEU G 27 17.10 -18.90 0.44
N THR G 28 16.80 -18.16 1.51
CA THR G 28 15.65 -17.25 1.49
C THR G 28 16.14 -15.81 1.53
N TYR G 29 15.89 -15.10 0.42
CA TYR G 29 16.35 -13.74 0.23
C TYR G 29 15.20 -12.72 0.21
N ARG G 30 15.33 -11.68 1.02
CA ARG G 30 14.48 -10.47 0.96
C ARG G 30 15.35 -9.28 0.72
N PRO G 31 15.30 -8.74 -0.49
CA PRO G 31 16.07 -7.54 -0.80
C PRO G 31 15.65 -6.34 0.07
N ASN G 32 14.42 -6.40 0.57
CA ASN G 32 13.92 -5.49 1.60
C ASN G 32 13.98 -4.01 1.18
N THR G 33 13.36 -3.75 0.05
CA THR G 33 13.38 -2.40 -0.54
C THR G 33 11.97 -1.82 -0.62
N LEU G 34 11.88 -0.51 -0.81
CA LEU G 34 10.61 0.14 -1.04
C LEU G 34 10.02 -0.28 -2.38
N LEU G 35 10.86 -0.27 -3.41
CA LEU G 35 10.48 -0.66 -4.75
C LEU G 35 11.74 -1.06 -5.54
N SER G 36 11.69 -2.23 -6.17
CA SER G 36 12.75 -2.71 -7.04
C SER G 36 12.18 -3.44 -8.24
N LEU G 37 12.79 -3.27 -9.40
CA LEU G 37 12.42 -4.01 -10.61
C LEU G 37 13.70 -4.32 -11.34
N GLY G 38 13.96 -5.60 -11.58
CA GLY G 38 15.15 -5.98 -12.30
C GLY G 38 15.93 -7.12 -11.68
N VAL G 39 17.22 -7.15 -11.97
CA VAL G 39 18.04 -8.31 -11.64
C VAL G 39 18.33 -8.48 -10.16
N MSE G 40 18.07 -9.70 -9.65
CA MSE G 40 18.58 -10.15 -8.35
C MSE G 40 19.43 -11.41 -8.58
O MSE G 40 19.09 -12.21 -9.43
CB MSE G 40 17.45 -10.56 -7.40
CG MSE G 40 16.29 -9.61 -7.37
SE MSE G 40 16.60 -8.30 -5.97
CE MSE G 40 15.10 -6.99 -6.32
H MSE G 40 17.60 -10.28 -10.05
HA MSE G 40 19.11 -9.45 -7.92
HB2 MSE G 40 17.11 -11.42 -7.68
HB3 MSE G 40 17.81 -10.62 -6.50
HG2 MSE G 40 16.22 -9.15 -8.22
HG3 MSE G 40 15.47 -10.09 -7.16
HE1 MSE G 40 15.20 -6.63 -7.21
HE2 MSE G 40 14.27 -7.45 -6.24
HE3 MSE G 40 15.16 -6.28 -5.67
N GLU G 41 20.47 -11.61 -7.79
CA GLU G 41 21.43 -12.68 -8.10
C GLU G 41 21.96 -13.35 -6.83
N PHE G 42 21.89 -14.69 -6.82
CA PHE G 42 22.44 -15.49 -5.75
C PHE G 42 23.83 -15.94 -6.20
N THR G 43 24.79 -15.97 -5.27
CA THR G 43 26.14 -16.50 -5.50
C THR G 43 26.44 -17.66 -4.53
N LEU G 44 26.84 -18.80 -5.08
CA LEU G 44 27.05 -19.98 -4.25
C LEU G 44 28.55 -20.17 -4.04
N PRO G 45 28.95 -20.63 -2.85
CA PRO G 45 30.39 -20.84 -2.64
C PRO G 45 30.82 -22.19 -3.22
N SER G 46 32.12 -22.30 -3.48
CA SER G 46 32.69 -23.58 -3.92
C SER G 46 32.21 -24.74 -3.02
N GLY G 47 31.79 -25.85 -3.63
CA GLY G 47 31.12 -26.93 -2.90
C GLY G 47 29.65 -27.11 -3.25
N PHE G 48 29.07 -26.07 -3.84
CA PHE G 48 27.64 -26.04 -4.19
C PHE G 48 27.44 -25.47 -5.59
N THR G 49 26.62 -26.12 -6.41
CA THR G 49 26.28 -25.59 -7.70
C THR G 49 24.80 -25.82 -7.90
N ALA G 50 24.22 -25.02 -8.79
CA ALA G 50 22.82 -25.07 -9.12
C ALA G 50 22.66 -25.74 -10.47
N ASN G 51 21.59 -26.51 -10.62
CA ASN G 51 21.21 -27.02 -11.93
C ASN G 51 19.71 -26.91 -12.12
N THR G 52 19.21 -27.39 -13.25
CA THR G 52 17.78 -27.23 -13.56
C THR G 52 16.83 -28.11 -12.75
N LYS G 53 17.35 -28.91 -11.82
CA LYS G 53 16.50 -29.59 -10.86
C LYS G 53 16.35 -28.82 -9.56
N ASP G 54 17.06 -27.71 -9.44
CA ASP G 54 16.92 -26.84 -8.29
C ASP G 54 15.78 -25.89 -8.64
N THR G 55 15.27 -25.14 -7.66
CA THR G 55 14.04 -24.36 -7.90
C THR G 55 14.16 -22.95 -7.33
N MSE G 56 13.42 -22.02 -7.95
CA MSE G 56 13.24 -20.66 -7.44
C MSE G 56 11.75 -20.52 -7.19
O MSE G 56 10.93 -20.70 -8.11
CB MSE G 56 13.71 -19.62 -8.45
CG MSE G 56 13.66 -18.15 -7.91
SE MSE G 56 15.04 -17.89 -6.54
CE MSE G 56 16.59 -18.09 -7.72
H MSE G 56 13.01 -22.16 -8.69
HA MSE G 56 13.74 -20.54 -6.61
HB2 MSE G 56 14.64 -19.81 -8.70
HB3 MSE G 56 13.15 -19.66 -9.25
HG2 MSE G 56 13.82 -17.53 -8.63
HG3 MSE G 56 12.79 -17.99 -7.51
HE1 MSE G 56 16.56 -18.95 -8.13
HE2 MSE G 56 16.54 -17.40 -8.40
HE3 MSE G 56 17.38 -17.99 -7.20
N ASN G 57 11.38 -20.25 -5.94
CA ASN G 57 10.00 -20.09 -5.56
C ASN G 57 9.17 -21.26 -6.09
N GLY G 58 9.74 -22.46 -5.99
CA GLY G 58 9.00 -23.68 -6.27
C GLY G 58 9.05 -24.12 -7.72
N ASN G 59 9.63 -23.32 -8.59
CA ASN G 59 9.68 -23.63 -9.99
C ASN G 59 11.11 -23.95 -10.46
N ALA G 60 11.27 -24.99 -11.26
CA ALA G 60 12.59 -25.35 -11.79
C ALA G 60 13.36 -24.21 -12.40
N LEU G 61 14.64 -24.10 -12.05
CA LEU G 61 15.50 -23.14 -12.68
C LEU G 61 15.61 -23.40 -14.18
N ARG G 62 15.71 -22.31 -14.95
CA ARG G 62 16.00 -22.40 -16.37
C ARG G 62 17.51 -22.30 -16.56
N THR G 63 17.99 -22.95 -17.63
CA THR G 63 19.38 -22.85 -18.01
C THR G 63 19.91 -21.43 -18.05
N THR G 64 19.15 -20.51 -18.63
CA THR G 64 19.58 -19.11 -18.75
C THR G 64 19.73 -18.38 -17.42
N GLN G 65 19.10 -18.90 -16.36
CA GLN G 65 19.25 -18.35 -15.01
C GLN G 65 20.54 -18.78 -14.29
N ILE G 66 21.17 -19.83 -14.81
CA ILE G 66 22.32 -20.46 -14.13
C ILE G 66 23.58 -20.07 -14.88
N LEU G 67 24.46 -19.33 -14.21
CA LEU G 67 25.66 -18.77 -14.82
C LEU G 67 26.94 -19.14 -14.07
N ASN G 68 28.07 -18.82 -14.68
CA ASN G 68 29.38 -18.98 -14.06
C ASN G 68 29.54 -20.37 -13.50
N ASN G 69 29.24 -21.34 -14.36
CA ASN G 69 29.44 -22.75 -14.05
C ASN G 69 28.66 -23.19 -12.83
N GLY G 70 27.42 -22.74 -12.73
CA GLY G 70 26.55 -23.18 -11.66
C GLY G 70 26.72 -22.44 -10.34
N LYS G 71 27.60 -21.45 -10.28
CA LYS G 71 27.83 -20.70 -9.05
C LYS G 71 26.90 -19.46 -8.89
N THR G 72 26.26 -19.04 -9.98
CA THR G 72 25.42 -17.83 -9.98
C THR G 72 24.00 -18.21 -10.42
N VAL G 73 22.99 -17.78 -9.67
CA VAL G 73 21.61 -17.98 -10.07
C VAL G 73 20.92 -16.62 -10.10
N ARG G 74 20.36 -16.28 -11.25
CA ARG G 74 19.77 -14.96 -11.51
C ARG G 74 18.24 -14.99 -11.61
N VAL G 75 17.60 -13.97 -11.05
CA VAL G 75 16.20 -13.70 -11.32
C VAL G 75 16.24 -12.38 -12.08
N PRO G 76 16.06 -12.42 -13.39
CA PRO G 76 16.35 -11.21 -14.20
C PRO G 76 15.32 -10.09 -14.09
N LEU G 77 14.07 -10.44 -13.80
CA LEU G 77 13.00 -9.45 -13.64
C LEU G 77 12.23 -9.71 -12.35
N ALA G 78 12.95 -9.53 -11.24
CA ALA G 78 12.39 -9.58 -9.92
C ALA G 78 11.59 -8.30 -9.64
N LEU G 79 10.64 -8.38 -8.72
CA LEU G 79 9.90 -7.22 -8.27
C LEU G 79 9.87 -7.22 -6.74
N ASP G 80 10.05 -6.04 -6.16
CA ASP G 80 9.93 -5.87 -4.71
C ASP G 80 9.10 -4.62 -4.47
N LEU G 81 8.33 -4.68 -3.38
CA LEU G 81 7.47 -3.60 -2.92
C LEU G 81 7.35 -3.67 -1.41
N LEU G 82 7.75 -2.60 -0.76
CA LEU G 82 7.66 -2.49 0.69
C LEU G 82 8.28 -3.66 1.46
N GLY G 83 9.30 -4.29 0.89
CA GLY G 83 9.98 -5.35 1.59
C GLY G 83 9.19 -6.62 1.68
N ALA G 84 8.17 -6.74 0.82
CA ALA G 84 7.29 -7.91 0.84
C ALA G 84 7.74 -8.98 -0.13
N GLY G 85 8.63 -8.60 -1.03
CA GLY G 85 9.18 -9.53 -1.99
C GLY G 85 10.13 -10.57 -1.36
N GLU G 86 10.16 -11.77 -1.89
CA GLU G 86 10.97 -12.85 -1.32
C GLU G 86 11.30 -13.87 -2.39
N PHE G 87 12.55 -14.33 -2.37
CA PHE G 87 13.07 -15.28 -3.32
C PHE G 87 13.65 -16.47 -2.55
N MLY G 88 13.11 -17.64 -2.82
CA MLY G 88 13.56 -18.88 -2.19
CB MLY G 88 12.41 -19.61 -1.52
CG MLY G 88 11.96 -18.96 -0.28
CD MLY G 88 11.15 -19.89 0.57
CE MLY G 88 10.94 -19.25 1.90
NZ MLY G 88 10.01 -19.98 2.74
CH1 MLY G 88 9.94 -19.07 3.90
CH2 MLY G 88 10.72 -21.19 3.22
C MLY G 88 14.21 -19.78 -3.22
O MLY G 88 13.54 -20.32 -4.12
H MLY G 88 12.45 -17.75 -3.37
HA MLY G 88 14.23 -18.67 -1.51
HB2 MLY G 88 11.57 -19.67 -2.22
HB3 MLY G 88 12.70 -20.50 -1.30
HG2 MLY G 88 12.83 -18.61 0.29
HG3 MLY G 88 11.41 -18.19 -0.50
HD2 MLY G 88 10.19 -20.08 0.09
HD3 MLY G 88 11.64 -20.72 0.70
HE2 MLY G 88 11.89 -19.17 2.41
HE3 MLY G 88 10.57 -18.37 1.76
HH11 MLY G 88 11.01 -21.80 2.36
HH12 MLY G 88 11.61 -20.89 3.78
HH13 MLY G 88 10.05 -21.77 3.86
HH21 MLY G 88 10.94 -18.86 4.26
HH22 MLY G 88 9.46 -18.15 3.60
HH23 MLY G 88 9.35 -19.54 4.69
N LEU G 89 15.53 -19.90 -3.11
CA LEU G 89 16.32 -20.79 -3.96
C LEU G 89 16.54 -22.11 -3.21
N LYS G 90 16.03 -23.20 -3.76
CA LYS G 90 16.15 -24.48 -3.08
C LYS G 90 17.09 -25.37 -3.89
N LEU G 91 18.18 -25.77 -3.25
CA LEU G 91 19.19 -26.65 -3.84
C LEU G 91 18.81 -28.05 -3.38
N ASN G 92 18.30 -28.85 -4.32
CA ASN G 92 17.72 -30.16 -4.03
C ASN G 92 18.70 -31.31 -4.23
N ASN G 93 18.72 -32.23 -3.27
CA ASN G 93 19.44 -33.51 -3.39
C ASN G 93 20.90 -33.26 -3.74
N LYS G 94 21.56 -32.45 -2.92
CA LYS G 94 22.95 -32.13 -3.13
C LYS G 94 23.77 -33.05 -2.22
N THR G 95 24.94 -33.44 -2.68
CA THR G 95 25.92 -34.07 -1.81
C THR G 95 26.63 -32.98 -1.09
N LEU G 96 26.44 -32.91 0.22
CA LEU G 96 27.12 -31.88 0.99
C LEU G 96 28.62 -32.09 0.87
N PRO G 97 29.35 -30.98 0.81
CA PRO G 97 30.81 -31.03 0.72
C PRO G 97 31.48 -31.29 2.07
N ALA G 98 32.81 -31.09 2.13
CA ALA G 98 33.56 -31.34 3.36
C ALA G 98 33.06 -30.48 4.52
N ALA G 99 33.15 -31.02 5.73
CA ALA G 99 32.75 -30.31 6.94
C ALA G 99 33.40 -28.93 6.99
N GLY G 100 32.63 -27.95 7.46
CA GLY G 100 33.09 -26.59 7.53
C GLY G 100 31.92 -25.61 7.36
N THR G 101 32.26 -24.34 7.25
CA THR G 101 31.25 -23.29 7.17
C THR G 101 31.25 -22.74 5.75
N TYR G 102 30.06 -22.62 5.18
CA TYR G 102 29.91 -22.21 3.79
C TYR G 102 29.02 -20.98 3.73
N THR G 103 29.47 -19.96 3.02
CA THR G 103 28.75 -18.67 2.97
C THR G 103 28.14 -18.39 1.60
N PHE G 104 26.85 -18.03 1.59
CA PHE G 104 26.10 -17.75 0.37
C PHE G 104 25.81 -16.26 0.33
N ARG G 105 25.66 -15.71 -0.87
CA ARG G 105 25.41 -14.28 -1.02
C ARG G 105 24.22 -14.07 -1.95
N ALA G 106 23.47 -13.00 -1.70
CA ALA G 106 22.41 -12.60 -2.58
C ALA G 106 22.50 -11.09 -2.73
N GLU G 107 22.35 -10.62 -3.95
CA GLU G 107 22.60 -9.23 -4.26
C GLU G 107 21.50 -8.61 -5.13
N ASN G 108 21.28 -7.33 -4.91
CA ASN G 108 20.23 -6.60 -5.65
C ASN G 108 20.91 -5.72 -6.71
N LYS G 109 20.69 -6.07 -7.98
CA LYS G 109 21.30 -5.37 -9.14
C LYS G 109 20.22 -4.73 -9.99
N SER G 110 19.10 -4.41 -9.36
CA SER G 110 17.90 -3.96 -10.07
C SER G 110 17.80 -2.44 -10.05
N LEU G 111 16.86 -1.88 -10.80
CA LEU G 111 16.40 -0.52 -10.53
C LEU G 111 15.73 -0.51 -9.16
N SER G 112 16.19 0.34 -8.26
CA SER G 112 15.77 0.18 -6.88
C SER G 112 15.71 1.48 -6.10
N ILE G 113 14.64 1.63 -5.33
CA ILE G 113 14.59 2.59 -4.26
C ILE G 113 14.78 1.79 -2.98
N GLY G 114 15.98 1.83 -2.44
CA GLY G 114 16.33 0.85 -1.43
C GLY G 114 17.82 0.80 -1.23
N ASN G 115 18.25 0.08 -0.21
CA ASN G 115 19.68 -0.21 -0.03
C ASN G 115 20.04 -1.49 -0.78
N MLY G 116 20.91 -1.38 -1.76
CA MLY G 116 21.21 -2.52 -2.64
CB MLY G 116 21.51 -2.06 -4.05
CG MLY G 116 20.31 -1.39 -4.76
CD MLY G 116 20.74 -0.55 -5.94
CE MLY G 116 21.15 -1.40 -7.12
NZ MLY G 116 21.84 -0.61 -8.19
CH1 MLY G 116 20.95 0.45 -8.65
CH2 MLY G 116 22.03 -1.52 -9.35
C MLY G 116 22.36 -3.38 -2.12
O MLY G 116 22.71 -4.35 -2.79
H MLY G 116 21.36 -0.67 -1.96
HA MLY G 116 20.42 -3.09 -2.67
HB2 MLY G 116 22.34 -1.36 -4.03
HB3 MLY G 116 21.77 -2.83 -4.58
HG2 MLY G 116 19.62 -2.16 -5.10
HG3 MLY G 116 19.86 -0.81 -4.12
HD2 MLY G 116 19.92 0.10 -6.24
HD3 MLY G 116 21.50 -0.01 -5.70
HE2 MLY G 116 21.81 -2.19 -6.77
HE3 MLY G 116 20.36 -1.80 -7.51
HH11 MLY G 116 22.64 -2.36 -9.03
HH12 MLY G 116 21.06 -1.88 -9.68
HH13 MLY G 116 22.52 -0.99 -10.16
HH21 MLY G 116 19.99 0.04 -8.93
HH22 MLY G 116 20.79 1.17 -7.84
HH23 MLY G 116 21.39 0.96 -9.51
N PHE G 117 22.92 -3.07 -0.96
CA PHE G 117 24.06 -3.84 -0.48
C PHE G 117 23.69 -5.31 -0.34
N TYR G 118 24.61 -6.20 -0.72
CA TYR G 118 24.34 -7.64 -0.63
C TYR G 118 24.06 -8.14 0.78
N ALA G 119 23.40 -9.31 0.86
CA ALA G 119 23.16 -10.00 2.10
C ALA G 119 23.90 -11.34 2.06
N GLU G 120 24.37 -11.79 3.21
CA GLU G 120 25.04 -13.09 3.30
C GLU G 120 24.50 -13.93 4.42
N ALA G 121 24.73 -15.23 4.31
CA ALA G 121 24.33 -16.17 5.34
C ALA G 121 25.13 -17.46 5.15
N SER G 122 25.29 -18.21 6.22
CA SER G 122 26.17 -19.38 6.18
C SER G 122 25.46 -20.60 6.71
N ILE G 123 25.98 -21.77 6.32
CA ILE G 123 25.56 -23.02 6.91
C ILE G 123 26.82 -23.72 7.44
N ASP G 124 26.63 -24.60 8.41
CA ASP G 124 27.71 -25.47 8.93
C ASP G 124 27.40 -26.90 8.53
N VAL G 125 28.29 -27.48 7.76
CA VAL G 125 28.26 -28.88 7.42
C VAL G 125 29.11 -29.63 8.48
N ALA G 126 28.53 -30.65 9.10
CA ALA G 126 29.13 -31.35 10.24
C ALA G 126 30.04 -32.48 9.79
N LYS G 127 31.01 -32.84 10.64
CA LYS G 127 31.90 -33.95 10.34
C LYS G 127 31.21 -35.30 10.44
N ARG G 128 31.54 -36.20 9.50
CA ARG G 128 31.22 -37.62 9.59
C ARG G 128 31.64 -38.10 10.99
N GLY H 1 -13.45 -8.23 -3.77
CA GLY H 1 -14.87 -8.39 -3.98
C GLY H 1 -15.38 -7.41 -5.02
N PRO H 2 -16.57 -6.86 -4.81
CA PRO H 2 -17.16 -5.90 -5.74
C PRO H 2 -16.30 -4.64 -5.82
N LEU H 3 -16.35 -3.99 -6.98
CA LEU H 3 -15.58 -2.77 -7.23
C LEU H 3 -16.45 -1.52 -7.21
N GLY H 4 -15.80 -0.38 -7.00
CA GLY H 4 -16.50 0.89 -7.06
C GLY H 4 -16.54 1.43 -8.49
N SER H 5 -16.91 2.69 -8.65
CA SER H 5 -17.03 3.25 -9.98
C SER H 5 -16.22 4.53 -10.08
N ALA H 6 -15.86 4.86 -11.30
CA ALA H 6 -15.16 6.11 -11.61
C ALA H 6 -16.02 7.33 -11.32
N SER H 7 -15.38 8.47 -11.10
CA SER H 7 -16.09 9.71 -10.90
C SER H 7 -15.51 10.81 -11.79
N LEU H 8 -16.39 11.70 -12.22
CA LEU H 8 -15.98 12.89 -12.95
C LEU H 8 -16.72 14.08 -12.35
N PHE H 9 -15.98 15.16 -12.12
CA PHE H 9 -16.57 16.44 -11.77
C PHE H 9 -16.25 17.46 -12.85
N ALA H 10 -17.23 18.30 -13.16
CA ALA H 10 -17.04 19.36 -14.15
C ALA H 10 -17.50 20.65 -13.53
N THR H 11 -16.62 21.65 -13.50
N THR H 11 -16.61 21.64 -13.58
CA THR H 11 -16.94 22.88 -12.79
CA THR H 11 -16.77 22.87 -12.83
C THR H 11 -16.33 24.11 -13.45
C THR H 11 -16.35 24.04 -13.72
N ILE H 12 -17.18 25.08 -13.74
CA ILE H 12 -16.76 26.36 -14.31
C ILE H 12 -16.04 27.08 -13.19
N THR H 13 -14.73 27.27 -13.35
CA THR H 13 -13.93 27.86 -12.30
C THR H 13 -13.66 29.34 -12.55
N GLY H 14 -13.89 29.80 -13.77
CA GLY H 14 -13.77 31.22 -14.08
C GLY H 14 -14.82 32.04 -13.37
N ALA H 15 -14.64 33.35 -13.36
CA ALA H 15 -15.58 34.29 -12.76
C ALA H 15 -16.99 34.18 -13.35
N SER H 16 -17.07 34.03 -14.67
CA SER H 16 -18.38 34.02 -15.32
C SER H 16 -18.87 32.62 -15.66
N MLY H 17 -20.17 32.41 -15.49
CA MLY H 17 -20.83 31.21 -15.95
CB MLY H 17 -21.58 30.49 -14.82
CG MLY H 17 -20.69 29.90 -13.75
CD MLY H 17 -20.34 30.91 -12.71
CE MLY H 17 -19.98 30.25 -11.38
NZ MLY H 17 -20.46 30.99 -10.15
CH1 MLY H 17 -20.94 32.35 -10.46
CH2 MLY H 17 -19.29 31.16 -9.27
C MLY H 17 -21.82 31.55 -17.06
O MLY H 17 -22.64 30.73 -17.42
H MLY H 17 -20.70 32.97 -15.10
HA MLY H 17 -20.17 30.59 -16.32
HB2 MLY H 17 -22.26 31.21 -14.35
HB3 MLY H 17 -22.09 29.77 -15.20
HG2 MLY H 17 -21.20 29.06 -13.28
HG3 MLY H 17 -19.86 29.59 -14.15
HD2 MLY H 17 -19.50 31.50 -13.05
HD3 MLY H 17 -21.11 31.49 -12.56
HE2 MLY H 17 -20.39 29.23 -11.36
HE3 MLY H 17 -19.01 30.19 -11.32
HH11 MLY H 17 -18.90 30.18 -8.99
HH12 MLY H 17 -18.53 31.73 -9.79
HH13 MLY H 17 -19.60 31.70 -8.36
HH21 MLY H 17 -20.17 32.89 -11.01
HH22 MLY H 17 -21.84 32.28 -11.07
HH23 MLY H 17 -21.17 32.88 -9.54
N THR H 18 -21.70 32.74 -17.64
CA THR H 18 -22.68 33.21 -18.62
C THR H 18 -22.31 32.92 -20.06
N GLU H 19 -23.33 32.49 -20.81
CA GLU H 19 -23.19 32.20 -22.21
C GLU H 19 -22.52 33.33 -22.92
N TRP H 20 -21.57 32.96 -23.80
CA TRP H 20 -20.85 33.89 -24.68
C TRP H 20 -19.77 34.74 -23.99
N SER H 21 -19.53 34.48 -22.71
CA SER H 21 -18.47 35.17 -21.97
C SER H 21 -17.27 34.23 -21.76
N PHE H 22 -16.11 34.80 -21.46
CA PHE H 22 -14.89 34.04 -21.28
C PHE H 22 -14.88 33.39 -19.91
N SER H 23 -14.44 32.14 -19.84
CA SER H 23 -14.32 31.46 -18.55
C SER H 23 -13.36 30.28 -18.65
N ASP H 24 -13.20 29.55 -17.55
CA ASP H 24 -12.34 28.37 -17.51
C ASP H 24 -13.20 27.21 -17.00
N ILE H 25 -12.96 26.02 -17.54
CA ILE H 25 -13.71 24.82 -17.12
C ILE H 25 -12.69 23.79 -16.66
N GLU H 26 -12.90 23.21 -15.48
CA GLU H 26 -12.01 22.16 -14.99
C GLU H 26 -12.76 20.84 -14.78
N LEU H 27 -12.21 19.78 -15.36
CA LEU H 27 -12.78 18.45 -15.33
C LEU H 27 -11.84 17.60 -14.47
N THR H 28 -12.37 17.02 -13.40
CA THR H 28 -11.57 16.22 -12.47
C THR H 28 -12.06 14.78 -12.50
N TYR H 29 -11.19 13.91 -13.02
CA TYR H 29 -11.49 12.51 -13.24
C TYR H 29 -10.70 11.61 -12.31
N ARG H 30 -11.42 10.72 -11.62
CA ARG H 30 -10.79 9.63 -10.87
C ARG H 30 -11.31 8.31 -11.43
N PRO H 31 -10.43 7.57 -12.12
CA PRO H 31 -10.90 6.27 -12.66
C PRO H 31 -11.29 5.30 -11.53
N ASN H 32 -10.76 5.54 -10.34
CA ASN H 32 -11.15 4.83 -9.12
C ASN H 32 -11.01 3.32 -9.21
N THR H 33 -9.82 2.87 -9.59
CA THR H 33 -9.59 1.44 -9.75
C THR H 33 -8.52 0.95 -8.78
N LEU H 34 -8.45 -0.37 -8.62
CA LEU H 34 -7.39 -0.97 -7.84
C LEU H 34 -6.04 -0.76 -8.49
N LEU H 35 -5.97 -1.02 -9.78
CA LEU H 35 -4.74 -0.88 -10.56
C LEU H 35 -5.13 -0.68 -12.03
N SER H 36 -4.61 0.37 -12.66
CA SER H 36 -4.76 0.59 -14.10
C SER H 36 -3.47 1.10 -14.73
N LEU H 37 -3.24 0.70 -15.97
CA LEU H 37 -2.08 1.13 -16.72
C LEU H 37 -2.44 1.20 -18.20
N GLY H 38 -2.44 2.42 -18.76
CA GLY H 38 -2.78 2.59 -20.15
C GLY H 38 -3.63 3.82 -20.44
N VAL H 39 -4.41 3.71 -21.50
CA VAL H 39 -5.16 4.84 -22.05
C VAL H 39 -6.37 5.25 -21.19
N MSE H 40 -6.45 6.54 -20.92
CA MSE H 40 -7.65 7.18 -20.40
C MSE H 40 -8.01 8.31 -21.34
O MSE H 40 -7.15 8.90 -21.95
CB MSE H 40 -7.41 7.77 -19.04
CG MSE H 40 -6.57 6.91 -18.17
SE MSE H 40 -7.72 6.14 -16.87
CE MSE H 40 -6.61 4.66 -16.13
H MSE H 40 -5.80 7.09 -21.03
HA MSE H 40 -8.38 6.52 -20.34
HB2 MSE H 40 -6.96 8.63 -19.14
HB3 MSE H 40 -8.26 7.91 -18.60
HG2 MSE H 40 -6.17 6.19 -18.69
HG3 MSE H 40 -5.90 7.44 -17.72
HE1 MSE H 40 -6.38 4.06 -16.84
HE2 MSE H 40 -5.81 5.04 -15.74
HE3 MSE H 40 -7.11 4.21 -15.45
N GLU H 41 -9.30 8.61 -21.43
CA GLU H 41 -9.78 9.53 -22.46
C GLU H 41 -10.99 10.37 -22.02
N PHE H 42 -10.89 11.67 -22.27
CA PHE H 42 -11.94 12.63 -21.98
C PHE H 42 -12.63 12.94 -23.31
N THR H 43 -13.95 13.13 -23.27
CA THR H 43 -14.73 13.50 -24.45
C THR H 43 -15.51 14.75 -24.13
N LEU H 44 -15.41 15.76 -24.99
CA LEU H 44 -16.01 17.05 -24.75
C LEU H 44 -17.28 17.16 -25.63
N PRO H 45 -18.34 17.78 -25.11
CA PRO H 45 -19.57 17.97 -25.88
C PRO H 45 -19.45 19.12 -26.91
N SER H 46 -20.26 19.08 -27.97
CA SER H 46 -20.34 20.22 -28.89
C SER H 46 -20.48 21.47 -28.09
N GLY H 47 -19.68 22.47 -28.44
CA GLY H 47 -19.63 23.73 -27.73
C GLY H 47 -18.30 23.96 -27.05
N PHE H 48 -17.52 22.89 -26.86
CA PHE H 48 -16.22 22.98 -26.18
C PHE H 48 -15.23 22.15 -26.94
N THR H 49 -14.02 22.66 -27.11
CA THR H 49 -12.94 21.86 -27.71
C THR H 49 -11.63 22.16 -27.00
N ALA H 50 -10.66 21.24 -27.13
CA ALA H 50 -9.36 21.35 -26.50
C ALA H 50 -8.31 21.81 -27.49
N ASN H 51 -7.35 22.59 -27.02
CA ASN H 51 -6.16 22.88 -27.80
C ASN H 51 -4.93 22.86 -26.90
N THR H 52 -3.77 23.28 -27.43
CA THR H 52 -2.52 23.13 -26.67
C THR H 52 -2.28 24.19 -25.61
N LYS H 53 -3.22 25.11 -25.47
CA LYS H 53 -3.22 26.06 -24.37
C LYS H 53 -3.99 25.51 -23.16
N ASP H 54 -4.66 24.37 -23.33
CA ASP H 54 -5.36 23.74 -22.23
C ASP H 54 -4.36 22.80 -21.56
N THR H 55 -4.65 22.35 -20.35
CA THR H 55 -3.66 21.61 -19.58
C THR H 55 -4.23 20.31 -18.98
N MSE H 56 -3.36 19.35 -18.77
CA MSE H 56 -3.69 18.12 -18.03
C MSE H 56 -2.73 18.08 -16.84
O MSE H 56 -1.51 18.08 -17.03
CB MSE H 56 -3.47 16.89 -18.91
CG MSE H 56 -3.80 15.59 -18.24
SE MSE H 56 -5.75 15.48 -18.07
CE MSE H 56 -6.14 15.23 -19.96
H MSE H 56 -2.54 19.36 -19.05
HA MSE H 56 -4.62 18.14 -17.73
HB2 MSE H 56 -4.02 16.98 -19.70
HB3 MSE H 56 -2.53 16.86 -19.17
HG2 MSE H 56 -3.50 14.86 -18.80
HG3 MSE H 56 -3.41 15.57 -17.36
HE1 MSE H 56 -5.81 16.00 -20.45
HE2 MSE H 56 -5.71 14.44 -20.27
HE3 MSE H 56 -7.09 15.15 -20.09
N ASN H 57 -3.27 18.09 -15.62
CA ASN H 57 -2.45 18.12 -14.41
C ASN H 57 -1.38 19.22 -14.49
N GLY H 58 -1.81 20.39 -14.95
CA GLY H 58 -0.95 21.57 -14.96
C GLY H 58 0.03 21.69 -16.09
N ASN H 59 0.04 20.74 -17.02
CA ASN H 59 0.99 20.78 -18.13
C ASN H 59 0.24 20.88 -19.45
N ALA H 60 0.71 21.76 -20.34
CA ALA H 60 0.03 21.93 -21.63
C ALA H 60 -0.17 20.62 -22.40
N LEU H 61 -1.35 20.46 -22.98
CA LEU H 61 -1.65 19.32 -23.83
C LEU H 61 -0.74 19.28 -25.02
N ARG H 62 -0.39 18.07 -25.45
CA ARG H 62 0.35 17.90 -26.68
C ARG H 62 -0.62 17.64 -27.81
N THR H 63 -0.24 18.07 -29.00
CA THR H 63 -1.05 17.86 -30.19
C THR H 63 -1.47 16.40 -30.36
N THR H 64 -0.56 15.47 -30.09
CA THR H 64 -0.87 14.05 -30.21
C THR H 64 -1.91 13.57 -29.20
N GLN H 65 -2.15 14.36 -28.15
CA GLN H 65 -3.17 14.01 -27.14
C GLN H 65 -4.57 14.47 -27.52
N ILE H 66 -4.65 15.40 -28.46
CA ILE H 66 -5.93 15.97 -28.86
C ILE H 66 -6.40 15.35 -30.16
N LEU H 67 -7.55 14.71 -30.11
CA LEU H 67 -8.03 13.97 -31.27
C LEU H 67 -9.45 14.37 -31.63
N ASN H 68 -9.91 13.88 -32.78
CA ASN H 68 -11.30 14.08 -33.22
C ASN H 68 -11.68 15.56 -33.22
N ASN H 69 -10.87 16.33 -33.92
CA ASN H 69 -11.04 17.78 -34.05
C ASN H 69 -11.28 18.49 -32.72
N GLY H 70 -10.51 18.14 -31.69
CA GLY H 70 -10.57 18.86 -30.44
C GLY H 70 -11.59 18.35 -29.44
N LYS H 71 -12.29 17.27 -29.81
CA LYS H 71 -13.34 16.71 -28.97
C LYS H 71 -12.85 15.66 -27.98
N THR H 72 -11.69 15.09 -28.25
CA THR H 72 -11.15 13.99 -27.45
C THR H 72 -9.75 14.36 -26.91
N VAL H 73 -9.51 14.07 -25.64
CA VAL H 73 -8.21 14.31 -25.03
C VAL H 73 -7.76 13.04 -24.34
N ARG H 74 -6.61 12.53 -24.75
CA ARG H 74 -6.10 11.24 -24.31
C ARG H 74 -4.90 11.39 -23.38
N VAL H 75 -4.85 10.55 -22.35
CA VAL H 75 -3.65 10.34 -21.55
C VAL H 75 -3.21 8.91 -21.88
N PRO H 76 -2.19 8.75 -22.72
CA PRO H 76 -1.94 7.41 -23.26
C PRO H 76 -1.36 6.39 -22.27
N LEU H 77 -0.61 6.85 -21.29
CA LEU H 77 0.00 5.94 -20.32
C LEU H 77 -0.27 6.42 -18.92
N ALA H 78 -1.55 6.48 -18.59
CA ALA H 78 -1.99 6.82 -17.26
C ALA H 78 -1.69 5.65 -16.31
N LEU H 79 -1.62 5.96 -15.02
CA LEU H 79 -1.43 4.99 -13.96
C LEU H 79 -2.45 5.27 -12.85
N ASP H 80 -3.04 4.21 -12.32
CA ASP H 80 -3.94 4.33 -11.16
C ASP H 80 -3.60 3.21 -10.17
N LEU H 81 -3.75 3.53 -8.88
CA LEU H 81 -3.49 2.59 -7.80
C LEU H 81 -4.39 2.96 -6.63
N LEU H 82 -5.22 2.01 -6.19
CA LEU H 82 -6.09 2.17 -5.05
C LEU H 82 -6.96 3.40 -5.15
N GLY H 83 -7.31 3.78 -6.38
CA GLY H 83 -8.21 4.90 -6.59
C GLY H 83 -7.58 6.22 -6.19
N ALA H 84 -6.26 6.24 -6.14
CA ALA H 84 -5.53 7.48 -5.79
C ALA H 84 -5.18 8.35 -6.99
N GLY H 85 -5.28 7.79 -8.19
CA GLY H 85 -4.96 8.52 -9.40
C GLY H 85 -6.02 9.56 -9.72
N GLU H 86 -5.57 10.69 -10.26
CA GLU H 86 -6.51 11.75 -10.65
C GLU H 86 -5.97 12.52 -11.83
N PHE H 87 -6.89 12.89 -12.74
CA PHE H 87 -6.54 13.64 -13.94
C PHE H 87 -7.40 14.90 -14.00
N MLY H 88 -6.75 16.05 -14.09
CA MLY H 88 -7.44 17.32 -14.12
CB MLY H 88 -6.98 18.22 -12.99
CG MLY H 88 -7.40 17.81 -11.65
CD MLY H 88 -7.47 19.04 -10.75
CE MLY H 88 -7.76 18.64 -9.34
NZ MLY H 88 -8.63 19.57 -8.62
CH1 MLY H 88 -7.88 20.83 -8.45
CH2 MLY H 88 -8.80 18.91 -7.31
C MLY H 88 -7.19 18.01 -15.43
O MLY H 88 -6.07 18.47 -15.72
H MLY H 88 -5.89 16.12 -14.15
HA MLY H 88 -8.41 17.16 -14.02
HB2 MLY H 88 -5.90 18.28 -13.02
HB3 MLY H 88 -7.34 19.10 -13.15
HG2 MLY H 88 -8.38 17.33 -11.69
HG3 MLY H 88 -6.75 17.20 -11.27
HD2 MLY H 88 -6.52 19.58 -10.80
HD3 MLY H 88 -8.18 19.61 -11.06
HE2 MLY H 88 -8.21 17.66 -9.34
HE3 MLY H 88 -6.92 18.61 -8.86
HH11 MLY H 88 -9.26 17.93 -7.46
HH12 MLY H 88 -7.84 18.79 -6.84
HH13 MLY H 88 -9.45 19.52 -6.68
HH21 MLY H 88 -6.92 20.62 -7.97
HH22 MLY H 88 -7.70 21.29 -9.41
HH23 MLY H 88 -8.45 21.52 -7.82
N LEU H 89 -8.23 18.06 -16.24
CA LEU H 89 -8.17 18.70 -17.56
C LEU H 89 -8.77 20.07 -17.39
N LYS H 90 -7.96 21.10 -17.66
CA LYS H 90 -8.41 22.47 -17.54
C LYS H 90 -8.52 23.13 -18.92
N LEU H 91 -9.72 23.58 -19.25
CA LEU H 91 -9.98 24.27 -20.49
C LEU H 91 -9.90 25.75 -20.17
N ASN H 92 -8.87 26.40 -20.73
CA ASN H 92 -8.45 27.75 -20.38
C ASN H 92 -8.99 28.82 -21.33
N ASN H 93 -9.65 29.80 -20.73
CA ASN H 93 -10.10 31.01 -21.44
C ASN H 93 -10.95 30.66 -22.66
N LYS H 94 -12.01 29.91 -22.40
CA LYS H 94 -12.93 29.48 -23.44
C LYS H 94 -14.08 30.48 -23.48
N THR H 95 -14.64 30.66 -24.66
CA THR H 95 -15.89 31.38 -24.79
C THR H 95 -17.02 30.39 -24.55
N LEU H 96 -17.73 30.55 -23.45
CA LEU H 96 -18.84 29.67 -23.13
C LEU H 96 -19.86 29.71 -24.26
N PRO H 97 -20.42 28.54 -24.60
CA PRO H 97 -21.44 28.50 -25.64
C PRO H 97 -22.82 28.94 -25.11
N ALA H 98 -23.84 28.67 -25.90
CA ALA H 98 -25.22 29.10 -25.56
C ALA H 98 -25.70 28.49 -24.25
N ALA H 99 -26.53 29.25 -23.52
CA ALA H 99 -27.08 28.78 -22.26
C ALA H 99 -27.62 27.36 -22.42
N GLY H 100 -27.43 26.55 -21.38
CA GLY H 100 -27.85 25.17 -21.42
C GLY H 100 -26.96 24.28 -20.56
N THR H 101 -27.27 22.99 -20.61
CA THR H 101 -26.53 21.98 -19.85
C THR H 101 -25.63 21.20 -20.78
N TYR H 102 -24.35 21.08 -20.40
CA TYR H 102 -23.34 20.43 -21.22
C TYR H 102 -22.68 19.30 -20.43
N THR H 103 -22.61 18.12 -21.06
CA THR H 103 -22.17 16.91 -20.39
C THR H 103 -20.82 16.45 -20.93
N PHE H 104 -19.89 16.20 -20.01
CA PHE H 104 -18.55 15.74 -20.35
C PHE H 104 -18.40 14.27 -19.94
N ARG H 105 -17.50 13.57 -20.61
CA ARG H 105 -17.28 12.15 -20.32
C ARG H 105 -15.81 11.88 -20.14
N ALA H 106 -15.51 10.91 -19.28
CA ALA H 106 -14.19 10.39 -19.16
C ALA H 106 -14.26 8.88 -18.98
N GLU H 107 -13.37 8.20 -19.67
CA GLU H 107 -13.38 6.75 -19.77
C GLU H 107 -12.02 6.12 -19.62
N ASN H 108 -12.04 4.97 -18.96
CA ASN H 108 -10.85 4.17 -18.74
C ASN H 108 -10.73 3.09 -19.84
N LYS H 109 -9.74 3.24 -20.71
CA LYS H 109 -9.50 2.30 -21.80
C LYS H 109 -8.20 1.54 -21.58
N SER H 110 -7.82 1.39 -20.32
CA SER H 110 -6.51 0.85 -19.97
C SER H 110 -6.57 -0.64 -19.59
N LEU H 111 -5.41 -1.25 -19.37
CA LEU H 111 -5.35 -2.51 -18.64
C LEU H 111 -5.79 -2.17 -17.23
N SER H 112 -6.77 -2.87 -16.71
CA SER H 112 -7.32 -2.44 -15.45
C SER H 112 -7.90 -3.57 -14.64
N ILE H 113 -7.62 -3.49 -13.35
CA ILE H 113 -8.39 -4.24 -12.35
C ILE H 113 -9.28 -3.18 -11.72
N GLY H 114 -10.56 -3.19 -12.10
CA GLY H 114 -11.46 -2.11 -11.71
C GLY H 114 -12.59 -1.96 -12.72
N ASN H 115 -13.55 -1.12 -12.39
CA ASN H 115 -14.69 -0.91 -13.27
C ASN H 115 -14.33 0.15 -14.31
N MLY H 116 -14.24 -0.26 -15.56
CA MLY H 116 -13.80 0.65 -16.61
CB MLY H 116 -13.17 -0.15 -17.74
CG MLY H 116 -11.80 -0.82 -17.35
CD MLY H 116 -11.42 -1.87 -18.35
CE MLY H 116 -10.98 -1.25 -19.66
NZ MLY H 116 -10.67 -2.30 -20.67
CH1 MLY H 116 -9.98 -3.41 -20.05
CH2 MLY H 116 -9.84 -1.72 -21.74
C MLY H 116 -14.91 1.54 -17.18
O MLY H 116 -14.65 2.37 -18.05
H MLY H 116 -14.42 -1.06 -15.84
HA MLY H 116 -13.11 1.23 -16.24
HB2 MLY H 116 -13.86 -0.92 -18.06
HB3 MLY H 116 -13.00 0.45 -18.48
HG2 MLY H 116 -11.02 -0.05 -17.31
HG3 MLY H 116 -11.89 -1.24 -16.49
HD2 MLY H 116 -10.61 -2.47 -17.94
HD3 MLY H 116 -12.19 -2.42 -18.53
HE2 MLY H 116 -11.76 -0.59 -20.03
HE3 MLY H 116 -10.17 -0.73 -19.50
HH11 MLY H 116 -10.37 -0.90 -22.21
HH12 MLY H 116 -8.91 -1.36 -21.31
HH13 MLY H 116 -9.62 -2.49 -22.48
HH21 MLY H 116 -9.11 -3.05 -19.51
HH22 MLY H 116 -10.65 -3.92 -19.35
HH23 MLY H 116 -9.67 -4.12 -20.81
N PHE H 117 -16.14 1.40 -16.70
CA PHE H 117 -17.26 2.14 -17.24
C PHE H 117 -17.03 3.66 -17.14
N TYR H 118 -17.48 4.39 -18.15
CA TYR H 118 -17.23 5.84 -18.17
C TYR H 118 -17.94 6.57 -17.04
N ALA H 119 -17.43 7.78 -16.76
CA ALA H 119 -18.01 8.68 -15.79
C ALA H 119 -18.43 9.92 -16.54
N GLU H 120 -19.53 10.54 -16.10
CA GLU H 120 -20.01 11.78 -16.72
C GLU H 120 -20.29 12.86 -15.69
N ALA H 121 -20.26 14.12 -16.14
CA ALA H 121 -20.57 15.27 -15.30
C ALA H 121 -21.01 16.39 -16.23
N SER H 122 -21.83 17.28 -15.72
CA SER H 122 -22.39 18.37 -16.55
C SER H 122 -22.14 19.72 -15.90
N ILE H 123 -22.15 20.77 -16.72
CA ILE H 123 -22.15 22.13 -16.22
C ILE H 123 -23.36 22.84 -16.82
N ASP H 124 -23.83 23.87 -16.13
CA ASP H 124 -24.94 24.67 -16.64
C ASP H 124 -24.38 26.05 -17.01
N VAL H 125 -24.57 26.45 -18.26
CA VAL H 125 -24.19 27.78 -18.70
C VAL H 125 -25.45 28.64 -18.63
N ALA H 126 -25.35 29.80 -17.99
CA ALA H 126 -26.50 30.64 -17.70
C ALA H 126 -26.83 31.59 -18.85
N LYS H 127 -28.10 32.02 -18.94
CA LYS H 127 -28.51 32.99 -19.96
C LYS H 127 -28.00 34.37 -19.56
N ARG H 128 -27.68 35.21 -20.54
CA ARG H 128 -27.46 36.64 -20.25
C ARG H 128 -28.76 37.27 -19.77
N SER I 5 2.38 -3.63 38.97
CA SER I 5 1.45 -3.84 37.86
C SER I 5 0.43 -2.69 37.78
N ALA I 6 -0.74 -2.98 37.21
CA ALA I 6 -1.80 -1.97 37.09
C ALA I 6 -2.19 -1.46 38.47
N SER I 7 -2.53 -0.19 38.56
CA SER I 7 -2.98 0.39 39.81
C SER I 7 -4.37 1.02 39.66
N LEU I 8 -5.09 1.11 40.77
CA LEU I 8 -6.36 1.84 40.82
C LEU I 8 -6.35 2.78 41.99
N PHE I 9 -6.77 4.00 41.73
CA PHE I 9 -6.90 5.01 42.75
C PHE I 9 -8.38 5.30 42.94
N ALA I 10 -8.83 5.24 44.19
CA ALA I 10 -10.21 5.51 44.54
C ALA I 10 -10.24 6.65 45.53
N THR I 11 -10.90 7.73 45.17
N THR I 11 -10.88 7.74 45.17
CA THR I 11 -10.87 8.94 45.99
CA THR I 11 -10.87 8.90 46.03
C THR I 11 -12.22 9.63 46.01
C THR I 11 -12.22 9.62 46.01
N ILE I 12 -12.66 10.05 47.20
CA ILE I 12 -13.82 10.91 47.31
C ILE I 12 -13.32 12.33 47.12
N THR I 13 -13.81 13.01 46.09
CA THR I 13 -13.26 14.30 45.69
C THR I 13 -14.17 15.49 46.00
N GLY I 14 -15.42 15.22 46.37
CA GLY I 14 -16.34 16.30 46.69
C GLY I 14 -16.13 16.83 48.10
N ALA I 15 -16.89 17.86 48.45
CA ALA I 15 -16.81 18.47 49.79
C ALA I 15 -16.84 17.44 50.92
N SER I 16 -17.80 16.52 50.86
CA SER I 16 -18.15 15.67 52.00
C SER I 16 -17.72 14.22 51.83
N MLY I 17 -17.27 13.61 52.93
CA MLY I 17 -16.96 12.20 52.93
CB MLY I 17 -15.51 11.96 53.38
CG MLY I 17 -14.52 13.09 53.00
CD MLY I 17 -14.02 12.97 51.57
CE MLY I 17 -12.79 13.85 51.31
NZ MLY I 17 -13.14 15.27 50.94
CH1 MLY I 17 -12.23 15.64 49.83
CH2 MLY I 17 -12.78 16.14 52.06
C MLY I 17 -17.93 11.43 53.85
O MLY I 17 -17.67 10.28 54.24
HA MLY I 17 -17.05 11.84 52.02
HB2 MLY I 17 -15.51 11.85 54.46
HB3 MLY I 17 -15.19 11.14 52.98
HG2 MLY I 17 -15.01 14.06 53.12
HG3 MLY I 17 -13.75 13.04 53.59
HD2 MLY I 17 -13.77 11.93 51.36
HD3 MLY I 17 -14.72 13.25 50.97
HE2 MLY I 17 -12.18 13.87 52.22
HE3 MLY I 17 -12.28 13.47 50.59
HH11 MLY I 17 -13.35 15.84 52.95
HH12 MLY I 17 -11.72 16.05 52.27
HH13 MLY I 17 -13.02 17.18 51.82
HH21 MLY I 17 -11.21 15.47 50.15
HH22 MLY I 17 -12.45 15.03 48.96
HH23 MLY I 17 -12.37 16.70 49.59
N THR I 18 -19.07 12.04 54.18
CA THR I 18 -19.92 11.47 55.22
C THR I 18 -21.19 10.78 54.70
N GLU I 19 -21.48 9.62 55.28
CA GLU I 19 -22.62 8.79 54.89
C GLU I 19 -23.85 9.65 54.61
N TRP I 20 -24.44 9.43 53.45
CA TRP I 20 -25.72 10.00 53.03
C TRP I 20 -25.61 11.42 52.50
N SER I 21 -24.41 11.97 52.45
CA SER I 21 -24.21 13.29 51.83
C SER I 21 -23.91 13.19 50.33
N PHE I 22 -24.26 14.25 49.60
CA PHE I 22 -23.89 14.36 48.19
C PHE I 22 -22.40 14.68 48.02
N SER I 23 -21.74 13.98 47.10
CA SER I 23 -20.31 14.18 46.86
C SER I 23 -19.93 13.63 45.49
N ASP I 24 -18.64 13.53 45.23
CA ASP I 24 -18.13 13.01 43.96
C ASP I 24 -17.04 11.99 44.26
N ILE I 25 -16.94 10.99 43.39
CA ILE I 25 -15.91 9.98 43.52
C ILE I 25 -15.12 9.89 42.20
N GLU I 26 -13.82 9.64 42.32
CA GLU I 26 -12.97 9.44 41.15
C GLU I 26 -12.31 8.10 41.23
N LEU I 27 -12.52 7.30 40.19
CA LEU I 27 -11.77 6.06 40.03
C LEU I 27 -10.83 6.22 38.83
N THR I 28 -9.54 6.08 39.11
CA THR I 28 -8.51 6.26 38.08
C THR I 28 -7.66 5.02 37.92
N TYR I 29 -7.85 4.32 36.80
CA TYR I 29 -7.11 3.11 36.51
C TYR I 29 -5.93 3.50 35.66
N ARG I 30 -4.76 3.10 36.11
CA ARG I 30 -3.54 3.38 35.37
C ARG I 30 -2.82 2.11 35.09
N PRO I 31 -2.88 1.65 33.84
CA PRO I 31 -1.98 0.54 33.58
C PRO I 31 -0.62 1.19 33.72
N ASP I 32 0.33 0.51 34.29
CA ASP I 32 1.62 1.17 34.38
C ASP I 32 2.45 0.64 33.21
N THR I 33 1.95 -0.45 32.63
CA THR I 33 2.25 -0.83 31.26
C THR I 33 1.29 -0.11 30.31
N LEU I 34 1.29 -0.50 29.04
CA LEU I 34 0.27 -0.05 28.12
C LEU I 34 -0.91 -1.03 28.24
N LEU I 35 -2.09 -0.58 27.87
CA LEU I 35 -3.22 -1.49 27.80
C LEU I 35 -2.98 -2.50 26.69
N SER I 36 -3.43 -3.73 26.89
CA SER I 36 -3.56 -4.71 25.82
C SER I 36 -4.98 -4.68 25.22
N LEU I 37 -5.17 -5.33 24.08
CA LEU I 37 -6.48 -5.43 23.46
C LEU I 37 -7.43 -6.07 24.45
N GLY I 38 -8.67 -5.60 24.47
CA GLY I 38 -9.64 -6.17 25.38
C GLY I 38 -10.73 -5.19 25.75
N VAL I 39 -11.17 -5.28 27.01
CA VAL I 39 -12.28 -4.49 27.51
C VAL I 39 -11.93 -3.93 28.88
N MSE I 40 -12.00 -2.62 29.00
CA MSE I 40 -11.73 -1.94 30.27
C MSE I 40 -13.01 -2.07 31.10
O MSE I 40 -14.09 -1.72 30.62
CB MSE I 40 -11.43 -0.47 30.01
CG MSE I 40 -11.20 0.38 31.24
SE MSE I 40 -9.47 -0.01 32.09
CE MSE I 40 -10.11 -0.39 33.92
H MSE I 40 -12.21 -2.08 28.36
HA MSE I 40 -10.97 -2.35 30.73
HB2 MSE I 40 -10.64 -0.41 29.46
HB3 MSE I 40 -12.19 -0.09 29.52
HG2 MSE I 40 -11.21 1.32 30.99
HG3 MSE I 40 -11.91 0.20 31.89
HE1 MSE I 40 -10.72 -1.13 33.90
HE2 MSE I 40 -9.36 -0.60 34.48
HE3 MSE I 40 -10.56 0.38 34.26
N GLU I 41 -12.90 -2.59 32.32
CA GLU I 41 -14.08 -2.83 33.16
C GLU I 41 -13.89 -2.38 34.62
N PHE I 42 -14.84 -1.57 35.10
CA PHE I 42 -14.84 -1.07 36.46
C PHE I 42 -16.01 -1.76 37.16
N THR I 43 -15.78 -2.22 38.39
CA THR I 43 -16.82 -2.84 39.22
C THR I 43 -17.02 -1.99 40.49
N LEU I 44 -18.24 -1.54 40.68
CA LEU I 44 -18.56 -0.68 41.82
C LEU I 44 -19.20 -1.53 42.92
N PRO I 45 -18.95 -1.19 44.18
CA PRO I 45 -19.55 -1.98 45.26
C PRO I 45 -20.99 -1.54 45.52
N SER I 46 -21.79 -2.38 46.18
CA SER I 46 -23.18 -2.02 46.46
C SER I 46 -23.14 -0.72 47.27
N GLY I 47 -24.00 0.21 46.90
CA GLY I 47 -23.94 1.55 47.46
C GLY I 47 -23.52 2.58 46.43
N PHE I 48 -22.84 2.15 45.37
CA PHE I 48 -22.46 3.03 44.27
C PHE I 48 -22.97 2.52 42.92
N THR I 49 -23.35 3.46 42.06
CA THR I 49 -23.82 3.11 40.72
C THR I 49 -23.43 4.18 39.76
N ALA I 50 -23.34 3.81 38.48
CA ALA I 50 -23.00 4.75 37.42
C ALA I 50 -24.22 4.97 36.55
N ASN I 51 -24.29 6.15 35.97
CA ASN I 51 -25.32 6.48 34.99
C ASN I 51 -24.69 7.37 33.93
N THR I 52 -25.49 7.78 32.95
CA THR I 52 -24.98 8.51 31.79
C THR I 52 -24.62 9.96 32.07
N LYS I 53 -24.76 10.41 33.31
CA LYS I 53 -24.26 11.73 33.72
C LYS I 53 -22.83 11.58 34.22
N ASP I 54 -22.41 10.36 34.48
CA ASP I 54 -21.02 10.10 34.85
C ASP I 54 -20.17 10.07 33.58
N THR I 55 -18.86 10.14 33.74
CA THR I 55 -18.00 10.28 32.58
C THR I 55 -16.79 9.37 32.70
N MSE I 56 -16.28 8.97 31.55
CA MSE I 56 -15.02 8.25 31.43
C MSE I 56 -14.08 9.11 30.58
O MSE I 56 -14.39 9.44 29.44
CB MSE I 56 -15.27 6.92 30.74
CG MSE I 56 -14.08 6.05 30.63
SE MSE I 56 -13.63 5.29 32.36
CE MSE I 56 -15.07 3.94 32.49
H MSE I 56 -16.67 9.09 30.78
HA MSE I 56 -14.64 8.09 32.32
HB2 MSE I 56 -15.95 6.43 31.25
HB3 MSE I 56 -15.59 7.09 29.85
HG2 MSE I 56 -14.26 5.33 30.00
HG3 MSE I 56 -13.33 6.58 30.31
HE1 MSE I 56 -14.99 3.33 31.76
HE2 MSE I 56 -14.97 3.46 33.33
HE3 MSE I 56 -15.92 4.38 32.47
N ASN I 57 -12.91 9.45 31.13
CA ASN I 57 -12.00 10.41 30.48
C ASN I 57 -12.73 11.61 29.87
N GLY I 58 -13.69 12.16 30.60
CA GLY I 58 -14.38 13.38 30.18
C GLY I 58 -15.55 13.19 29.22
N ASN I 59 -15.76 11.96 28.76
CA ASN I 59 -16.91 11.63 27.91
C ASN I 59 -18.03 10.99 28.74
N ALA I 60 -19.28 11.38 28.52
CA ALA I 60 -20.40 10.78 29.24
C ALA I 60 -20.49 9.29 28.92
N LEU I 61 -20.84 8.48 29.93
CA LEU I 61 -21.03 7.07 29.69
C LEU I 61 -22.25 6.85 28.81
N ARG I 62 -22.19 5.82 27.98
CA ARG I 62 -23.30 5.43 27.14
C ARG I 62 -24.03 4.29 27.83
N THR I 63 -25.32 4.16 27.52
CA THR I 63 -26.15 3.16 28.18
C THR I 63 -25.58 1.74 28.03
N THR I 64 -25.05 1.42 26.85
CA THR I 64 -24.50 0.09 26.60
C THR I 64 -23.23 -0.17 27.40
N GLN I 65 -22.66 0.90 27.96
CA GLN I 65 -21.46 0.78 28.76
C GLN I 65 -21.74 0.51 30.23
N ILE I 66 -23.00 0.60 30.62
CA ILE I 66 -23.37 0.42 32.02
C ILE I 66 -24.28 -0.80 32.15
N LEU I 67 -23.94 -1.72 33.04
CA LEU I 67 -24.83 -2.85 33.29
C LEU I 67 -24.75 -3.35 34.73
N ASN I 68 -25.37 -4.49 35.00
CA ASN I 68 -25.32 -5.06 36.35
C ASN I 68 -25.89 -4.05 37.35
N ASN I 69 -27.01 -3.46 36.97
CA ASN I 69 -27.74 -2.51 37.82
C ASN I 69 -26.87 -1.32 38.20
N GLY I 70 -26.17 -0.79 37.21
CA GLY I 70 -25.31 0.38 37.38
C GLY I 70 -23.98 0.13 38.07
N LYS I 71 -23.66 -1.12 38.38
CA LYS I 71 -22.43 -1.41 39.13
C LYS I 71 -21.23 -1.80 38.28
N THR I 72 -21.45 -2.03 36.99
CA THR I 72 -20.37 -2.40 36.07
C THR I 72 -20.28 -1.40 34.93
N VAL I 73 -19.08 -0.91 34.68
CA VAL I 73 -18.86 -0.01 33.56
C VAL I 73 -17.82 -0.67 32.66
N ARG I 74 -18.21 -0.87 31.40
CA ARG I 74 -17.45 -1.65 30.43
C ARG I 74 -17.20 -0.85 29.16
N VAL I 75 -15.94 -0.71 28.80
CA VAL I 75 -15.55 -0.02 27.56
C VAL I 75 -14.60 -0.89 26.75
N PRO I 76 -15.15 -1.54 25.72
CA PRO I 76 -14.31 -2.35 24.85
C PRO I 76 -13.32 -1.41 24.17
N LEU I 77 -12.07 -1.87 24.08
CA LEU I 77 -10.96 -1.02 23.70
C LEU I 77 -10.84 -0.95 22.18
N ALA I 78 -11.64 -0.07 21.58
CA ALA I 78 -11.43 0.34 20.19
C ALA I 78 -10.04 0.97 19.98
N LEU I 79 -9.62 1.05 18.74
CA LEU I 79 -8.25 1.47 18.44
C LEU I 79 -7.96 2.86 19.01
N ASP I 80 -8.97 3.73 19.00
CA ASP I 80 -8.74 5.11 19.42
C ASP I 80 -8.63 5.24 20.94
N LEU I 81 -8.90 4.16 21.66
CA LEU I 81 -8.83 4.18 23.14
C LEU I 81 -7.58 3.50 23.70
N LEU I 82 -6.95 2.63 22.91
CA LEU I 82 -5.92 1.73 23.41
C LEU I 82 -4.75 2.43 24.08
N GLY I 83 -4.36 3.59 23.55
CA GLY I 83 -3.14 4.24 23.96
C GLY I 83 -3.18 5.05 25.22
N ALA I 84 -4.36 5.11 25.83
CA ALA I 84 -4.58 6.01 26.93
C ALA I 84 -3.68 5.65 28.10
N GLY I 85 -3.08 6.67 28.71
CA GLY I 85 -2.26 6.49 29.89
C GLY I 85 -3.09 6.20 31.15
N GLU I 86 -4.35 6.63 31.14
CA GLU I 86 -5.25 6.33 32.26
C GLU I 86 -6.71 6.30 31.82
N PHE I 87 -7.52 5.56 32.58
CA PHE I 87 -8.97 5.62 32.44
C PHE I 87 -9.53 6.15 33.75
N MLY I 88 -10.08 7.35 33.67
CA MLY I 88 -10.63 8.04 34.83
CB MLY I 88 -10.10 9.49 34.90
CG MLY I 88 -10.71 10.29 36.06
CD MLY I 88 -10.16 11.74 36.18
CE MLY I 88 -8.69 11.76 36.53
NZ MLY I 88 -8.20 13.13 36.96
CH1 MLY I 88 -8.52 14.08 35.88
CH2 MLY I 88 -6.73 13.03 37.01
C MLY I 88 -12.17 8.05 34.80
O MLY I 88 -12.80 8.73 33.98
H MLY I 88 -10.15 7.79 32.94
HA MLY I 88 -10.34 7.58 35.64
HB2 MLY I 88 -9.02 9.48 35.00
HB3 MLY I 88 -10.34 9.95 34.07
HG2 MLY I 88 -11.80 10.33 35.94
HG3 MLY I 88 -10.50 9.83 36.89
HD2 MLY I 88 -10.30 12.25 35.22
HD3 MLY I 88 -10.65 12.21 36.87
HE2 MLY I 88 -8.51 11.06 37.35
HE3 MLY I 88 -8.18 11.49 35.76
HH11 MLY I 88 -6.44 12.27 37.73
HH12 MLY I 88 -6.35 12.76 36.03
HH13 MLY I 88 -6.31 13.99 37.30
HH21 MLY I 88 -8.11 13.71 34.93
HH22 MLY I 88 -9.59 14.19 35.78
HH23 MLY I 88 -8.07 15.05 36.10
N LEU I 89 -12.76 7.27 35.71
CA LEU I 89 -14.21 7.24 35.83
C LEU I 89 -14.64 8.27 36.89
N LYS I 90 -15.40 9.28 36.48
CA LYS I 90 -15.94 10.27 37.42
C LYS I 90 -17.39 9.96 37.76
N LEU I 91 -17.64 9.61 39.03
CA LEU I 91 -19.01 9.43 39.54
C LEU I 91 -19.43 10.76 40.13
N ASN I 92 -20.31 11.46 39.44
CA ASN I 92 -20.67 12.83 39.81
C ASN I 92 -21.98 12.97 40.60
N ASN I 93 -21.96 13.83 41.62
CA ASN I 93 -23.20 14.18 42.31
C ASN I 93 -23.93 12.94 42.84
N LYS I 94 -23.24 12.15 43.66
CA LYS I 94 -23.78 10.91 44.19
C LYS I 94 -24.16 11.04 45.67
N THR I 95 -25.11 10.21 46.12
CA THR I 95 -25.39 10.05 47.53
C THR I 95 -24.48 8.98 48.15
N LEU I 96 -23.59 9.38 49.06
CA LEU I 96 -22.73 8.40 49.68
C LEU I 96 -23.56 7.44 50.53
N PRO I 97 -23.25 6.13 50.47
CA PRO I 97 -24.00 5.12 51.22
C PRO I 97 -23.63 5.07 52.71
N ALA I 98 -24.24 4.12 53.43
CA ALA I 98 -23.95 3.94 54.86
C ALA I 98 -22.44 3.91 55.13
N ALA I 99 -22.06 4.34 56.34
CA ALA I 99 -20.66 4.38 56.70
C ALA I 99 -20.02 3.00 56.67
N GLY I 100 -18.76 2.98 56.23
CA GLY I 100 -18.01 1.76 56.07
C GLY I 100 -16.90 1.93 55.01
N THR I 101 -16.12 0.89 54.80
CA THR I 101 -15.13 0.91 53.74
C THR I 101 -15.75 0.24 52.50
N TYR I 102 -15.54 0.87 51.34
CA TYR I 102 -16.08 0.39 50.07
C TYR I 102 -14.96 0.19 49.06
N THR I 103 -14.91 -1.01 48.48
CA THR I 103 -13.84 -1.39 47.57
C THR I 103 -14.29 -1.41 46.11
N PHE I 104 -13.50 -0.73 45.28
CA PHE I 104 -13.72 -0.67 43.84
C PHE I 104 -12.67 -1.51 43.15
N ARG I 105 -13.05 -2.10 42.01
CA ARG I 105 -12.20 -2.98 41.24
C ARG I 105 -12.18 -2.50 39.79
N ALA I 106 -11.08 -2.76 39.12
CA ALA I 106 -10.96 -2.38 37.72
C ALA I 106 -9.93 -3.29 37.11
N GLU I 107 -10.21 -3.76 35.90
CA GLU I 107 -9.27 -4.60 35.19
C GLU I 107 -9.46 -4.46 33.70
N ASN I 108 -8.40 -4.79 32.98
CA ASN I 108 -8.47 -4.89 31.53
C ASN I 108 -8.71 -6.34 31.16
N LYS I 109 -9.95 -6.69 30.84
CA LYS I 109 -10.28 -8.05 30.43
C LYS I 109 -9.67 -8.33 29.07
N SER I 110 -8.78 -9.30 29.00
CA SER I 110 -8.14 -9.70 27.75
C SER I 110 -8.15 -11.23 27.59
N LEU I 111 -7.92 -11.68 26.35
CA LEU I 111 -7.69 -13.08 26.07
C LEU I 111 -6.18 -13.37 26.02
N SER I 112 -5.49 -13.07 27.11
CA SER I 112 -4.06 -13.32 27.20
C SER I 112 -3.80 -14.45 28.18
N TYR I 118 -5.84 -6.98 37.11
CA TYR I 118 -6.78 -6.67 38.19
C TYR I 118 -6.17 -5.70 39.20
N ALA I 119 -6.91 -4.64 39.55
CA ALA I 119 -6.46 -3.67 40.56
C ALA I 119 -7.62 -3.27 41.47
N GLU I 120 -7.29 -2.74 42.65
CA GLU I 120 -8.25 -2.41 43.71
C GLU I 120 -7.89 -1.17 44.48
N ALA I 121 -8.90 -0.48 44.98
CA ALA I 121 -8.68 0.64 45.88
C ALA I 121 -9.97 0.89 46.65
N SER I 122 -9.83 1.39 47.89
CA SER I 122 -10.99 1.56 48.78
C SER I 122 -11.17 3.00 49.18
N ILE I 123 -12.40 3.36 49.55
CA ILE I 123 -12.68 4.62 50.21
C ILE I 123 -13.39 4.42 51.56
N ASP I 124 -13.19 5.37 52.47
CA ASP I 124 -13.86 5.37 53.77
C ASP I 124 -15.02 6.37 53.73
N VAL I 125 -16.24 5.88 53.93
CA VAL I 125 -17.38 6.79 54.07
C VAL I 125 -17.63 7.02 55.57
N ALA I 126 -17.62 8.28 56.00
CA ALA I 126 -17.62 8.57 57.43
C ALA I 126 -19.01 8.54 58.06
N LYS I 127 -19.10 7.95 59.25
CA LYS I 127 -20.27 8.06 60.13
C LYS I 127 -20.62 9.50 60.43
N ARG I 128 -21.88 9.85 60.28
CA ARG I 128 -22.37 11.17 60.65
C ARG I 128 -22.79 11.20 62.12
N SER J 5 17.29 -19.36 -27.51
CA SER J 5 18.07 -18.31 -28.14
C SER J 5 17.15 -17.44 -28.98
N ALA J 6 17.52 -16.18 -29.12
CA ALA J 6 16.74 -15.22 -29.91
C ALA J 6 16.81 -15.57 -31.39
N SER J 7 15.80 -15.13 -32.13
CA SER J 7 15.78 -15.25 -33.58
C SER J 7 15.58 -13.87 -34.25
N LEU J 8 16.17 -13.73 -35.42
CA LEU J 8 15.93 -12.59 -36.30
C LEU J 8 15.66 -13.12 -37.69
N PHE J 9 14.58 -12.64 -38.28
CA PHE J 9 14.26 -12.95 -39.67
C PHE J 9 14.43 -11.67 -40.47
N ALA J 10 15.11 -11.77 -41.62
CA ALA J 10 15.25 -10.63 -42.50
C ALA J 10 14.75 -11.01 -43.89
N THR J 11 13.83 -10.23 -44.44
N THR J 11 13.86 -10.18 -44.42
CA THR J 11 13.26 -10.57 -45.75
CA THR J 11 13.21 -10.46 -45.68
C THR J 11 12.85 -9.36 -46.58
C THR J 11 13.05 -9.20 -46.53
N ILE J 12 13.34 -9.32 -47.82
CA ILE J 12 12.95 -8.29 -48.76
C ILE J 12 11.50 -8.58 -49.15
N THR J 13 10.59 -7.68 -48.79
CA THR J 13 9.16 -7.91 -48.99
C THR J 13 8.57 -7.15 -50.17
N GLY J 14 9.32 -6.22 -50.74
CA GLY J 14 8.85 -5.53 -51.93
C GLY J 14 8.96 -6.44 -53.13
N ALA J 15 8.26 -6.13 -54.22
CA ALA J 15 8.33 -6.96 -55.41
C ALA J 15 9.76 -7.20 -55.90
N SER J 16 10.62 -6.17 -55.81
CA SER J 16 11.98 -6.27 -56.34
C SER J 16 13.06 -6.62 -55.32
N MLY J 17 13.97 -7.48 -55.71
CA MLY J 17 15.12 -7.83 -54.91
CB MLY J 17 15.18 -9.35 -54.71
CG MLY J 17 14.21 -9.91 -53.69
CD MLY J 17 12.77 -10.08 -54.23
CE MLY J 17 11.99 -11.06 -53.32
NZ MLY J 17 10.50 -11.22 -53.54
CH1 MLY J 17 10.13 -10.92 -54.94
CH2 MLY J 17 9.79 -10.23 -52.70
C MLY J 17 16.42 -7.36 -55.58
O MLY J 17 17.52 -7.75 -55.16
H MLY J 17 13.94 -7.90 -56.47
HA MLY J 17 15.05 -7.41 -54.03
HB2 MLY J 17 15.01 -9.83 -55.67
HB3 MLY J 17 16.08 -9.58 -54.41
HG2 MLY J 17 14.57 -10.88 -53.35
HG3 MLY J 17 14.16 -9.30 -52.94
HD2 MLY J 17 12.27 -9.12 -54.25
HD3 MLY J 17 12.81 -10.45 -55.13
HE2 MLY J 17 12.44 -12.05 -53.41
HE3 MLY J 17 12.10 -10.77 -52.40
HH11 MLY J 17 10.02 -10.42 -51.65
HH12 MLY J 17 10.12 -9.23 -52.97
HH13 MLY J 17 8.72 -10.33 -52.85
HH21 MLY J 17 10.52 -9.95 -55.21
HH22 MLY J 17 10.56 -11.68 -55.60
HH23 MLY J 17 9.04 -10.94 -55.04
N THR J 18 16.31 -6.56 -56.62
CA THR J 18 17.50 -6.23 -57.43
C THR J 18 18.19 -4.94 -57.01
N GLU J 19 19.53 -4.99 -57.05
CA GLU J 19 20.38 -3.85 -56.73
C GLU J 19 19.80 -2.56 -57.32
N TRP J 20 19.86 -1.47 -56.54
CA TRP J 20 19.39 -0.14 -56.97
C TRP J 20 17.91 -0.02 -57.35
N SER J 21 17.13 -1.07 -57.12
CA SER J 21 15.69 -0.94 -57.30
C SER J 21 15.03 -0.46 -56.01
N PHE J 22 13.76 -0.07 -56.15
CA PHE J 22 12.89 0.43 -55.09
C PHE J 22 12.17 -0.74 -54.41
N SER J 23 12.36 -0.94 -53.09
CA SER J 23 11.75 -2.09 -52.42
C SER J 23 11.46 -1.85 -50.92
N ASP J 24 11.12 -2.93 -50.19
CA ASP J 24 10.82 -2.89 -48.75
C ASP J 24 11.53 -4.06 -48.05
N ILE J 25 12.05 -3.82 -46.85
CA ILE J 25 12.67 -4.86 -46.04
C ILE J 25 11.93 -4.99 -44.73
N GLU J 26 11.84 -6.22 -44.24
CA GLU J 26 11.19 -6.49 -42.95
C GLU J 26 12.14 -7.26 -42.04
N LEU J 27 12.39 -6.72 -40.85
CA LEU J 27 13.26 -7.36 -39.86
C LEU J 27 12.47 -7.69 -38.58
N THR J 28 12.32 -8.98 -38.31
CA THR J 28 11.46 -9.44 -37.20
C THR J 28 12.35 -10.14 -36.15
N TYR J 29 12.48 -9.51 -34.99
CA TYR J 29 13.25 -10.06 -33.90
C TYR J 29 12.34 -10.69 -32.86
N ARG J 30 12.69 -11.92 -32.46
CA ARG J 30 11.95 -12.66 -31.45
C ARG J 30 12.88 -13.17 -30.39
N PRO J 31 12.78 -12.61 -29.18
CA PRO J 31 13.73 -13.05 -28.16
C PRO J 31 13.54 -14.53 -27.76
N ASN J 32 12.32 -15.05 -27.87
CA ASN J 32 12.06 -16.45 -27.55
C ASN J 32 12.25 -16.82 -26.08
N THR J 33 12.85 -15.91 -25.33
CA THR J 33 12.77 -15.88 -23.89
C THR J 33 12.25 -14.47 -23.64
N LEU J 34 12.01 -14.13 -22.39
CA LEU J 34 11.62 -12.76 -22.06
C LEU J 34 12.80 -11.82 -22.18
N LEU J 35 12.55 -10.62 -22.68
CA LEU J 35 13.55 -9.55 -22.63
C LEU J 35 13.84 -9.17 -21.16
N SER J 36 15.07 -8.82 -20.86
CA SER J 36 15.33 -8.17 -19.61
C SER J 36 15.47 -6.65 -19.81
N LEU J 37 15.65 -5.92 -18.73
CA LEU J 37 15.77 -4.48 -18.78
C LEU J 37 16.90 -4.13 -19.71
N GLY J 38 16.79 -3.00 -20.38
CA GLY J 38 17.80 -2.59 -21.35
C GLY J 38 17.22 -1.85 -22.53
N VAL J 39 17.83 -2.05 -23.68
CA VAL J 39 17.52 -1.27 -24.87
C VAL J 39 17.66 -2.18 -26.06
N MSE J 40 16.54 -2.46 -26.70
CA MSE J 40 16.51 -3.22 -27.94
C MSE J 40 17.22 -2.44 -29.05
O MSE J 40 16.93 -1.25 -29.28
CB MSE J 40 15.06 -3.45 -28.30
CG MSE J 40 14.84 -3.90 -29.72
SE MSE J 40 14.82 -5.82 -29.82
CE MSE J 40 15.91 -6.30 -28.24
H MSE J 40 15.76 -2.22 -26.42
HA MSE J 40 16.95 -4.09 -27.80
HB2 MSE J 40 14.69 -4.15 -27.72
HB3 MSE J 40 14.56 -2.63 -28.17
HG2 MSE J 40 14.00 -3.57 -30.05
HG3 MSE J 40 15.57 -3.58 -30.28
HE1 MSE J 40 15.49 -5.94 -27.45
HE2 MSE J 40 15.97 -7.25 -28.18
HE3 MSE J 40 16.78 -5.92 -28.34
N GLU J 41 18.17 -3.08 -29.73
CA GLU J 41 18.98 -2.41 -30.73
C GLU J 41 19.10 -3.25 -31.99
N PHE J 42 18.68 -2.68 -33.12
CA PHE J 42 18.91 -3.24 -34.44
C PHE J 42 20.14 -2.57 -35.05
N THR J 43 21.00 -3.38 -35.67
CA THR J 43 22.09 -2.87 -36.49
C THR J 43 21.88 -3.23 -37.96
N LEU J 44 21.83 -2.20 -38.79
CA LEU J 44 21.71 -2.36 -40.23
C LEU J 44 23.14 -2.35 -40.84
N PRO J 45 23.37 -3.17 -41.85
CA PRO J 45 24.68 -3.16 -42.51
C PRO J 45 24.80 -1.96 -43.44
N SER J 46 26.04 -1.53 -43.68
CA SER J 46 26.28 -0.39 -44.56
C SER J 46 25.56 -0.66 -45.88
N GLY J 47 24.80 0.32 -46.34
CA GLY J 47 23.98 0.20 -47.52
C GLY J 47 22.49 0.25 -47.21
N PHE J 48 22.15 0.09 -45.93
CA PHE J 48 20.76 0.26 -45.47
C PHE J 48 20.71 1.30 -44.36
N THR J 49 19.65 2.10 -44.36
CA THR J 49 19.42 3.10 -43.30
C THR J 49 17.94 3.17 -42.97
N ALA J 50 17.63 3.65 -41.77
CA ALA J 50 16.25 3.87 -41.36
C ALA J 50 15.98 5.36 -41.25
N ASN J 51 14.72 5.74 -41.40
CA ASN J 51 14.29 7.09 -41.13
C ASN J 51 12.94 7.11 -40.44
N THR J 52 12.42 8.31 -40.19
CA THR J 52 11.25 8.43 -39.32
C THR J 52 9.95 8.06 -39.99
N LYS J 53 10.02 7.62 -41.24
CA LYS J 53 8.84 7.05 -41.91
C LYS J 53 8.80 5.51 -41.80
N ASP J 54 9.94 4.91 -41.45
CA ASP J 54 9.95 3.49 -41.13
C ASP J 54 9.23 3.25 -39.79
N THR J 55 8.87 1.99 -39.50
CA THR J 55 8.06 1.71 -38.30
C THR J 55 8.59 0.55 -37.49
N MSE J 56 8.24 0.56 -36.21
CA MSE J 56 8.59 -0.48 -35.25
C MSE J 56 7.29 -0.90 -34.60
O MSE J 56 6.63 -0.09 -33.97
CB MSE J 56 9.53 0.07 -34.19
CG MSE J 56 9.91 -0.96 -33.16
SE MSE J 56 11.17 -2.20 -33.94
CE MSE J 56 12.74 -0.99 -34.10
H MSE J 56 7.77 1.19 -35.86
HA MSE J 56 9.00 -1.23 -35.71
HB2 MSE J 56 10.34 0.38 -34.63
HB3 MSE J 56 9.10 0.81 -33.73
HG2 MSE J 56 10.34 -0.52 -32.40
HG3 MSE J 56 9.12 -1.45 -32.88
HE1 MSE J 56 12.98 -0.68 -33.23
HE2 MSE J 56 13.47 -1.49 -34.48
HE3 MSE J 56 12.51 -0.25 -34.66
N ASN J 57 6.94 -2.16 -34.77
CA ASN J 57 5.66 -2.69 -34.34
C ASN J 57 4.48 -1.79 -34.72
N GLY J 58 4.51 -1.25 -35.94
CA GLY J 58 3.43 -0.42 -36.43
C GLY J 58 3.54 1.06 -36.09
N ASN J 59 4.53 1.43 -35.27
CA ASN J 59 4.74 2.82 -34.90
C ASN J 59 5.93 3.46 -35.60
N ALA J 60 5.72 4.66 -36.13
CA ALA J 60 6.79 5.45 -36.75
C ALA J 60 7.98 5.58 -35.81
N LEU J 61 9.18 5.45 -36.36
CA LEU J 61 10.39 5.61 -35.59
C LEU J 61 10.48 7.06 -35.20
N ARG J 62 10.99 7.32 -34.01
CA ARG J 62 11.28 8.69 -33.59
C ARG J 62 12.74 8.96 -33.90
N THR J 63 13.05 10.23 -34.12
CA THR J 63 14.40 10.66 -34.46
C THR J 63 15.40 10.25 -33.38
N THR J 64 14.96 10.26 -32.12
CA THR J 64 15.81 9.83 -31.01
C THR J 64 16.13 8.34 -31.06
N GLN J 65 15.40 7.58 -31.87
CA GLN J 65 15.64 6.13 -31.93
C GLN J 65 16.60 5.73 -33.04
N ILE J 66 17.05 6.71 -33.83
CA ILE J 66 17.90 6.43 -34.98
C ILE J 66 19.24 7.14 -34.84
N LEU J 67 20.34 6.40 -34.93
CA LEU J 67 21.65 7.05 -34.93
C LEU J 67 22.67 6.25 -35.76
N ASN J 68 23.96 6.58 -35.60
CA ASN J 68 25.00 5.88 -36.34
C ASN J 68 24.71 5.98 -37.84
N ASN J 69 24.41 7.20 -38.27
CA ASN J 69 24.21 7.50 -39.68
C ASN J 69 23.10 6.62 -40.23
N GLY J 70 22.03 6.50 -39.46
CA GLY J 70 20.86 5.76 -39.90
C GLY J 70 20.94 4.24 -39.82
N LYS J 71 22.06 3.71 -39.33
CA LYS J 71 22.28 2.26 -39.32
C LYS J 71 21.90 1.60 -38.00
N THR J 72 21.61 2.40 -36.98
CA THR J 72 21.25 1.86 -35.69
C THR J 72 19.88 2.36 -35.28
N VAL J 73 19.02 1.43 -34.90
CA VAL J 73 17.70 1.76 -34.37
C VAL J 73 17.59 1.18 -32.97
N ARG J 74 17.31 2.05 -32.00
CA ARG J 74 17.24 1.70 -30.60
C ARG J 74 15.85 1.90 -30.06
N VAL J 75 15.43 0.97 -29.20
CA VAL J 75 14.18 1.12 -28.50
C VAL J 75 14.42 0.79 -27.03
N PRO J 76 14.65 1.83 -26.20
CA PRO J 76 14.80 1.60 -24.77
C PRO J 76 13.54 0.94 -24.26
N LEU J 77 13.71 -0.07 -23.41
CA LEU J 77 12.61 -0.90 -23.00
C LEU J 77 11.88 -0.31 -21.77
N ALA J 78 10.98 0.63 -22.05
CA ALA J 78 10.03 1.14 -21.06
C ALA J 78 9.15 -0.02 -20.59
N LEU J 79 8.50 0.16 -19.44
CA LEU J 79 7.73 -0.93 -18.84
C LEU J 79 6.67 -1.50 -19.78
N ASP J 80 6.08 -0.66 -20.61
CA ASP J 80 5.02 -1.11 -21.49
C ASP J 80 5.51 -1.90 -22.72
N LEU J 81 6.83 -1.91 -22.95
CA LEU J 81 7.42 -2.62 -24.09
C LEU J 81 8.06 -3.94 -23.66
N LEU J 82 8.36 -4.07 -22.37
CA LEU J 82 9.19 -5.18 -21.89
C LEU J 82 8.70 -6.56 -22.23
N GLY J 83 7.38 -6.73 -22.19
CA GLY J 83 6.80 -8.04 -22.37
C GLY J 83 6.53 -8.42 -23.80
N ALA J 84 6.92 -7.59 -24.76
CA ALA J 84 6.62 -7.91 -26.16
C ALA J 84 7.27 -9.23 -26.59
N GLY J 85 6.51 -10.04 -27.34
CA GLY J 85 7.07 -11.27 -27.90
C GLY J 85 7.88 -11.02 -29.18
N GLU J 86 7.77 -9.82 -29.75
CA GLU J 86 8.33 -9.56 -31.06
C GLU J 86 8.55 -8.07 -31.34
N PHE J 87 9.64 -7.79 -32.05
CA PHE J 87 9.94 -6.43 -32.50
C PHE J 87 10.13 -6.50 -34.01
N MLY J 88 9.21 -5.87 -34.74
CA MLY J 88 9.19 -5.93 -36.19
CB MLY J 88 7.81 -6.41 -36.66
CG MLY J 88 7.60 -6.35 -38.18
CD MLY J 88 6.25 -6.92 -38.57
CE MLY J 88 6.32 -8.44 -38.65
NZ MLY J 88 5.05 -9.10 -39.08
CH1 MLY J 88 3.92 -8.44 -38.40
CH2 MLY J 88 5.14 -10.47 -38.55
C MLY J 88 9.49 -4.55 -36.78
O MLY J 88 8.69 -3.62 -36.68
H MLY J 88 8.58 -5.40 -34.40
HA MLY J 88 9.87 -6.56 -36.51
HB2 MLY J 88 7.68 -7.44 -36.34
HB3 MLY J 88 7.13 -5.85 -36.25
HG2 MLY J 88 7.68 -5.31 -38.51
HG3 MLY J 88 8.29 -6.87 -38.61
HD2 MLY J 88 5.50 -6.62 -37.84
HD3 MLY J 88 6.00 -6.58 -39.44
HE2 MLY J 88 7.12 -8.71 -39.33
HE3 MLY J 88 6.54 -8.77 -37.76
HH11 MLY J 88 6.02 -10.95 -38.97
HH12 MLY J 88 5.23 -10.44 -37.47
HH13 MLY J 88 4.25 -11.03 -38.83
HH21 MLY J 88 4.10 -8.44 -37.33
HH22 MLY J 88 3.83 -7.41 -38.75
HH23 MLY J 88 3.00 -8.99 -38.62
N LEU J 89 10.66 -4.45 -37.39
CA LEU J 89 11.12 -3.22 -37.99
C LEU J 89 10.83 -3.26 -39.49
N LYS J 90 10.01 -2.34 -39.96
CA LYS J 90 9.71 -2.21 -41.38
C LYS J 90 10.48 -1.06 -42.02
N LEU J 91 11.36 -1.42 -42.94
CA LEU J 91 12.11 -0.44 -43.72
C LEU J 91 11.38 -0.28 -45.05
N ASN J 92 10.71 0.85 -45.19
CA ASN J 92 9.83 1.09 -46.34
C ASN J 92 10.44 1.98 -47.43
N ASN J 93 10.10 1.68 -48.68
CA ASN J 93 10.47 2.52 -49.82
C ASN J 93 11.94 2.85 -49.85
N LYS J 94 12.76 1.81 -49.86
CA LYS J 94 14.20 1.95 -49.86
C LYS J 94 14.72 1.70 -51.26
N THR J 95 15.82 2.36 -51.58
CA THR J 95 16.64 1.98 -52.72
C THR J 95 17.63 0.96 -52.26
N LEU J 96 17.53 -0.26 -52.80
CA LEU J 96 18.46 -1.32 -52.45
C LEU J 96 19.89 -1.01 -52.92
N PRO J 97 20.88 -1.40 -52.12
CA PRO J 97 22.30 -1.16 -52.42
C PRO J 97 22.84 -2.13 -53.47
N ALA J 98 24.17 -2.17 -53.64
CA ALA J 98 24.81 -3.01 -54.64
C ALA J 98 24.63 -4.49 -54.31
N ALA J 99 24.66 -5.33 -55.35
CA ALA J 99 24.42 -6.76 -55.19
C ALA J 99 25.37 -7.36 -54.16
N GLY J 100 24.86 -8.32 -53.40
CA GLY J 100 25.69 -8.97 -52.41
C GLY J 100 24.84 -9.50 -51.28
N THR J 101 25.52 -10.00 -50.25
CA THR J 101 24.83 -10.50 -49.07
C THR J 101 24.98 -9.48 -47.95
N TYR J 102 23.87 -9.17 -47.30
CA TYR J 102 23.86 -8.16 -46.24
C TYR J 102 23.31 -8.78 -44.96
N THR J 103 24.06 -8.63 -43.87
CA THR J 103 23.72 -9.22 -42.61
C THR J 103 23.19 -8.19 -41.63
N PHE J 104 21.98 -8.44 -41.14
CA PHE J 104 21.35 -7.61 -40.12
C PHE J 104 21.49 -8.27 -38.74
N ARG J 105 21.58 -7.45 -37.70
CA ARG J 105 21.79 -7.92 -36.35
C ARG J 105 20.85 -7.21 -35.37
N ALA J 106 20.49 -7.91 -34.31
CA ALA J 106 19.64 -7.31 -33.28
C ALA J 106 19.98 -7.91 -31.93
N GLU J 107 19.97 -7.08 -30.90
CA GLU J 107 20.21 -7.57 -29.56
C GLU J 107 19.61 -6.69 -28.48
N ASN J 108 19.52 -7.27 -27.29
CA ASN J 108 19.02 -6.61 -26.08
C ASN J 108 20.22 -6.16 -25.28
N LYS J 109 20.53 -4.89 -25.35
CA LYS J 109 21.70 -4.36 -24.67
C LYS J 109 21.34 -4.02 -23.22
N SER J 110 22.12 -4.54 -22.28
CA SER J 110 21.92 -4.20 -20.88
C SER J 110 23.25 -4.06 -20.15
N PHE J 117 20.66 -10.45 -26.11
CA PHE J 117 20.10 -11.70 -26.65
C PHE J 117 20.27 -11.71 -28.18
N TYR J 118 21.52 -11.91 -28.59
CA TYR J 118 21.94 -11.63 -29.95
C TYR J 118 21.32 -12.55 -30.99
N ALA J 119 20.98 -11.96 -32.13
CA ALA J 119 20.49 -12.71 -33.29
C ALA J 119 20.94 -12.00 -34.57
N GLU J 120 21.11 -12.78 -35.64
CA GLU J 120 21.47 -12.21 -36.94
C GLU J 120 20.77 -12.94 -38.08
N ALA J 121 20.61 -12.21 -39.18
CA ALA J 121 19.99 -12.75 -40.39
C ALA J 121 20.47 -11.95 -41.60
N SER J 122 20.50 -12.60 -42.77
CA SER J 122 20.97 -11.93 -43.97
C SER J 122 19.93 -11.94 -45.07
N ILE J 123 20.07 -11.00 -46.00
CA ILE J 123 19.32 -11.02 -47.25
C ILE J 123 20.32 -10.94 -48.42
N ASP J 124 19.83 -11.30 -49.60
CA ASP J 124 20.67 -11.36 -50.78
C ASP J 124 20.07 -10.37 -51.74
N VAL J 125 20.89 -9.41 -52.15
CA VAL J 125 20.43 -8.42 -53.12
C VAL J 125 20.95 -8.84 -54.49
N ALA J 126 20.04 -8.93 -55.44
CA ALA J 126 20.34 -9.55 -56.74
C ALA J 126 21.07 -8.60 -57.68
N LYS J 127 21.93 -9.17 -58.52
CA LYS J 127 22.57 -8.41 -59.61
C LYS J 127 21.52 -8.03 -60.67
N ARG J 128 21.71 -6.91 -61.35
CA ARG J 128 20.80 -6.54 -62.43
C ARG J 128 21.03 -7.42 -63.66
C1 GOL K . 9.69 -12.51 -9.91
O1 GOL K . 9.29 -11.25 -10.43
C2 GOL K . 9.52 -13.65 -10.89
O2 GOL K . 10.34 -13.49 -12.03
C3 GOL K . 8.06 -13.81 -11.30
O3 GOL K . 8.02 -14.99 -12.07
H11 GOL K . 7.74 -12.95 -11.89
H12 GOL K . 7.43 -13.89 -10.43
HO1 GOL K . 7.08 -15.18 -12.31
H2 GOL K . 9.82 -14.55 -10.37
HO2 GOL K . 10.11 -12.66 -12.49
H31 GOL K . 9.12 -12.72 -9.02
H32 GOL K . 10.74 -12.44 -9.62
HO3 GOL K . 9.99 -10.91 -11.03
CL CL L . 2.13 -12.54 -2.29
C1 GOL M . 5.45 -3.83 17.38
O1 GOL M . 4.13 -3.37 17.09
C2 GOL M . 6.07 -3.25 18.64
O2 GOL M . 5.31 -3.47 19.81
C3 GOL M . 6.27 -1.76 18.47
O3 GOL M . 6.98 -1.32 19.60
H11 GOL M . 5.30 -1.26 18.41
H12 GOL M . 6.84 -1.56 17.55
HO1 GOL M . 7.19 -0.36 19.50
H2 GOL M . 7.06 -3.70 18.76
HO2 GOL M . 4.42 -3.08 19.71
H31 GOL M . 6.09 -3.61 16.53
H32 GOL M . 5.43 -4.92 17.48
HO3 GOL M . 3.63 -3.27 17.92
CL CL N . 9.92 -0.50 8.29
CL CL O . -38.83 15.03 3.83
CL CL P . -12.75 13.32 -5.77
C1 GOL Q . -17.01 4.64 8.72
O1 GOL Q . -18.15 4.28 9.47
C2 GOL Q . -16.27 5.74 9.44
O2 GOL Q . -17.04 6.56 10.27
C3 GOL Q . -15.42 6.55 8.51
O3 GOL Q . -14.15 6.11 8.96
H11 GOL Q . -15.56 7.62 8.66
H12 GOL Q . -15.59 6.28 7.48
HO1 GOL Q . -13.46 6.51 8.40
H2 GOL Q . -15.57 5.23 10.09
HO2 GOL Q . -17.74 7.00 9.75
H31 GOL Q . -17.32 4.98 7.73
H32 GOL Q . -16.36 3.78 8.59
HO3 GOL Q . -18.58 5.08 9.82
CL CL R . -12.87 1.36 -0.81
CL CL S . -21.11 -22.52 14.75
C1 GOL T . 0.16 9.98 -16.14
O1 GOL T . 0.78 8.74 -15.84
C2 GOL T . 1.09 10.87 -16.95
O2 GOL T . 1.43 10.25 -18.16
C3 GOL T . 2.38 11.05 -16.17
O3 GOL T . 3.22 11.92 -16.93
H11 GOL T . 2.88 10.09 -16.02
H12 GOL T . 2.17 11.49 -15.19
HO1 GOL T . 4.04 12.11 -16.42
H2 GOL T . 0.63 11.84 -17.12
HO2 GOL T . 1.86 9.39 -17.98
H31 GOL T . -0.10 10.49 -15.22
H32 GOL T . -0.75 9.80 -16.71
HO3 GOL T . 0.68 8.13 -16.60
C1 GOL U . 15.47 4.10 -9.25
O1 GOL U . 15.04 4.34 -10.59
C2 GOL U . 15.97 5.36 -8.49
O2 GOL U . 16.69 4.96 -7.34
C3 GOL U . 14.91 6.34 -7.99
O3 GOL U . 15.38 7.06 -6.82
H11 GOL U . 14.00 5.80 -7.75
H12 GOL U . 14.67 7.06 -8.78
HO1 GOL U . 14.71 7.73 -6.56
H2 GOL U . 16.65 5.89 -9.16
HO2 GOL U . 16.10 4.43 -6.75
H31 GOL U . 16.26 3.36 -9.27
H32 GOL U . 14.63 3.67 -8.70
HO3 GOL U . 14.89 3.47 -11.04
CL CL V . 0.64 11.84 -5.45
CL CL W . 2.60 19.70 -29.30
CL CL X . -23.75 2.89 21.92
CL CL Y . -26.39 0.66 52.08
C1 GOL Z . 24.76 -7.41 -18.58
O1 GOL Z . 25.01 -8.68 -19.13
C2 GOL Z . 24.20 -7.62 -17.19
O2 GOL Z . 23.24 -8.64 -17.22
C3 GOL Z . 23.59 -6.33 -16.66
O3 GOL Z . 23.79 -6.24 -15.27
H11 GOL Z . 22.52 -6.30 -16.88
H12 GOL Z . 24.06 -5.47 -17.14
HO1 GOL Z . 23.45 -5.38 -14.94
H2 GOL Z . 25.02 -7.91 -16.52
HO2 GOL Z . 22.52 -8.40 -17.84
H31 GOL Z . 24.05 -6.86 -19.20
H32 GOL Z . 25.69 -6.83 -18.53
HO3 GOL Z . 24.89 -8.64 -20.10
#